data_6X3U
#
_entry.id   6X3U
#
_cell.length_a   1.00
_cell.length_b   1.00
_cell.length_c   1.00
_cell.angle_alpha   90.00
_cell.angle_beta   90.00
_cell.angle_gamma   90.00
#
_symmetry.space_group_name_H-M   'P 1'
#
loop_
_entity.id
_entity.type
_entity.pdbx_description
1 polymer 'Gamma-aminobutyric acid receptor subunit beta-2'
2 polymer 'Gamma-aminobutyric acid receptor subunit alpha-1'
3 polymer 'Gamma-aminobutyric acid receptor subunit gamma-2'
4 polymer 'Kappa Fab Light Chain'
5 polymer 'IgG2b Fab Heavy Chain'
6 branched beta-D-mannopyranose-(1-4)-2-acetamido-2-deoxy-beta-D-glucopyranose-(1-4)-2-acetamido-2-deoxy-beta-D-glucopyranose
7 branched alpha-D-mannopyranose-(1-2)-alpha-D-mannopyranose-(1-2)-alpha-D-mannopyranose-(1-3)-[alpha-D-mannopyranose-(1-2)-alpha-D-mannopyranose-(1-6)-[alpha-D-mannopyranose-(1-3)]alpha-D-mannopyranose-(1-6)]beta-D-mannopyranose-(1-4)-2-acetamido-2-deoxy-beta-D-glucopyranose-(1-4)-2-acetamido-2-deoxy-beta-D-glucopyranose
8 branched 2-acetamido-2-deoxy-beta-D-glucopyranose-(1-4)-2-acetamido-2-deoxy-beta-D-glucopyranose
9 non-polymer 2-acetamido-2-deoxy-beta-D-glucopyranose
10 non-polymer 'GAMMA-AMINO-BUTANOIC ACID'
11 non-polymer 'ethyl 8-fluoro-5-methyl-6-oxo-5,6-dihydro-4H-imidazo[1,5-a][1,4]benzodiazepine-3-carboxylate'
#
loop_
_entity_poly.entity_id
_entity_poly.type
_entity_poly.pdbx_seq_one_letter_code
_entity_poly.pdbx_strand_id
1 'polypeptide(L)'
;QSVNDPSNMSLVKETVDRLLKGYDIRLRPDFGGPPVAVGMNIDIASIDMVSEVNMDYTLTMYFQQAWRDKRLSYNVIPLN
LTLDNRVADQLWVPDTYFLNDKKSFVHGVTVKNRMIRLHPDGTVLYGLRITTTAACMMDLRRYPLDEQNCTLEIESYGYT
TDDIEFYWRGDDNAVTGVTKIELPQFSIVDYKLITKKVVFSTGSYPRLSLSFKLKRNIGYFILQTYMPSILITILSWVSF
WINYDASAARVALGITTVLTMTTINTHLRETLPKIPYVKAIDMYLMGCFVFVFMALLEYALVNYIFFSQPARAAAIDRWS
RIFFPVVFSFFNIVYWLYYVNVDGSGATNFSLLKQAGDVEENPG
;
A,C
2 'polypeptide(L)'
;QPSLQDELKDNTTVFTRILDRLLDGYDNRLRPGLGERVTEVKTDIFVTSFGPVSDHDMEYTIDVFFRQSWKDERLKFKGP
MTVLRLNNLMASKIWTPDTFFHNGKKSVAHNMTMPNKLLRITEDGTLLYTMRLTVRAECPMHLEDFPMDAHACPLKFGSY
AYTRAEVVYEWTREPARSVVVAEDGSRLNQYDLLGQTVDSGIVQSSTGEYVVMTTHFHLKRKIGYFVIQTYLPCIMTVIL
SQVSFWLNRESVPARTVFGVTTVLTMTTLSISARNSLPKVAYATAMDWFIAVCYAFVFSALIEFATVNYFTKSQPARAAK
IDRLSRIAFPLLFGIFNLVYWATYLNREPQLKAPTPHQ
;
B,D
3 'polypeptide(L)'
;WSHPQFEKGGGSGGGSGGSSAWSHPQFEKLEVLFQGPQKSDDDYEDYASNKTWVLTPKVPEGDVTVILNNLLEGYDNKLR
PDIGVKPTLIHTDMYVNSIGPVNAINMEYTIDIFFAQTWYDRRLKFNSTIKVLRLNSNMVGKIWIPDTFFRNSKKADAHW
ITTPNRMLRIWNDGRVLYTLRLTIDAECQLQLHNFPMDEHSCPLEFSSYGYPREEIVYQWKRSSVEVGDTRSWRLYQFSF
VGLRNTTEVVKTTSGDYVVMSVYFDLSRRMGYFTIQTYIPCTLIVVLSWVSFWINKDAVPARTSLGITTVLTMTTLSTIA
RKSLPKVSYVTAMDLFVSVCFIFVFSALVEYGTLHYFVSSQPARAAKMDSYARIFFPTAFCLFNLVYWVSYLYLSRGSGA
TNFSLLKQAGDVEENPG
;
E
4 'polypeptide(L)'
;NIVMTQSPKSMSMSVGERVTLSCKASEYVGTYVSWYQQKPEQSPKLLIYGASNRYTGVPDRFTGSGSATDFTLTIGSVQA
EDLADYHCGQSYSYPTFGAGTKLELKRADAAPTVSIFPPSSEQLTSGGASVVCFLNNFYPKDINVKWKIDGSERQNGVLN
SWTDQDSKDSTYSMSSTLTLTKDEYERHNSYTCEATHKTSTSPIVKSFNRNEC
;
I,L
5 'polypeptide(L)'
;EVQLQQSGAELVKPGASVKLSCTASGFNIKDTYMYWVKQRPEQGLEWIGRIDPANGDTKYDPKFQGKATITTDTFSNTAY
LQLSSLTSEDTAVYYCARKGLRWAMDYWGQGTSVTVSTAKTTPPSVYPLAPGCGDTTGSSVTLGCLVKGYFPESVTVTWN
SGSLSSSVHTFPALLQSGLYTMSSSVTVPSSTWPSQTVTCSVAHPASSTTVDKKLEPSGPISTINPCPPCKECHKCPAPN
LEGGPSVFIFPPNIKDVLMISLTPKVTCVVVDVSEDDPDVQISWFVNNVEVHTAQTQTHREDYNSTIRVVSTLPIQHQDW
MSGKEFKCKVNNKDLPSPIERTISKIKGLVRAPQVYILPPPAEQLSRKDVSLTCLVVGFNPGDISVEWTSNGHTEENYKD
TAPVLDSDGSYFIYSKLNMKTSKWEKTDSFSCNVRHEGLKNYYLKKTISRSPGK
;
J,K
#
# COMPACT_ATOMS: atom_id res chain seq x y z
N SER A 7 -15.43 -30.34 46.37
CA SER A 7 -14.77 -29.07 46.10
C SER A 7 -15.57 -28.23 45.11
N ASN A 8 -14.96 -27.14 44.67
CA ASN A 8 -15.59 -26.23 43.70
C ASN A 8 -15.08 -26.43 42.27
N MET A 9 -13.82 -26.83 42.09
CA MET A 9 -13.26 -27.02 40.76
C MET A 9 -13.90 -28.20 40.04
N SER A 10 -14.18 -29.29 40.76
CA SER A 10 -14.79 -30.48 40.17
C SER A 10 -16.23 -30.19 39.72
N LEU A 11 -16.99 -29.48 40.54
CA LEU A 11 -18.38 -29.15 40.21
C LEU A 11 -18.47 -28.29 38.95
N VAL A 12 -17.67 -27.22 38.90
CA VAL A 12 -17.64 -26.33 37.73
C VAL A 12 -17.15 -27.07 36.49
N LYS A 13 -16.14 -27.93 36.66
CA LYS A 13 -15.59 -28.68 35.53
C LYS A 13 -16.62 -29.63 34.94
N GLU A 14 -17.30 -30.40 35.80
CA GLU A 14 -18.32 -31.34 35.30
C GLU A 14 -19.55 -30.61 34.77
N THR A 15 -19.88 -29.44 35.32
CA THR A 15 -20.98 -28.63 34.81
C THR A 15 -20.70 -28.15 33.38
N VAL A 16 -19.50 -27.60 33.14
CA VAL A 16 -19.13 -27.12 31.81
C VAL A 16 -19.00 -28.29 30.84
N ASP A 17 -18.50 -29.44 31.31
CA ASP A 17 -18.38 -30.60 30.44
C ASP A 17 -19.76 -31.19 30.10
N ARG A 18 -20.74 -31.04 30.99
CA ARG A 18 -22.08 -31.51 30.66
C ARG A 18 -22.76 -30.54 29.71
N LEU A 19 -22.52 -29.23 29.89
CA LEU A 19 -23.11 -28.22 29.02
C LEU A 19 -22.61 -28.35 27.58
N LEU A 20 -21.33 -28.65 27.40
CA LEU A 20 -20.78 -28.69 26.05
C LEU A 20 -20.90 -30.06 25.40
N LYS A 21 -21.44 -31.06 26.09
CA LYS A 21 -21.60 -32.40 25.54
C LYS A 21 -22.92 -32.50 24.80
N GLY A 22 -22.85 -32.78 23.50
CA GLY A 22 -24.06 -32.86 22.69
C GLY A 22 -24.72 -31.54 22.35
N TYR A 23 -23.94 -30.53 22.03
CA TYR A 23 -24.45 -29.21 21.68
C TYR A 23 -24.31 -29.04 20.18
N ASP A 24 -25.43 -28.79 19.50
CA ASP A 24 -25.46 -28.66 18.05
C ASP A 24 -25.37 -27.19 17.69
N ILE A 25 -24.22 -26.78 17.15
CA ILE A 25 -23.99 -25.39 16.78
C ILE A 25 -24.73 -24.97 15.52
N ARG A 26 -25.30 -25.91 14.76
CA ARG A 26 -26.02 -25.54 13.55
C ARG A 26 -27.41 -24.97 13.84
N LEU A 27 -28.00 -25.31 14.97
CA LEU A 27 -29.37 -24.93 15.29
C LEU A 27 -29.37 -23.80 16.31
N ARG A 28 -30.20 -22.80 16.08
CA ARG A 28 -30.36 -21.71 17.03
C ARG A 28 -31.24 -22.14 18.20
N PRO A 29 -31.23 -21.39 19.31
CA PRO A 29 -32.20 -21.65 20.39
C PRO A 29 -33.63 -21.48 19.91
N ASP A 30 -34.47 -22.46 20.26
CA ASP A 30 -35.87 -22.57 19.84
C ASP A 30 -35.97 -22.61 18.31
N PHE A 31 -35.38 -23.66 17.73
CA PHE A 31 -35.27 -23.79 16.28
C PHE A 31 -36.62 -23.95 15.60
N GLY A 32 -37.64 -24.43 16.30
CA GLY A 32 -38.94 -24.58 15.70
C GLY A 32 -39.98 -23.67 16.32
N GLY A 33 -39.65 -23.08 17.46
CA GLY A 33 -40.58 -22.27 18.21
C GLY A 33 -40.51 -20.79 17.91
N PRO A 34 -40.73 -19.97 18.93
CA PRO A 34 -40.75 -18.51 18.74
C PRO A 34 -39.36 -17.97 18.47
N PRO A 35 -39.24 -16.74 17.96
CA PRO A 35 -37.91 -16.18 17.72
C PRO A 35 -37.18 -15.84 19.02
N VAL A 36 -35.86 -15.75 18.91
CA VAL A 36 -34.98 -15.41 20.02
C VAL A 36 -34.75 -13.89 20.01
N ALA A 37 -34.73 -13.29 21.19
CA ALA A 37 -34.55 -11.85 21.33
C ALA A 37 -33.11 -11.54 21.73
N VAL A 38 -32.46 -10.66 20.97
CA VAL A 38 -31.06 -10.30 21.19
C VAL A 38 -30.99 -8.81 21.53
N GLY A 39 -30.36 -8.48 22.64
CA GLY A 39 -30.25 -7.09 23.10
C GLY A 39 -28.84 -6.55 22.91
N MET A 40 -28.74 -5.30 22.46
CA MET A 40 -27.48 -4.70 22.04
C MET A 40 -27.06 -3.59 22.99
N ASN A 41 -25.76 -3.56 23.31
CA ASN A 41 -25.12 -2.43 23.98
C ASN A 41 -23.91 -2.02 23.15
N ILE A 42 -23.63 -0.72 23.10
CA ILE A 42 -22.46 -0.19 22.43
C ILE A 42 -21.79 0.80 23.36
N ASP A 43 -20.49 0.61 23.61
CA ASP A 43 -19.70 1.53 24.40
C ASP A 43 -18.65 2.13 23.46
N ILE A 44 -18.84 3.38 23.07
CA ILE A 44 -18.02 3.98 22.03
C ILE A 44 -16.72 4.48 22.67
N ALA A 45 -15.59 3.91 22.24
CA ALA A 45 -14.32 4.28 22.83
C ALA A 45 -13.73 5.55 22.20
N SER A 46 -13.88 5.72 20.89
CA SER A 46 -13.30 6.86 20.18
C SER A 46 -13.91 6.96 18.78
N ILE A 47 -13.79 8.14 18.20
CA ILE A 47 -14.07 8.37 16.78
C ILE A 47 -12.79 8.96 16.18
N ASP A 48 -12.14 8.20 15.30
CA ASP A 48 -10.74 8.44 14.96
C ASP A 48 -10.57 9.55 13.93
N MET A 49 -11.08 9.37 12.71
CA MET A 49 -10.77 10.27 11.61
C MET A 49 -11.97 10.46 10.70
N VAL A 50 -12.50 11.68 10.66
CA VAL A 50 -13.63 12.02 9.81
C VAL A 50 -13.03 12.59 8.53
N SER A 51 -12.97 11.77 7.48
CA SER A 51 -12.29 12.12 6.24
C SER A 51 -13.30 12.68 5.26
N GLU A 52 -13.02 13.87 4.74
CA GLU A 52 -13.90 14.45 3.73
C GLU A 52 -13.56 14.00 2.32
N VAL A 53 -12.31 13.60 2.06
CA VAL A 53 -11.95 13.20 0.71
C VAL A 53 -12.36 11.75 0.43
N ASN A 54 -12.28 10.88 1.43
CA ASN A 54 -12.70 9.49 1.30
C ASN A 54 -14.16 9.25 1.66
N MET A 55 -14.81 10.23 2.30
CA MET A 55 -16.23 10.18 2.72
C MET A 55 -16.50 9.02 3.69
N ASP A 56 -15.75 8.97 4.79
CA ASP A 56 -15.95 7.92 5.78
C ASP A 56 -15.46 8.42 7.14
N TYR A 57 -15.70 7.58 8.15
CA TYR A 57 -15.28 7.85 9.55
C TYR A 57 -14.88 6.52 10.18
N THR A 58 -14.04 6.58 11.21
CA THR A 58 -13.57 5.39 11.91
C THR A 58 -13.96 5.48 13.37
N LEU A 59 -14.44 4.38 13.94
CA LEU A 59 -14.81 4.37 15.35
C LEU A 59 -14.47 3.03 15.98
N THR A 60 -13.96 3.09 17.20
CA THR A 60 -13.73 1.91 18.03
C THR A 60 -14.87 1.79 19.05
N MET A 61 -15.37 0.57 19.24
CA MET A 61 -16.52 0.35 20.09
C MET A 61 -16.36 -0.95 20.85
N TYR A 62 -16.99 -1.02 22.02
CA TYR A 62 -17.23 -2.28 22.71
C TYR A 62 -18.66 -2.71 22.41
N PHE A 63 -18.81 -3.74 21.60
CA PHE A 63 -20.11 -4.17 21.10
C PHE A 63 -20.52 -5.46 21.81
N GLN A 64 -21.63 -5.40 22.54
CA GLN A 64 -22.07 -6.50 23.39
C GLN A 64 -23.46 -6.96 22.98
N GLN A 65 -23.66 -8.28 22.97
CA GLN A 65 -24.94 -8.89 22.64
C GLN A 65 -25.37 -9.83 23.77
N ALA A 66 -26.64 -9.77 24.13
CA ALA A 66 -27.19 -10.59 25.19
C ALA A 66 -28.44 -11.32 24.71
N TRP A 67 -28.48 -12.63 24.88
CA TRP A 67 -29.65 -13.43 24.54
C TRP A 67 -29.81 -14.53 25.60
N ARG A 68 -30.76 -15.42 25.39
CA ARG A 68 -31.07 -16.47 26.36
C ARG A 68 -31.15 -17.80 25.64
N ASP A 69 -30.26 -18.72 25.98
CA ASP A 69 -30.23 -20.06 25.40
C ASP A 69 -30.52 -21.08 26.50
N LYS A 70 -31.60 -21.84 26.33
CA LYS A 70 -32.01 -22.79 27.36
C LYS A 70 -31.09 -24.00 27.49
N ARG A 71 -30.28 -24.29 26.47
CA ARG A 71 -29.39 -25.44 26.56
C ARG A 71 -28.22 -25.17 27.48
N LEU A 72 -27.82 -23.90 27.64
CA LEU A 72 -26.74 -23.52 28.53
C LEU A 72 -27.28 -23.08 29.89
N SER A 73 -28.06 -23.97 30.50
CA SER A 73 -28.68 -23.71 31.80
C SER A 73 -28.15 -24.70 32.82
N TYR A 74 -27.86 -24.19 34.02
CA TYR A 74 -27.32 -25.02 35.08
C TYR A 74 -27.79 -24.48 36.42
N ASN A 75 -27.83 -25.35 37.42
CA ASN A 75 -28.36 -24.98 38.73
C ASN A 75 -27.51 -25.48 39.90
N VAL A 76 -26.40 -26.18 39.65
CA VAL A 76 -25.64 -26.78 40.74
C VAL A 76 -24.65 -25.79 41.37
N ILE A 77 -24.28 -24.72 40.66
CA ILE A 77 -23.36 -23.74 41.22
C ILE A 77 -24.04 -22.37 41.23
N PRO A 78 -23.83 -21.55 42.26
CA PRO A 78 -24.55 -20.28 42.38
C PRO A 78 -23.85 -19.06 41.79
N LEU A 79 -22.79 -19.23 41.02
CA LEU A 79 -22.00 -18.10 40.54
C LEU A 79 -22.04 -18.04 39.02
N ASN A 80 -21.70 -16.86 38.50
CA ASN A 80 -21.63 -16.67 37.06
C ASN A 80 -20.30 -17.19 36.53
N LEU A 81 -20.33 -17.75 35.33
CA LEU A 81 -19.17 -18.42 34.76
C LEU A 81 -18.64 -17.58 33.61
N THR A 82 -17.49 -16.93 33.82
CA THR A 82 -16.75 -16.29 32.76
C THR A 82 -15.79 -17.32 32.16
N LEU A 83 -15.97 -17.62 30.89
CA LEU A 83 -15.17 -18.65 30.24
C LEU A 83 -14.12 -18.02 29.34
N ASP A 84 -13.06 -18.79 29.11
CA ASP A 84 -12.03 -18.41 28.14
C ASP A 84 -12.66 -18.24 26.76
N ASN A 85 -12.23 -17.19 26.04
CA ASN A 85 -12.86 -16.78 24.79
C ASN A 85 -12.83 -17.83 23.68
N ARG A 86 -11.93 -18.82 23.80
CA ARG A 86 -11.84 -19.93 22.85
C ARG A 86 -13.09 -20.80 22.81
N VAL A 87 -13.96 -20.73 23.82
CA VAL A 87 -15.22 -21.49 23.81
C VAL A 87 -16.28 -20.86 22.93
N ALA A 88 -16.05 -19.65 22.41
CA ALA A 88 -17.00 -19.00 21.52
C ALA A 88 -17.11 -19.67 20.16
N ASP A 89 -16.18 -20.56 19.81
CA ASP A 89 -16.25 -21.35 18.59
C ASP A 89 -17.04 -22.63 18.77
N GLN A 90 -17.50 -22.92 19.99
CA GLN A 90 -18.32 -24.09 20.28
C GLN A 90 -19.74 -23.74 20.67
N LEU A 91 -20.12 -22.46 20.61
CA LEU A 91 -21.46 -22.01 20.96
C LEU A 91 -22.08 -21.33 19.75
N TRP A 92 -23.40 -21.17 19.79
CA TRP A 92 -24.14 -20.44 18.75
C TRP A 92 -24.13 -18.96 19.06
N VAL A 93 -23.71 -18.15 18.08
CA VAL A 93 -23.75 -16.70 18.19
C VAL A 93 -24.46 -16.11 16.97
N PRO A 94 -25.20 -15.01 17.12
CA PRO A 94 -25.95 -14.46 15.98
C PRO A 94 -25.03 -13.87 14.90
N ASP A 95 -25.54 -13.85 13.68
CA ASP A 95 -24.74 -13.41 12.52
C ASP A 95 -25.01 -11.93 12.23
N THR A 96 -24.72 -11.10 13.23
CA THR A 96 -24.88 -9.65 13.11
C THR A 96 -23.83 -9.08 12.16
N TYR A 97 -24.23 -8.15 11.30
CA TYR A 97 -23.28 -7.46 10.42
C TYR A 97 -23.63 -5.98 10.33
N PHE A 98 -22.69 -5.20 9.81
CA PHE A 98 -22.86 -3.77 9.61
C PHE A 98 -22.94 -3.51 8.12
N LEU A 99 -24.03 -2.84 7.70
CA LEU A 99 -24.30 -2.72 6.27
C LEU A 99 -23.39 -1.71 5.60
N ASN A 100 -23.06 -0.62 6.31
CA ASN A 100 -22.27 0.49 5.72
C ASN A 100 -20.83 0.53 6.22
N ASP A 101 -20.19 -0.64 6.39
CA ASP A 101 -18.78 -0.68 6.75
C ASP A 101 -17.92 -1.06 5.56
N LYS A 102 -16.65 -0.64 5.61
CA LYS A 102 -15.71 -0.89 4.54
C LYS A 102 -14.56 -1.82 4.92
N LYS A 103 -14.14 -1.75 6.19
CA LYS A 103 -13.04 -2.63 6.68
C LYS A 103 -13.13 -2.73 8.21
N SER A 104 -13.49 -3.90 8.74
CA SER A 104 -13.60 -4.06 10.18
C SER A 104 -12.68 -5.18 10.63
N PHE A 105 -12.36 -5.17 11.92
CA PHE A 105 -11.55 -6.23 12.52
C PHE A 105 -11.71 -6.22 14.04
N VAL A 106 -11.50 -7.38 14.63
CA VAL A 106 -11.43 -7.53 16.08
C VAL A 106 -9.95 -7.50 16.46
N HIS A 107 -9.64 -6.76 17.52
CA HIS A 107 -8.26 -6.65 17.98
C HIS A 107 -7.76 -7.99 18.52
N GLY A 108 -6.45 -8.19 18.44
CA GLY A 108 -5.86 -9.49 18.69
C GLY A 108 -4.64 -9.46 19.59
N VAL A 109 -4.63 -8.57 20.58
CA VAL A 109 -3.57 -8.47 21.56
C VAL A 109 -4.16 -8.43 22.97
N THR A 110 -3.72 -9.34 23.84
CA THR A 110 -2.70 -10.36 23.60
C THR A 110 -3.34 -11.61 23.01
N VAL A 111 -4.65 -11.73 23.21
CA VAL A 111 -5.47 -12.75 22.59
C VAL A 111 -6.57 -12.06 21.81
N LYS A 112 -7.45 -12.85 21.19
CA LYS A 112 -8.61 -12.30 20.50
C LYS A 112 -9.52 -11.58 21.49
N ASN A 113 -9.71 -10.28 21.28
CA ASN A 113 -10.44 -9.46 22.25
C ASN A 113 -11.93 -9.71 22.18
N ARG A 114 -12.40 -10.72 22.92
CA ARG A 114 -13.83 -10.96 23.05
C ARG A 114 -14.09 -11.63 24.39
N MET A 115 -15.35 -11.59 24.81
CA MET A 115 -15.76 -12.00 26.14
C MET A 115 -16.98 -12.89 26.01
N ILE A 116 -17.02 -13.96 26.79
CA ILE A 116 -18.16 -14.88 26.81
C ILE A 116 -18.47 -15.23 28.26
N ARG A 117 -19.70 -14.95 28.70
CA ARG A 117 -20.09 -15.14 30.09
C ARG A 117 -21.44 -15.83 30.15
N LEU A 118 -21.54 -16.87 30.97
CA LEU A 118 -22.76 -17.62 31.16
C LEU A 118 -23.34 -17.33 32.54
N HIS A 119 -24.66 -17.19 32.61
CA HIS A 119 -25.40 -16.95 33.82
C HIS A 119 -26.23 -18.19 34.14
N PRO A 120 -26.57 -18.44 35.42
CA PRO A 120 -27.26 -19.70 35.77
C PRO A 120 -28.67 -19.84 35.18
N ASP A 121 -29.31 -18.75 34.77
CA ASP A 121 -30.65 -18.85 34.21
C ASP A 121 -30.63 -19.01 32.69
N GLY A 122 -29.45 -19.13 32.10
CA GLY A 122 -29.30 -19.31 30.68
C GLY A 122 -28.90 -18.09 29.89
N THR A 123 -28.80 -16.92 30.54
CA THR A 123 -28.48 -15.70 29.83
C THR A 123 -27.01 -15.71 29.43
N VAL A 124 -26.75 -15.58 28.14
CA VAL A 124 -25.39 -15.55 27.61
C VAL A 124 -25.04 -14.10 27.27
N LEU A 125 -23.85 -13.67 27.67
CA LEU A 125 -23.38 -12.31 27.39
C LEU A 125 -22.12 -12.41 26.54
N TYR A 126 -22.13 -11.77 25.38
CA TYR A 126 -21.10 -11.95 24.36
C TYR A 126 -20.67 -10.59 23.87
N GLY A 127 -19.42 -10.23 24.12
CA GLY A 127 -18.91 -8.90 23.83
C GLY A 127 -17.74 -8.95 22.86
N LEU A 128 -17.66 -7.94 22.00
CA LEU A 128 -16.56 -7.80 21.05
C LEU A 128 -16.02 -6.39 21.11
N ARG A 129 -14.76 -6.23 20.71
CA ARG A 129 -14.14 -4.92 20.58
C ARG A 129 -13.79 -4.70 19.11
N ILE A 130 -14.51 -3.79 18.45
CA ILE A 130 -14.48 -3.66 17.00
C ILE A 130 -13.93 -2.29 16.66
N THR A 131 -13.21 -2.19 15.55
CA THR A 131 -12.78 -0.92 14.97
C THR A 131 -13.33 -0.87 13.56
N THR A 132 -14.40 -0.09 13.38
CA THR A 132 -15.15 -0.06 12.14
C THR A 132 -14.83 1.20 11.36
N THR A 133 -14.60 1.06 10.06
CA THR A 133 -14.50 2.22 9.17
C THR A 133 -15.81 2.26 8.39
N ALA A 134 -16.78 3.00 8.90
CA ALA A 134 -18.07 3.08 8.23
C ALA A 134 -18.07 4.20 7.23
N ALA A 135 -18.98 4.11 6.26
CA ALA A 135 -19.05 5.05 5.15
C ALA A 135 -20.30 5.89 5.27
N CYS A 136 -20.15 7.20 5.16
CA CYS A 136 -21.30 8.08 5.10
C CYS A 136 -21.09 9.21 4.10
N MET A 137 -22.06 9.40 3.22
CA MET A 137 -21.98 10.45 2.21
C MET A 137 -22.38 11.79 2.81
N MET A 138 -21.57 12.80 2.55
CA MET A 138 -21.74 14.13 3.12
C MET A 138 -22.21 15.11 2.06
N ASP A 139 -23.02 16.06 2.49
CA ASP A 139 -23.53 17.12 1.60
C ASP A 139 -22.72 18.38 1.88
N LEU A 140 -21.76 18.67 1.00
CA LEU A 140 -20.81 19.75 1.20
C LEU A 140 -21.21 21.04 0.50
N ARG A 141 -22.51 21.23 0.21
CA ARG A 141 -22.94 22.45 -0.46
C ARG A 141 -22.80 23.69 0.42
N ARG A 142 -22.72 23.53 1.73
CA ARG A 142 -22.53 24.65 2.66
C ARG A 142 -21.18 24.64 3.35
N TYR A 143 -20.20 23.94 2.79
CA TYR A 143 -18.85 23.88 3.36
C TYR A 143 -18.23 25.28 3.41
N PRO A 144 -17.59 25.67 4.53
CA PRO A 144 -17.39 24.94 5.77
C PRO A 144 -18.40 25.23 6.87
N LEU A 145 -19.49 25.88 6.54
CA LEU A 145 -20.53 26.20 7.54
C LEU A 145 -21.64 25.15 7.48
N ASP A 146 -21.25 23.88 7.66
CA ASP A 146 -22.16 22.79 7.45
C ASP A 146 -22.25 21.89 8.68
N GLU A 147 -23.33 21.11 8.72
CA GLU A 147 -23.61 20.10 9.76
C GLU A 147 -23.90 18.78 9.02
N GLN A 148 -23.24 17.69 9.40
CA GLN A 148 -23.39 16.39 8.68
C GLN A 148 -24.05 15.32 9.56
N ASN A 149 -25.07 14.64 9.02
CA ASN A 149 -25.77 13.53 9.73
C ASN A 149 -25.42 12.21 9.08
N CYS A 150 -24.63 11.36 9.74
CA CYS A 150 -24.35 10.01 9.17
C CYS A 150 -24.48 8.94 10.25
N THR A 151 -24.96 7.75 9.86
CA THR A 151 -25.29 6.68 10.85
C THR A 151 -24.65 5.32 10.51
N LEU A 152 -24.61 4.43 11.50
CA LEU A 152 -24.08 3.05 11.37
C LEU A 152 -25.27 2.08 11.46
N GLU A 153 -25.42 1.19 10.48
CA GLU A 153 -26.55 0.22 10.44
C GLU A 153 -26.14 -1.13 11.02
N ILE A 154 -27.00 -1.71 11.87
CA ILE A 154 -26.76 -3.00 12.49
C ILE A 154 -27.87 -3.94 12.06
N GLU A 155 -27.53 -4.98 11.31
CA GLU A 155 -28.55 -5.86 10.75
C GLU A 155 -28.15 -7.32 10.97
N SER A 156 -29.11 -8.22 10.80
CA SER A 156 -28.88 -9.66 10.82
C SER A 156 -28.92 -10.18 9.40
N TYR A 157 -27.92 -11.00 9.04
CA TYR A 157 -27.80 -11.44 7.66
C TYR A 157 -28.73 -12.61 7.34
N GLY A 158 -28.56 -13.72 8.05
CA GLY A 158 -29.26 -14.93 7.68
C GLY A 158 -30.68 -15.07 8.19
N TYR A 159 -30.91 -14.66 9.43
CA TYR A 159 -32.17 -14.90 10.13
C TYR A 159 -33.18 -13.78 9.84
N THR A 160 -34.39 -14.17 9.44
CA THR A 160 -35.45 -13.21 9.15
C THR A 160 -36.09 -12.74 10.46
N THR A 161 -37.13 -11.89 10.34
CA THR A 161 -37.77 -11.30 11.52
C THR A 161 -38.63 -12.29 12.29
N ASP A 162 -38.91 -13.46 11.74
CA ASP A 162 -39.61 -14.51 12.47
C ASP A 162 -38.66 -15.57 13.01
N ASP A 163 -37.36 -15.30 12.97
CA ASP A 163 -36.35 -16.16 13.56
C ASP A 163 -35.52 -15.46 14.62
N ILE A 164 -35.37 -14.14 14.53
CA ILE A 164 -34.57 -13.36 15.46
C ILE A 164 -35.25 -12.01 15.65
N GLU A 165 -34.86 -11.31 16.71
CA GLU A 165 -35.48 -10.02 17.02
C GLU A 165 -34.46 -9.16 17.75
N PHE A 166 -34.28 -7.92 17.30
CA PHE A 166 -33.32 -7.00 17.89
C PHE A 166 -34.02 -5.90 18.66
N TYR A 167 -33.35 -5.41 19.70
CA TYR A 167 -33.79 -4.26 20.48
C TYR A 167 -32.61 -3.71 21.24
N TRP A 168 -32.76 -2.48 21.74
CA TRP A 168 -31.71 -1.87 22.53
C TRP A 168 -31.93 -2.15 24.01
N ARG A 169 -30.87 -2.56 24.69
CA ARG A 169 -30.95 -2.92 26.10
C ARG A 169 -30.92 -1.67 26.95
N GLY A 170 -32.11 -1.16 27.31
CA GLY A 170 -32.25 0.10 28.03
C GLY A 170 -32.99 1.17 27.26
N ASP A 171 -32.82 1.19 25.93
CA ASP A 171 -33.53 1.98 24.94
C ASP A 171 -33.16 3.47 24.97
N ASP A 172 -32.45 3.91 25.99
CA ASP A 172 -31.91 5.27 26.00
C ASP A 172 -30.46 5.28 26.44
N ASN A 173 -30.08 4.29 27.25
CA ASN A 173 -28.74 4.20 27.80
C ASN A 173 -27.94 3.06 27.18
N ALA A 174 -28.39 2.53 26.03
CA ALA A 174 -27.68 1.43 25.40
C ALA A 174 -26.36 1.89 24.79
N VAL A 175 -26.27 3.17 24.42
CA VAL A 175 -25.05 3.74 23.86
C VAL A 175 -24.52 4.76 24.87
N THR A 176 -23.34 4.49 25.42
CA THR A 176 -22.71 5.36 26.40
C THR A 176 -21.41 5.90 25.83
N GLY A 177 -20.81 6.83 26.56
CA GLY A 177 -19.51 7.36 26.18
C GLY A 177 -19.51 8.24 24.94
N VAL A 178 -20.67 8.74 24.52
CA VAL A 178 -20.71 9.59 23.34
C VAL A 178 -20.53 11.07 23.69
N THR A 179 -20.87 11.48 24.91
CA THR A 179 -20.69 12.86 25.32
C THR A 179 -19.25 13.17 25.71
N LYS A 180 -18.38 12.17 25.81
CA LYS A 180 -16.99 12.38 26.20
C LYS A 180 -16.03 12.35 25.02
N ILE A 181 -16.54 12.15 23.80
CA ILE A 181 -15.68 12.09 22.62
C ILE A 181 -15.15 13.48 22.29
N GLU A 182 -13.83 13.57 22.09
CA GLU A 182 -13.16 14.83 21.79
C GLU A 182 -12.63 14.78 20.37
N LEU A 183 -13.43 15.29 19.43
CA LEU A 183 -13.02 15.42 18.03
C LEU A 183 -12.31 16.75 17.81
N PRO A 184 -11.24 16.77 17.02
CA PRO A 184 -10.49 18.03 16.83
C PRO A 184 -11.19 19.04 15.92
N GLN A 185 -12.10 18.61 15.04
CA GLN A 185 -12.72 19.51 14.08
C GLN A 185 -14.24 19.59 14.19
N PHE A 186 -14.89 18.60 14.79
CA PHE A 186 -16.34 18.58 14.88
C PHE A 186 -16.77 18.60 16.35
N SER A 187 -18.08 18.51 16.57
CA SER A 187 -18.62 18.39 17.92
C SER A 187 -19.97 17.69 17.86
N ILE A 188 -20.09 16.60 18.64
CA ILE A 188 -21.32 15.82 18.68
C ILE A 188 -22.41 16.65 19.37
N VAL A 189 -23.53 16.86 18.68
CA VAL A 189 -24.62 17.64 19.25
C VAL A 189 -25.69 16.75 19.88
N ASP A 190 -26.08 15.68 19.19
CA ASP A 190 -27.15 14.80 19.65
C ASP A 190 -26.97 13.43 19.01
N TYR A 191 -27.62 12.43 19.59
CA TYR A 191 -27.59 11.09 19.03
C TYR A 191 -28.94 10.44 19.25
N LYS A 192 -29.28 9.50 18.36
CA LYS A 192 -30.58 8.85 18.38
C LYS A 192 -30.42 7.37 18.10
N LEU A 193 -31.33 6.59 18.66
CA LEU A 193 -31.40 5.14 18.45
C LEU A 193 -32.72 4.82 17.77
N ILE A 194 -32.66 4.05 16.69
CA ILE A 194 -33.83 3.77 15.87
C ILE A 194 -33.94 2.26 15.68
N THR A 195 -35.16 1.75 15.74
CA THR A 195 -35.47 0.35 15.49
C THR A 195 -36.50 0.24 14.38
N LYS A 196 -36.23 -0.60 13.38
CA LYS A 196 -37.16 -0.77 12.27
C LYS A 196 -36.91 -2.12 11.62
N LYS A 197 -37.58 -2.36 10.49
CA LYS A 197 -37.44 -3.58 9.71
C LYS A 197 -37.34 -3.23 8.24
N VAL A 198 -36.41 -3.88 7.54
CA VAL A 198 -36.22 -3.66 6.12
C VAL A 198 -36.65 -4.91 5.36
N VAL A 199 -37.00 -4.71 4.08
CA VAL A 199 -37.55 -5.76 3.24
C VAL A 199 -36.64 -5.91 2.02
N PHE A 200 -36.05 -7.10 1.88
CA PHE A 200 -35.29 -7.49 0.70
C PHE A 200 -36.03 -8.63 0.00
N SER A 201 -35.57 -8.95 -1.22
CA SER A 201 -36.16 -10.02 -2.03
C SER A 201 -36.14 -11.40 -1.40
N THR A 202 -35.40 -11.60 -0.30
CA THR A 202 -35.35 -12.90 0.37
C THR A 202 -36.19 -12.93 1.64
N GLY A 203 -36.65 -11.79 2.12
CA GLY A 203 -37.47 -11.73 3.31
C GLY A 203 -37.30 -10.41 4.02
N SER A 204 -37.83 -10.34 5.23
CA SER A 204 -37.79 -9.15 6.06
C SER A 204 -36.79 -9.34 7.20
N TYR A 205 -35.95 -8.34 7.43
CA TYR A 205 -34.84 -8.44 8.36
C TYR A 205 -34.88 -7.28 9.36
N PRO A 206 -34.51 -7.53 10.61
CA PRO A 206 -34.48 -6.44 11.60
C PRO A 206 -33.24 -5.57 11.45
N ARG A 207 -33.38 -4.30 11.81
CA ARG A 207 -32.30 -3.34 11.68
C ARG A 207 -32.34 -2.38 12.84
N LEU A 208 -31.17 -2.10 13.42
CA LEU A 208 -30.97 -1.02 14.39
C LEU A 208 -30.11 0.07 13.77
N SER A 209 -30.27 1.31 14.26
CA SER A 209 -29.49 2.43 13.69
C SER A 209 -29.11 3.44 14.77
N LEU A 210 -27.83 3.83 14.80
CA LEU A 210 -27.30 4.85 15.75
C LEU A 210 -26.94 6.07 14.91
N SER A 211 -27.48 7.25 15.24
CA SER A 211 -27.24 8.47 14.42
C SER A 211 -26.41 9.50 15.19
N PHE A 212 -25.36 10.02 14.55
CA PHE A 212 -24.48 11.05 15.17
C PHE A 212 -24.50 12.32 14.31
N LYS A 213 -25.07 13.41 14.84
CA LYS A 213 -25.07 14.68 14.12
C LYS A 213 -23.83 15.47 14.47
N LEU A 214 -22.98 15.74 13.49
CA LEU A 214 -21.73 16.47 13.71
C LEU A 214 -21.84 17.88 13.14
N LYS A 215 -21.22 18.84 13.82
CA LYS A 215 -21.20 20.23 13.36
C LYS A 215 -19.77 20.74 13.27
N ARG A 216 -19.42 21.37 12.15
CA ARG A 216 -18.05 21.79 11.89
C ARG A 216 -17.75 23.15 12.50
N ASN A 217 -16.55 23.29 13.10
CA ASN A 217 -16.14 24.57 13.66
C ASN A 217 -15.80 25.56 12.56
N ILE A 218 -15.63 26.83 12.95
CA ILE A 218 -15.48 27.95 12.02
C ILE A 218 -14.20 28.71 12.38
N GLY A 219 -13.66 28.38 13.57
CA GLY A 219 -12.51 29.10 14.12
C GLY A 219 -11.25 29.01 13.29
N TYR A 220 -11.03 27.87 12.64
CA TYR A 220 -9.83 27.72 11.83
C TYR A 220 -10.04 28.35 10.46
N PHE A 221 -11.19 28.09 9.85
CA PHE A 221 -11.47 28.51 8.48
C PHE A 221 -11.52 30.02 8.33
N ILE A 222 -12.06 30.73 9.32
CA ILE A 222 -12.08 32.21 9.29
C ILE A 222 -10.67 32.78 9.15
N LEU A 223 -9.81 32.53 10.15
CA LEU A 223 -8.45 33.09 10.17
C LEU A 223 -7.58 32.57 9.04
N GLN A 224 -7.83 31.36 8.55
CA GLN A 224 -6.96 30.79 7.53
C GLN A 224 -7.40 31.08 6.10
N THR A 225 -8.66 31.41 5.87
CA THR A 225 -9.09 31.55 4.48
C THR A 225 -9.77 32.88 4.21
N TYR A 226 -10.59 33.39 5.13
CA TYR A 226 -11.42 34.55 4.80
C TYR A 226 -10.64 35.85 4.93
N MET A 227 -9.76 35.94 5.93
CA MET A 227 -8.91 37.12 6.10
C MET A 227 -7.98 37.44 4.92
N PRO A 228 -7.25 36.48 4.29
CA PRO A 228 -6.44 36.86 3.10
C PRO A 228 -7.23 37.48 1.96
N SER A 229 -8.40 36.93 1.62
CA SER A 229 -9.19 37.45 0.50
C SER A 229 -9.66 38.87 0.77
N ILE A 230 -10.10 39.15 2.01
CA ILE A 230 -10.54 40.49 2.39
C ILE A 230 -9.37 41.47 2.34
N LEU A 231 -8.19 41.05 2.80
CA LEU A 231 -7.04 41.95 2.77
C LEU A 231 -6.56 42.21 1.34
N ILE A 232 -6.69 41.22 0.46
CA ILE A 232 -6.38 41.46 -0.95
C ILE A 232 -7.40 42.41 -1.57
N THR A 233 -8.66 42.30 -1.17
CA THR A 233 -9.68 43.23 -1.66
C THR A 233 -9.44 44.67 -1.20
N ILE A 234 -9.02 44.86 0.06
CA ILE A 234 -8.67 46.21 0.53
C ILE A 234 -7.42 46.73 -0.19
N LEU A 235 -6.41 45.87 -0.37
CA LEU A 235 -5.20 46.27 -1.10
C LEU A 235 -5.47 46.50 -2.58
N SER A 236 -6.61 46.05 -3.10
CA SER A 236 -7.05 46.47 -4.41
C SER A 236 -7.83 47.78 -4.34
N TRP A 237 -8.55 48.01 -3.25
CA TRP A 237 -9.25 49.27 -3.04
C TRP A 237 -8.32 50.47 -2.88
N VAL A 238 -7.11 50.26 -2.32
CA VAL A 238 -6.23 51.38 -1.95
C VAL A 238 -5.85 52.28 -3.13
N SER A 239 -5.98 51.78 -4.36
CA SER A 239 -5.66 52.52 -5.57
C SER A 239 -6.62 53.66 -5.87
N PHE A 240 -7.76 53.74 -5.18
CA PHE A 240 -8.67 54.85 -5.48
C PHE A 240 -8.13 56.17 -4.91
N TRP A 241 -7.37 56.10 -3.83
CA TRP A 241 -6.72 57.27 -3.25
C TRP A 241 -5.46 57.67 -3.99
N ILE A 242 -5.06 56.92 -5.01
CA ILE A 242 -3.92 57.27 -5.83
C ILE A 242 -4.40 58.09 -7.02
N ASN A 243 -3.68 59.18 -7.32
CA ASN A 243 -4.04 60.05 -8.42
C ASN A 243 -3.86 59.36 -9.77
N TYR A 244 -4.52 59.91 -10.79
CA TYR A 244 -4.47 59.36 -12.15
C TYR A 244 -3.12 59.55 -12.84
N ASP A 245 -2.17 60.28 -12.24
CA ASP A 245 -0.87 60.47 -12.85
C ASP A 245 -0.03 59.20 -12.77
N ALA A 246 0.16 58.67 -11.55
CA ALA A 246 0.96 57.47 -11.35
C ALA A 246 0.22 56.25 -11.87
N SER A 247 0.46 55.90 -13.14
CA SER A 247 -0.18 54.74 -13.74
C SER A 247 0.48 53.42 -13.31
N ALA A 248 1.82 53.41 -13.24
CA ALA A 248 2.57 52.19 -12.92
C ALA A 248 2.21 51.61 -11.55
N ALA A 249 2.04 52.48 -10.55
CA ALA A 249 1.72 52.05 -9.19
C ALA A 249 0.37 51.35 -9.14
N ARG A 250 -0.66 51.99 -9.69
CA ARG A 250 -2.01 51.44 -9.65
C ARG A 250 -2.13 50.18 -10.49
N VAL A 251 -1.51 50.16 -11.68
CA VAL A 251 -1.55 48.95 -12.51
C VAL A 251 -0.85 47.77 -11.82
N ALA A 252 0.34 48.00 -11.22
CA ALA A 252 1.06 46.92 -10.56
C ALA A 252 0.30 46.39 -9.36
N LEU A 253 -0.26 47.29 -8.52
CA LEU A 253 -1.02 46.86 -7.36
C LEU A 253 -2.28 46.07 -7.76
N GLY A 254 -3.05 46.59 -8.72
CA GLY A 254 -4.26 45.91 -9.16
C GLY A 254 -3.97 44.56 -9.81
N ILE A 255 -3.00 44.53 -10.70
CA ILE A 255 -2.66 43.31 -11.42
C ILE A 255 -2.10 42.26 -10.47
N THR A 256 -1.31 42.68 -9.47
CA THR A 256 -0.79 41.70 -8.54
C THR A 256 -1.83 41.27 -7.52
N THR A 257 -2.85 42.09 -7.22
CA THR A 257 -3.98 41.59 -6.45
C THR A 257 -4.76 40.52 -7.22
N VAL A 258 -4.92 40.71 -8.54
CA VAL A 258 -5.52 39.67 -9.38
C VAL A 258 -4.70 38.38 -9.35
N LEU A 259 -3.37 38.55 -9.47
CA LEU A 259 -2.44 37.38 -9.43
C LEU A 259 -2.59 36.69 -8.07
N THR A 260 -2.57 37.47 -6.98
CA THR A 260 -2.67 36.92 -5.63
C THR A 260 -4.00 36.18 -5.44
N MET A 261 -5.09 36.74 -5.97
CA MET A 261 -6.40 36.11 -5.86
C MET A 261 -6.41 34.77 -6.59
N THR A 262 -5.80 34.71 -7.78
CA THR A 262 -5.73 33.45 -8.51
C THR A 262 -4.87 32.42 -7.79
N THR A 263 -3.69 32.81 -7.30
CA THR A 263 -2.83 31.89 -6.58
C THR A 263 -3.46 31.35 -5.31
N ILE A 264 -4.10 32.21 -4.50
CA ILE A 264 -4.75 31.72 -3.28
C ILE A 264 -5.92 30.79 -3.62
N ASN A 265 -6.70 31.13 -4.67
CA ASN A 265 -7.82 30.28 -5.10
C ASN A 265 -7.32 28.90 -5.47
N THR A 266 -6.37 28.85 -6.41
CA THR A 266 -5.85 27.58 -6.93
C THR A 266 -5.22 26.75 -5.82
N HIS A 267 -4.40 27.38 -4.97
CA HIS A 267 -3.73 26.61 -3.92
C HIS A 267 -4.65 26.19 -2.79
N LEU A 268 -5.80 26.86 -2.58
CA LEU A 268 -6.67 26.41 -1.49
C LEU A 268 -7.71 25.40 -1.96
N ARG A 269 -8.11 25.48 -3.24
CA ARG A 269 -9.15 24.59 -3.76
C ARG A 269 -8.71 23.13 -3.85
N GLU A 270 -7.41 22.86 -3.96
CA GLU A 270 -6.91 21.52 -4.24
C GLU A 270 -7.05 20.56 -3.06
N THR A 271 -7.51 21.04 -1.91
CA THR A 271 -7.59 20.28 -0.67
C THR A 271 -8.75 19.29 -0.66
N LEU A 272 -9.95 19.75 -0.95
CA LEU A 272 -11.16 18.94 -0.84
C LEU A 272 -11.42 18.20 -2.16
N PRO A 273 -12.32 17.20 -2.17
CA PRO A 273 -12.62 16.50 -3.44
C PRO A 273 -13.30 17.36 -4.48
N LYS A 274 -13.43 16.74 -5.66
CA LYS A 274 -13.96 17.39 -6.86
C LYS A 274 -15.45 17.13 -6.94
N ILE A 275 -16.21 17.99 -6.29
CA ILE A 275 -17.68 17.94 -6.26
C ILE A 275 -18.21 18.99 -7.23
N PRO A 276 -19.27 18.69 -7.99
CA PRO A 276 -19.70 19.59 -9.07
C PRO A 276 -20.43 20.83 -8.58
N TYR A 277 -21.08 20.75 -7.43
CA TYR A 277 -21.81 21.91 -6.96
C TYR A 277 -20.84 22.94 -6.37
N VAL A 278 -21.36 24.15 -6.16
CA VAL A 278 -20.58 25.27 -5.64
C VAL A 278 -20.72 25.34 -4.13
N LYS A 279 -19.59 25.42 -3.43
CA LYS A 279 -19.59 25.53 -1.98
C LYS A 279 -19.71 27.00 -1.59
N ALA A 280 -19.78 27.26 -0.28
CA ALA A 280 -19.87 28.64 0.20
C ALA A 280 -18.53 29.37 0.05
N ILE A 281 -17.43 28.69 0.33
CA ILE A 281 -16.11 29.31 0.17
C ILE A 281 -15.80 29.59 -1.29
N ASP A 282 -16.29 28.76 -2.22
CA ASP A 282 -16.13 29.02 -3.64
C ASP A 282 -16.92 30.26 -4.06
N MET A 283 -18.13 30.42 -3.52
CA MET A 283 -18.93 31.62 -3.80
C MET A 283 -18.27 32.87 -3.26
N TYR A 284 -17.69 32.80 -2.06
CA TYR A 284 -17.00 33.96 -1.49
C TYR A 284 -15.76 34.33 -2.30
N LEU A 285 -14.95 33.33 -2.70
CA LEU A 285 -13.78 33.61 -3.52
C LEU A 285 -14.16 34.18 -4.87
N MET A 286 -15.26 33.68 -5.47
CA MET A 286 -15.71 34.20 -6.75
C MET A 286 -16.21 35.64 -6.62
N GLY A 287 -16.91 35.95 -5.51
CA GLY A 287 -17.32 37.33 -5.27
C GLY A 287 -16.15 38.28 -5.11
N CYS A 288 -15.14 37.86 -4.35
CA CYS A 288 -13.92 38.66 -4.18
C CYS A 288 -13.20 38.87 -5.51
N PHE A 289 -13.10 37.80 -6.31
CA PHE A 289 -12.46 37.89 -7.63
C PHE A 289 -13.22 38.83 -8.55
N VAL A 290 -14.56 38.79 -8.51
CA VAL A 290 -15.36 39.68 -9.35
C VAL A 290 -15.18 41.14 -8.92
N PHE A 291 -15.05 41.38 -7.62
CA PHE A 291 -14.81 42.74 -7.12
C PHE A 291 -13.44 43.28 -7.57
N VAL A 292 -12.39 42.46 -7.44
CA VAL A 292 -11.05 42.85 -7.88
C VAL A 292 -11.01 43.06 -9.40
N PHE A 293 -11.66 42.17 -10.16
CA PHE A 293 -11.75 42.29 -11.60
C PHE A 293 -12.46 43.57 -12.02
N MET A 294 -13.54 43.93 -11.31
CA MET A 294 -14.26 45.16 -11.62
C MET A 294 -13.42 46.38 -11.29
N ALA A 295 -12.60 46.29 -10.23
CA ALA A 295 -11.68 47.37 -9.92
C ALA A 295 -10.66 47.56 -11.05
N LEU A 296 -10.15 46.46 -11.60
CA LEU A 296 -9.20 46.59 -12.71
C LEU A 296 -9.87 47.16 -13.96
N LEU A 297 -11.11 46.74 -14.27
CA LEU A 297 -11.83 47.32 -15.41
C LEU A 297 -12.16 48.80 -15.21
N GLU A 298 -12.51 49.22 -13.98
CA GLU A 298 -12.74 50.64 -13.75
C GLU A 298 -11.45 51.44 -13.91
N TYR A 299 -10.32 50.90 -13.44
CA TYR A 299 -9.03 51.56 -13.66
C TYR A 299 -8.73 51.69 -15.14
N ALA A 300 -9.03 50.66 -15.93
CA ALA A 300 -8.84 50.75 -17.38
C ALA A 300 -9.71 51.84 -18.00
N LEU A 301 -10.99 51.91 -17.61
CA LEU A 301 -11.87 52.92 -18.19
C LEU A 301 -11.52 54.33 -17.73
N VAL A 302 -11.02 54.49 -16.49
CA VAL A 302 -10.62 55.82 -16.05
C VAL A 302 -9.26 56.18 -16.63
N ASN A 303 -8.47 55.21 -17.06
CA ASN A 303 -7.25 55.52 -17.81
C ASN A 303 -7.61 55.87 -19.26
N TYR A 304 -8.76 55.39 -19.74
CA TYR A 304 -9.21 55.69 -21.09
C TYR A 304 -9.78 57.10 -21.16
N ILE A 305 -10.65 57.46 -20.21
CA ILE A 305 -11.32 58.76 -20.22
C ILE A 305 -10.43 59.87 -19.69
N PHE A 306 -9.22 59.56 -19.24
CA PHE A 306 -8.31 60.53 -18.62
C PHE A 306 -7.91 61.65 -19.57
N PHE A 307 -7.69 61.35 -20.84
CA PHE A 307 -7.18 62.40 -21.72
C PHE A 307 -8.30 63.28 -22.30
N SER A 308 -9.45 62.66 -22.63
CA SER A 308 -10.56 63.40 -23.23
C SER A 308 -11.15 64.46 -22.30
N GLN A 309 -11.43 64.09 -21.04
CA GLN A 309 -11.94 65.08 -20.10
C GLN A 309 -11.60 64.63 -18.67
N PRO A 310 -10.80 65.42 -17.94
CA PRO A 310 -10.37 64.97 -16.60
C PRO A 310 -11.36 65.16 -15.46
N ALA A 311 -12.51 65.81 -15.70
CA ALA A 311 -13.49 65.98 -14.62
C ALA A 311 -14.20 64.66 -14.33
N ARG A 312 -14.62 63.94 -15.37
CA ARG A 312 -15.25 62.63 -15.21
C ARG A 312 -14.31 61.61 -14.56
N ALA A 313 -12.99 61.78 -14.72
CA ALA A 313 -12.02 60.91 -14.06
C ALA A 313 -12.19 60.97 -12.54
N ALA A 314 -12.08 62.18 -11.97
CA ALA A 314 -12.28 62.36 -10.54
C ALA A 314 -13.72 62.06 -10.12
N ALA A 315 -14.69 62.31 -11.00
CA ALA A 315 -16.10 61.98 -10.73
C ALA A 315 -16.28 60.49 -10.48
N ILE A 316 -15.84 59.65 -11.44
CA ILE A 316 -15.93 58.20 -11.31
C ILE A 316 -15.06 57.70 -10.16
N ASP A 317 -13.92 58.35 -9.91
CA ASP A 317 -13.05 58.00 -8.79
C ASP A 317 -13.79 58.17 -7.47
N ARG A 318 -14.37 59.35 -7.24
CA ARG A 318 -15.13 59.60 -6.02
C ARG A 318 -16.35 58.68 -5.92
N TRP A 319 -17.00 58.41 -7.06
CA TRP A 319 -18.15 57.51 -7.11
C TRP A 319 -17.76 56.10 -6.65
N SER A 320 -16.62 55.61 -7.14
CA SER A 320 -16.11 54.32 -6.70
C SER A 320 -15.75 54.34 -5.22
N ARG A 321 -15.05 55.40 -4.78
CA ARG A 321 -14.66 55.59 -3.38
C ARG A 321 -15.85 55.51 -2.43
N ILE A 322 -17.00 56.04 -2.84
CA ILE A 322 -18.16 55.99 -1.96
C ILE A 322 -18.92 54.67 -2.12
N PHE A 323 -19.03 54.13 -3.35
CA PHE A 323 -19.98 53.05 -3.57
C PHE A 323 -19.39 51.64 -3.57
N PHE A 324 -18.07 51.47 -3.58
CA PHE A 324 -17.58 50.09 -3.53
C PHE A 324 -17.57 49.45 -2.13
N PRO A 325 -17.09 50.10 -1.04
CA PRO A 325 -17.25 49.46 0.28
C PRO A 325 -18.68 49.18 0.72
N VAL A 326 -19.64 50.02 0.32
CA VAL A 326 -21.04 49.78 0.68
C VAL A 326 -21.56 48.49 0.02
N VAL A 327 -21.34 48.34 -1.30
CA VAL A 327 -21.80 47.15 -2.00
C VAL A 327 -21.05 45.91 -1.53
N PHE A 328 -19.75 46.05 -1.21
CA PHE A 328 -19.01 44.92 -0.66
C PHE A 328 -19.54 44.49 0.70
N SER A 329 -19.87 45.45 1.56
CA SER A 329 -20.46 45.14 2.86
C SER A 329 -21.84 44.54 2.72
N PHE A 330 -22.61 44.99 1.72
CA PHE A 330 -23.91 44.40 1.42
C PHE A 330 -23.79 42.94 1.04
N PHE A 331 -22.86 42.62 0.11
CA PHE A 331 -22.61 41.24 -0.28
C PHE A 331 -22.12 40.40 0.90
N ASN A 332 -21.25 40.96 1.74
CA ASN A 332 -20.72 40.24 2.89
C ASN A 332 -21.82 39.91 3.90
N ILE A 333 -22.70 40.89 4.16
CA ILE A 333 -23.82 40.71 5.09
C ILE A 333 -24.81 39.69 4.53
N VAL A 334 -25.14 39.80 3.24
CA VAL A 334 -26.08 38.87 2.61
C VAL A 334 -25.52 37.45 2.62
N TYR A 335 -24.21 37.30 2.42
CA TYR A 335 -23.58 35.97 2.43
C TYR A 335 -23.60 35.37 3.83
N TRP A 336 -23.21 36.15 4.84
CA TRP A 336 -23.19 35.64 6.21
C TRP A 336 -24.58 35.49 6.81
N LEU A 337 -25.60 36.07 6.20
CA LEU A 337 -26.97 35.86 6.64
C LEU A 337 -27.67 34.75 5.86
N TYR A 338 -27.20 34.45 4.64
CA TYR A 338 -27.77 33.37 3.87
C TYR A 338 -27.21 32.02 4.31
N TYR A 339 -25.94 31.98 4.69
CA TYR A 339 -25.34 30.69 5.05
C TYR A 339 -25.37 30.40 6.54
N VAL A 340 -25.43 31.42 7.38
CA VAL A 340 -25.50 31.21 8.82
C VAL A 340 -26.87 31.63 9.33
N ASP B 10 -35.75 -33.49 24.11
CA ASP B 10 -35.76 -34.18 22.82
C ASP B 10 -36.57 -33.41 21.79
N ASN B 11 -36.55 -32.08 21.89
CA ASN B 11 -37.22 -31.23 20.93
C ASN B 11 -36.33 -30.86 19.75
N THR B 12 -35.02 -30.79 19.96
CA THR B 12 -34.07 -30.48 18.91
C THR B 12 -33.32 -31.70 18.41
N THR B 13 -33.63 -32.89 18.94
CA THR B 13 -32.97 -34.12 18.50
C THR B 13 -33.41 -34.53 17.10
N VAL B 14 -34.66 -34.25 16.73
CA VAL B 14 -35.15 -34.60 15.40
C VAL B 14 -34.45 -33.78 14.30
N PHE B 15 -34.15 -32.51 14.55
CA PHE B 15 -33.45 -31.71 13.55
C PHE B 15 -32.00 -32.14 13.42
N THR B 16 -31.38 -32.53 14.55
CA THR B 16 -30.02 -33.07 14.51
C THR B 16 -29.97 -34.38 13.72
N ARG B 17 -31.00 -35.22 13.88
CA ARG B 17 -31.10 -36.46 13.10
C ARG B 17 -31.29 -36.18 11.62
N ILE B 18 -32.11 -35.17 11.29
CA ILE B 18 -32.31 -34.78 9.89
C ILE B 18 -31.00 -34.32 9.26
N LEU B 19 -30.27 -33.44 9.95
CA LEU B 19 -29.00 -32.94 9.42
C LEU B 19 -27.93 -34.04 9.34
N ASP B 20 -27.95 -34.99 10.27
CA ASP B 20 -26.97 -36.07 10.24
C ASP B 20 -27.27 -37.03 9.09
N ARG B 21 -28.54 -37.37 8.87
CA ARG B 21 -28.89 -38.20 7.73
C ARG B 21 -28.63 -37.45 6.42
N LEU B 22 -28.74 -36.12 6.46
CA LEU B 22 -28.52 -35.29 5.27
C LEU B 22 -27.05 -35.31 4.85
N LEU B 23 -26.14 -35.32 5.83
CA LEU B 23 -24.71 -35.28 5.53
C LEU B 23 -24.05 -36.65 5.58
N ASP B 24 -24.83 -37.73 5.68
CA ASP B 24 -24.30 -39.07 5.76
C ASP B 24 -24.22 -39.67 4.36
N GLY B 25 -23.01 -39.78 3.83
CA GLY B 25 -22.81 -40.19 2.46
C GLY B 25 -22.65 -39.09 1.44
N TYR B 26 -22.08 -37.95 1.82
CA TYR B 26 -21.99 -36.79 0.95
C TYR B 26 -20.52 -36.49 0.70
N ASP B 27 -20.17 -36.33 -0.58
CA ASP B 27 -18.82 -35.99 -1.01
C ASP B 27 -18.85 -34.58 -1.58
N ASN B 28 -18.24 -33.63 -0.87
CA ASN B 28 -18.23 -32.24 -1.30
C ASN B 28 -17.14 -31.92 -2.32
N ARG B 29 -16.53 -32.92 -2.94
CA ARG B 29 -15.58 -32.73 -4.02
C ARG B 29 -16.18 -33.02 -5.40
N LEU B 30 -17.42 -33.48 -5.44
CA LEU B 30 -18.09 -33.91 -6.66
C LEU B 30 -19.32 -33.03 -6.87
N ARG B 31 -19.41 -32.40 -8.04
CA ARG B 31 -20.55 -31.56 -8.35
C ARG B 31 -21.80 -32.43 -8.57
N PRO B 32 -23.00 -31.88 -8.34
CA PRO B 32 -24.23 -32.65 -8.57
C PRO B 32 -24.43 -33.00 -10.04
N GLY B 33 -24.48 -34.29 -10.33
CA GLY B 33 -24.59 -34.73 -11.70
C GLY B 33 -23.25 -34.71 -12.42
N LEU B 34 -22.29 -35.48 -11.90
CA LEU B 34 -20.92 -35.36 -12.40
C LEU B 34 -20.78 -36.00 -13.77
N GLY B 35 -21.49 -37.09 -14.02
CA GLY B 35 -21.44 -37.74 -15.30
C GLY B 35 -22.82 -38.00 -15.86
N GLU B 36 -23.81 -37.27 -15.36
CA GLU B 36 -25.21 -37.52 -15.67
C GLU B 36 -25.93 -36.33 -16.26
N ARG B 37 -25.56 -35.11 -15.89
CA ARG B 37 -26.33 -33.93 -16.23
C ARG B 37 -25.39 -32.73 -16.25
N VAL B 38 -25.93 -31.55 -16.53
CA VAL B 38 -25.18 -30.31 -16.49
C VAL B 38 -25.75 -29.47 -15.36
N THR B 39 -24.87 -28.85 -14.57
CA THR B 39 -25.30 -28.08 -13.42
C THR B 39 -25.77 -26.70 -13.88
N GLU B 40 -26.98 -26.33 -13.47
CA GLU B 40 -27.61 -25.08 -13.85
C GLU B 40 -27.57 -24.15 -12.65
N VAL B 41 -26.86 -23.04 -12.77
CA VAL B 41 -26.72 -22.06 -11.70
C VAL B 41 -27.47 -20.80 -12.09
N LYS B 42 -28.34 -20.32 -11.20
CA LYS B 42 -29.14 -19.13 -11.43
C LYS B 42 -28.61 -17.99 -10.59
N THR B 43 -28.16 -16.93 -11.25
CA THR B 43 -27.44 -15.85 -10.58
C THR B 43 -28.35 -14.63 -10.42
N ASP B 44 -28.03 -13.79 -9.43
CA ASP B 44 -28.75 -12.56 -9.16
C ASP B 44 -27.80 -11.63 -8.43
N ILE B 45 -27.92 -10.32 -8.69
CA ILE B 45 -27.06 -9.31 -8.07
C ILE B 45 -27.94 -8.18 -7.56
N PHE B 46 -27.78 -7.83 -6.28
CA PHE B 46 -28.42 -6.65 -5.69
C PHE B 46 -27.33 -5.71 -5.23
N VAL B 47 -27.17 -4.59 -5.93
CA VAL B 47 -26.11 -3.62 -5.61
C VAL B 47 -26.59 -2.74 -4.46
N THR B 48 -25.88 -2.79 -3.34
CA THR B 48 -26.26 -1.97 -2.19
C THR B 48 -25.62 -0.59 -2.19
N SER B 49 -24.51 -0.41 -2.90
CA SER B 49 -23.86 0.89 -3.08
C SER B 49 -22.84 0.83 -4.21
N PHE B 50 -22.93 1.77 -5.15
CA PHE B 50 -21.96 1.89 -6.24
C PHE B 50 -20.88 2.86 -5.79
N GLY B 51 -19.71 2.33 -5.43
CA GLY B 51 -18.67 3.11 -4.81
C GLY B 51 -18.00 4.14 -5.70
N PRO B 52 -16.94 4.78 -5.19
CA PRO B 52 -16.28 5.84 -5.95
C PRO B 52 -15.49 5.30 -7.12
N VAL B 53 -15.47 6.06 -8.21
CA VAL B 53 -14.74 5.71 -9.42
C VAL B 53 -13.42 6.47 -9.44
N SER B 54 -12.32 5.73 -9.33
CA SER B 54 -10.99 6.32 -9.35
C SER B 54 -10.53 6.47 -10.79
N ASP B 55 -10.13 7.68 -11.17
CA ASP B 55 -9.79 7.92 -12.57
C ASP B 55 -8.32 7.70 -12.88
N HIS B 56 -7.43 7.80 -11.88
CA HIS B 56 -6.01 7.59 -12.13
C HIS B 56 -5.62 6.13 -12.12
N ASP B 57 -6.42 5.27 -11.50
CA ASP B 57 -6.16 3.84 -11.50
C ASP B 57 -7.02 3.09 -12.52
N MET B 58 -8.00 3.78 -13.12
CA MET B 58 -8.97 3.23 -14.06
C MET B 58 -9.72 2.04 -13.44
N GLU B 59 -10.36 2.31 -12.31
CA GLU B 59 -11.05 1.28 -11.55
C GLU B 59 -12.29 1.88 -10.91
N TYR B 60 -13.09 1.02 -10.30
CA TYR B 60 -14.27 1.44 -9.56
C TYR B 60 -14.55 0.39 -8.48
N THR B 61 -15.38 0.78 -7.52
CA THR B 61 -15.73 -0.08 -6.40
C THR B 61 -17.23 -0.31 -6.43
N ILE B 62 -17.65 -1.50 -6.00
CA ILE B 62 -19.07 -1.85 -5.97
C ILE B 62 -19.29 -2.79 -4.79
N ASP B 63 -20.48 -2.71 -4.20
CA ASP B 63 -20.86 -3.52 -3.05
C ASP B 63 -22.15 -4.23 -3.41
N VAL B 64 -22.15 -5.56 -3.35
CA VAL B 64 -23.22 -6.36 -3.92
C VAL B 64 -23.65 -7.45 -2.94
N PHE B 65 -24.93 -7.80 -3.01
CA PHE B 65 -25.42 -9.09 -2.57
C PHE B 65 -25.43 -10.04 -3.76
N PHE B 66 -24.62 -11.08 -3.71
CA PHE B 66 -24.45 -12.00 -4.83
C PHE B 66 -25.16 -13.30 -4.50
N ARG B 67 -26.21 -13.63 -5.26
CA ARG B 67 -27.05 -14.78 -4.98
C ARG B 67 -26.88 -15.83 -6.07
N GLN B 68 -26.77 -17.09 -5.66
CA GLN B 68 -26.64 -18.21 -6.59
C GLN B 68 -27.57 -19.33 -6.15
N SER B 69 -28.35 -19.85 -7.09
CA SER B 69 -29.25 -20.97 -6.84
C SER B 69 -28.95 -22.10 -7.81
N TRP B 70 -29.04 -23.33 -7.31
CA TRP B 70 -28.87 -24.52 -8.13
C TRP B 70 -29.62 -25.66 -7.47
N LYS B 71 -29.50 -26.85 -8.06
CA LYS B 71 -30.30 -28.00 -7.63
C LYS B 71 -29.37 -29.18 -7.37
N ASP B 72 -29.41 -29.70 -6.15
CA ASP B 72 -28.62 -30.87 -5.76
C ASP B 72 -29.59 -31.94 -5.28
N GLU B 73 -29.67 -33.04 -6.02
CA GLU B 73 -30.58 -34.14 -5.68
C GLU B 73 -30.13 -34.95 -4.47
N ARG B 74 -28.92 -34.73 -3.96
CA ARG B 74 -28.43 -35.46 -2.79
C ARG B 74 -28.88 -34.86 -1.47
N LEU B 75 -29.45 -33.66 -1.48
CA LEU B 75 -29.83 -32.95 -0.27
C LEU B 75 -31.35 -32.89 -0.09
N LYS B 76 -32.06 -33.92 -0.54
CA LYS B 76 -33.48 -34.02 -0.28
C LYS B 76 -33.70 -34.53 1.13
N PHE B 77 -34.66 -33.93 1.82
CA PHE B 77 -35.04 -34.35 3.16
C PHE B 77 -36.56 -34.32 3.27
N LYS B 78 -37.07 -34.70 4.44
CA LYS B 78 -38.51 -34.71 4.69
C LYS B 78 -38.73 -34.54 6.18
N GLY B 79 -39.29 -33.40 6.57
CA GLY B 79 -39.52 -33.10 7.96
C GLY B 79 -40.65 -32.11 8.18
N PRO B 80 -40.84 -31.67 9.43
CA PRO B 80 -41.92 -30.70 9.72
C PRO B 80 -41.73 -29.32 9.12
N MET B 81 -40.55 -28.98 8.61
CA MET B 81 -40.33 -27.70 7.96
C MET B 81 -40.00 -27.91 6.48
N THR B 82 -40.39 -26.94 5.66
CA THR B 82 -40.14 -27.02 4.23
C THR B 82 -38.89 -26.29 3.78
N VAL B 83 -38.36 -25.39 4.60
CA VAL B 83 -37.10 -24.69 4.29
C VAL B 83 -36.27 -24.64 5.56
N LEU B 84 -35.01 -25.08 5.46
CA LEU B 84 -34.04 -24.99 6.54
C LEU B 84 -33.18 -23.75 6.33
N ARG B 85 -33.28 -22.78 7.24
CA ARG B 85 -32.42 -21.60 7.15
C ARG B 85 -31.21 -21.86 8.03
N LEU B 86 -30.16 -22.39 7.42
CA LEU B 86 -29.02 -22.89 8.16
C LEU B 86 -27.95 -21.82 8.31
N ASN B 87 -26.86 -22.19 8.99
CA ASN B 87 -25.78 -21.26 9.32
C ASN B 87 -24.87 -21.04 8.11
N ASN B 88 -23.75 -20.38 8.34
CA ASN B 88 -22.72 -20.19 7.33
C ASN B 88 -21.60 -21.21 7.45
N LEU B 89 -21.74 -22.20 8.33
CA LEU B 89 -20.78 -23.28 8.45
C LEU B 89 -21.26 -24.57 7.80
N MET B 90 -22.56 -24.68 7.49
CA MET B 90 -23.02 -25.80 6.68
C MET B 90 -22.64 -25.63 5.22
N ALA B 91 -22.42 -24.39 4.78
CA ALA B 91 -22.04 -24.11 3.40
C ALA B 91 -20.63 -24.61 3.08
N SER B 92 -19.78 -24.73 4.09
CA SER B 92 -18.43 -25.26 3.91
C SER B 92 -18.38 -26.78 3.93
N LYS B 93 -19.52 -27.44 4.16
CA LYS B 93 -19.60 -28.90 4.17
C LYS B 93 -20.36 -29.45 2.98
N ILE B 94 -20.76 -28.60 2.04
CA ILE B 94 -21.47 -29.01 0.83
C ILE B 94 -20.73 -28.43 -0.36
N TRP B 95 -21.15 -28.84 -1.56
CA TRP B 95 -20.55 -28.33 -2.78
C TRP B 95 -21.15 -26.98 -3.12
N THR B 96 -20.30 -25.99 -3.32
CA THR B 96 -20.70 -24.66 -3.77
C THR B 96 -19.92 -24.29 -5.02
N PRO B 97 -20.51 -23.53 -5.94
CA PRO B 97 -19.81 -23.22 -7.19
C PRO B 97 -18.69 -22.22 -6.95
N ASP B 98 -17.66 -22.32 -7.78
CA ASP B 98 -16.48 -21.47 -7.68
C ASP B 98 -16.55 -20.34 -8.68
N THR B 99 -17.39 -19.35 -8.37
CA THR B 99 -17.56 -18.18 -9.22
C THR B 99 -16.46 -17.18 -8.92
N PHE B 100 -15.82 -16.64 -9.96
CA PHE B 100 -14.85 -15.57 -9.79
C PHE B 100 -15.16 -14.47 -10.78
N PHE B 101 -14.55 -13.30 -10.56
CA PHE B 101 -14.76 -12.13 -11.39
C PHE B 101 -13.55 -11.96 -12.31
N HIS B 102 -13.79 -12.00 -13.63
CA HIS B 102 -12.70 -12.00 -14.61
C HIS B 102 -11.85 -10.74 -14.55
N ASN B 103 -12.45 -9.59 -14.22
CA ASN B 103 -11.72 -8.33 -14.21
C ASN B 103 -11.62 -7.73 -12.81
N GLY B 104 -11.68 -8.56 -11.78
CA GLY B 104 -11.51 -8.06 -10.43
C GLY B 104 -10.05 -7.89 -10.05
N LYS B 105 -9.80 -6.85 -9.25
CA LYS B 105 -8.44 -6.53 -8.81
C LYS B 105 -8.16 -6.99 -7.39
N LYS B 106 -8.94 -6.53 -6.43
CA LYS B 106 -8.76 -6.96 -5.04
C LYS B 106 -10.12 -6.88 -4.34
N SER B 107 -10.81 -8.00 -4.29
CA SER B 107 -12.11 -8.06 -3.65
C SER B 107 -11.98 -8.63 -2.25
N VAL B 108 -12.99 -8.35 -1.42
CA VAL B 108 -13.02 -8.84 -0.04
C VAL B 108 -14.41 -9.40 0.23
N ALA B 109 -14.47 -10.54 0.90
CA ALA B 109 -15.72 -11.11 1.40
C ALA B 109 -15.76 -10.88 2.90
N HIS B 110 -16.71 -10.04 3.34
CA HIS B 110 -16.75 -9.59 4.73
C HIS B 110 -17.13 -10.72 5.68
N ASN B 111 -16.50 -10.73 6.85
CA ASN B 111 -16.78 -11.73 7.88
C ASN B 111 -16.88 -11.06 9.25
N MET B 112 -17.62 -9.96 9.31
CA MET B 112 -17.90 -9.26 10.56
C MET B 112 -19.40 -9.27 10.79
N THR B 113 -19.84 -9.80 11.94
CA THR B 113 -19.00 -10.34 13.00
C THR B 113 -18.74 -11.82 12.78
N MET B 114 -19.56 -12.41 11.93
CA MET B 114 -19.44 -13.77 11.44
C MET B 114 -19.41 -13.71 9.92
N PRO B 115 -18.94 -14.80 9.23
CA PRO B 115 -19.00 -14.81 7.75
C PRO B 115 -20.38 -14.54 7.19
N ASN B 116 -20.50 -13.45 6.44
CA ASN B 116 -21.79 -13.00 5.89
C ASN B 116 -22.20 -13.89 4.73
N LYS B 117 -22.75 -15.05 5.08
CA LYS B 117 -23.22 -16.03 4.10
C LYS B 117 -24.54 -16.60 4.58
N LEU B 118 -25.35 -17.04 3.63
CA LEU B 118 -26.72 -17.47 3.88
C LEU B 118 -26.97 -18.73 3.09
N LEU B 119 -27.54 -19.74 3.73
CA LEU B 119 -27.88 -20.99 3.06
C LEU B 119 -29.30 -21.39 3.41
N ARG B 120 -30.11 -21.63 2.37
CA ARG B 120 -31.47 -22.10 2.53
C ARG B 120 -31.66 -23.32 1.65
N ILE B 121 -32.12 -24.42 2.24
CA ILE B 121 -32.37 -25.66 1.53
C ILE B 121 -33.86 -25.90 1.49
N THR B 122 -34.40 -26.15 0.31
CA THR B 122 -35.81 -26.45 0.11
C THR B 122 -35.94 -27.97 0.04
N GLU B 123 -37.11 -28.49 0.46
CA GLU B 123 -37.31 -29.92 0.65
C GLU B 123 -37.17 -30.74 -0.63
N ASP B 124 -37.21 -30.13 -1.80
CA ASP B 124 -37.00 -30.86 -3.05
C ASP B 124 -35.55 -30.85 -3.50
N GLY B 125 -34.67 -30.16 -2.79
CA GLY B 125 -33.26 -30.17 -3.09
C GLY B 125 -32.67 -28.88 -3.63
N THR B 126 -33.45 -27.80 -3.70
CA THR B 126 -32.96 -26.55 -4.25
C THR B 126 -32.27 -25.74 -3.16
N LEU B 127 -31.08 -25.22 -3.48
CA LEU B 127 -30.29 -24.45 -2.53
C LEU B 127 -30.17 -23.00 -2.98
N LEU B 128 -30.29 -22.08 -2.03
CA LEU B 128 -30.01 -20.66 -2.24
C LEU B 128 -28.80 -20.27 -1.41
N TYR B 129 -27.78 -19.71 -2.05
CA TYR B 129 -26.51 -19.40 -1.40
C TYR B 129 -26.16 -17.96 -1.73
N THR B 130 -26.09 -17.12 -0.70
CA THR B 130 -25.92 -15.68 -0.86
C THR B 130 -24.68 -15.21 -0.12
N MET B 131 -23.95 -14.26 -0.71
CA MET B 131 -22.76 -13.69 -0.10
C MET B 131 -22.86 -12.18 -0.17
N ARG B 132 -22.15 -11.52 0.75
CA ARG B 132 -22.01 -10.06 0.72
C ARG B 132 -20.54 -9.75 0.57
N LEU B 133 -20.20 -9.01 -0.48
CA LEU B 133 -18.81 -8.81 -0.85
C LEU B 133 -18.65 -7.48 -1.59
N THR B 134 -17.45 -6.93 -1.49
CA THR B 134 -17.09 -5.68 -2.16
C THR B 134 -16.09 -6.00 -3.26
N VAL B 135 -16.43 -5.61 -4.49
CA VAL B 135 -15.61 -5.92 -5.66
C VAL B 135 -14.97 -4.64 -6.16
N ARG B 136 -13.67 -4.71 -6.47
CA ARG B 136 -12.93 -3.61 -7.07
C ARG B 136 -12.49 -4.05 -8.45
N ALA B 137 -13.13 -3.51 -9.49
CA ALA B 137 -12.99 -4.00 -10.85
C ALA B 137 -12.32 -2.95 -11.73
N GLU B 138 -11.86 -3.39 -12.89
CA GLU B 138 -11.19 -2.50 -13.84
C GLU B 138 -12.19 -1.92 -14.82
N CYS B 139 -12.03 -0.63 -15.13
CA CYS B 139 -12.87 0.06 -16.09
C CYS B 139 -11.95 0.81 -17.05
N PRO B 140 -11.61 0.21 -18.19
CA PRO B 140 -10.78 0.90 -19.18
C PRO B 140 -11.53 2.05 -19.86
N MET B 141 -11.00 3.26 -19.69
CA MET B 141 -11.67 4.46 -20.17
C MET B 141 -10.90 5.03 -21.35
N HIS B 142 -11.63 5.67 -22.26
CA HIS B 142 -11.04 6.38 -23.39
C HIS B 142 -11.40 7.85 -23.17
N LEU B 143 -10.39 8.69 -22.93
CA LEU B 143 -10.59 10.06 -22.44
C LEU B 143 -10.41 11.16 -23.49
N GLU B 144 -10.87 10.95 -24.72
CA GLU B 144 -10.81 12.02 -25.73
C GLU B 144 -11.65 13.23 -25.35
N ASP B 145 -12.86 12.99 -24.84
CA ASP B 145 -13.83 14.05 -24.60
C ASP B 145 -13.85 14.54 -23.17
N PHE B 146 -12.78 14.31 -22.41
CA PHE B 146 -12.69 14.79 -21.03
C PHE B 146 -12.81 16.32 -20.99
N PRO B 147 -13.65 16.88 -20.12
CA PRO B 147 -14.50 16.26 -19.11
C PRO B 147 -15.99 16.15 -19.48
N MET B 148 -16.28 15.72 -20.70
CA MET B 148 -17.65 15.52 -21.16
C MET B 148 -17.81 14.14 -21.76
N ASP B 149 -17.32 13.14 -21.04
CA ASP B 149 -17.21 11.78 -21.54
C ASP B 149 -18.21 10.86 -20.85
N ALA B 150 -18.63 9.83 -21.56
CA ALA B 150 -19.53 8.81 -21.05
C ALA B 150 -18.88 7.45 -21.19
N HIS B 151 -18.99 6.62 -20.16
CA HIS B 151 -18.29 5.34 -20.10
C HIS B 151 -19.30 4.22 -19.88
N ALA B 152 -18.82 3.00 -20.09
CA ALA B 152 -19.58 1.78 -19.81
C ALA B 152 -18.64 0.87 -19.02
N CYS B 153 -18.72 0.94 -17.70
CA CYS B 153 -17.82 0.15 -16.89
C CYS B 153 -18.33 -1.29 -16.81
N PRO B 154 -17.50 -2.29 -17.10
CA PRO B 154 -17.99 -3.66 -17.15
C PRO B 154 -17.81 -4.38 -15.83
N LEU B 155 -18.48 -5.53 -15.73
CA LEU B 155 -18.33 -6.41 -14.57
C LEU B 155 -18.64 -7.82 -15.10
N LYS B 156 -17.60 -8.60 -15.35
CA LYS B 156 -17.74 -9.93 -15.94
C LYS B 156 -17.38 -10.98 -14.91
N PHE B 157 -18.24 -11.99 -14.79
CA PHE B 157 -17.95 -13.11 -13.90
C PHE B 157 -18.29 -14.42 -14.58
N GLY B 158 -17.76 -15.49 -14.01
CA GLY B 158 -17.98 -16.81 -14.55
C GLY B 158 -17.39 -17.85 -13.62
N SER B 159 -17.26 -19.07 -14.11
CA SER B 159 -16.75 -20.16 -13.29
C SER B 159 -15.30 -20.47 -13.61
N TYR B 160 -14.51 -20.65 -12.55
CA TYR B 160 -13.13 -21.11 -12.64
C TYR B 160 -13.13 -22.63 -12.60
N ALA B 161 -12.50 -23.26 -13.61
CA ALA B 161 -12.21 -24.68 -13.79
C ALA B 161 -13.38 -25.53 -14.27
N TYR B 162 -14.59 -24.99 -14.38
CA TYR B 162 -15.73 -25.76 -14.86
C TYR B 162 -16.12 -25.22 -16.23
N THR B 163 -15.94 -26.04 -17.26
CA THR B 163 -16.15 -25.61 -18.64
C THR B 163 -17.66 -25.59 -18.96
N ARG B 164 -17.98 -25.39 -20.24
CA ARG B 164 -19.37 -25.24 -20.64
C ARG B 164 -20.12 -26.56 -20.59
N ALA B 165 -19.42 -27.68 -20.73
CA ALA B 165 -20.06 -28.99 -20.66
C ALA B 165 -20.28 -29.47 -19.23
N GLU B 166 -19.92 -28.68 -18.22
CA GLU B 166 -20.09 -29.08 -16.82
C GLU B 166 -20.97 -28.12 -16.04
N VAL B 167 -20.72 -26.80 -16.12
CA VAL B 167 -21.49 -25.82 -15.35
C VAL B 167 -21.81 -24.64 -16.27
N VAL B 168 -23.09 -24.30 -16.36
CA VAL B 168 -23.56 -23.15 -17.14
C VAL B 168 -24.34 -22.23 -16.22
N TYR B 169 -24.24 -20.93 -16.49
CA TYR B 169 -24.89 -19.90 -15.69
C TYR B 169 -26.13 -19.38 -16.40
N GLU B 170 -26.95 -18.67 -15.64
CA GLU B 170 -28.20 -18.10 -16.15
C GLU B 170 -28.67 -17.06 -15.15
N TRP B 171 -29.44 -16.08 -15.62
CA TRP B 171 -30.07 -15.12 -14.73
C TRP B 171 -31.36 -15.72 -14.19
N THR B 172 -31.68 -15.42 -12.92
CA THR B 172 -32.84 -16.08 -12.31
C THR B 172 -34.16 -15.41 -12.68
N ARG B 173 -34.15 -14.10 -12.94
CA ARG B 173 -35.32 -13.41 -13.43
C ARG B 173 -35.04 -12.93 -14.84
N GLU B 174 -36.00 -12.17 -15.39
CA GLU B 174 -35.83 -11.52 -16.68
C GLU B 174 -34.54 -10.69 -16.69
N PRO B 175 -33.72 -10.77 -17.73
CA PRO B 175 -32.43 -10.06 -17.77
C PRO B 175 -32.49 -8.55 -17.52
N ALA B 176 -33.58 -7.90 -17.89
CA ALA B 176 -33.72 -6.47 -17.59
C ALA B 176 -34.06 -6.21 -16.14
N ARG B 177 -34.43 -7.24 -15.37
CA ARG B 177 -34.85 -7.06 -13.98
C ARG B 177 -34.01 -7.89 -13.02
N SER B 178 -32.82 -8.30 -13.44
CA SER B 178 -31.99 -9.14 -12.57
C SER B 178 -31.01 -8.32 -11.73
N VAL B 179 -30.16 -7.54 -12.38
CA VAL B 179 -29.25 -6.65 -11.65
C VAL B 179 -30.04 -5.44 -11.20
N VAL B 180 -30.27 -5.33 -9.89
CA VAL B 180 -31.10 -4.28 -9.29
C VAL B 180 -30.22 -3.41 -8.40
N VAL B 181 -30.24 -2.11 -8.65
CA VAL B 181 -29.45 -1.16 -7.88
C VAL B 181 -30.38 -0.47 -6.87
N ALA B 182 -29.91 -0.35 -5.63
CA ALA B 182 -30.68 0.34 -4.61
C ALA B 182 -30.77 1.83 -4.90
N GLU B 183 -31.71 2.50 -4.21
CA GLU B 183 -31.94 3.91 -4.47
C GLU B 183 -30.92 4.79 -3.74
N ASP B 184 -30.71 4.55 -2.45
CA ASP B 184 -29.72 5.30 -1.69
C ASP B 184 -28.29 4.84 -1.93
N GLY B 185 -28.09 3.78 -2.70
CA GLY B 185 -26.76 3.27 -2.96
C GLY B 185 -26.05 3.96 -4.09
N SER B 186 -25.54 5.16 -3.85
CA SER B 186 -24.75 5.88 -4.84
C SER B 186 -23.76 6.74 -4.10
N ARG B 187 -22.49 6.33 -4.09
CA ARG B 187 -21.41 7.10 -3.50
C ARG B 187 -20.59 7.84 -4.56
N LEU B 188 -21.23 8.25 -5.65
CA LEU B 188 -20.56 8.92 -6.74
C LEU B 188 -20.57 10.43 -6.51
N ASN B 189 -19.38 11.03 -6.48
CA ASN B 189 -19.26 12.48 -6.38
C ASN B 189 -19.16 13.13 -7.76
N GLN B 190 -18.48 12.49 -8.69
CA GLN B 190 -18.09 13.11 -9.95
C GLN B 190 -18.88 12.61 -11.14
N TYR B 191 -19.53 11.44 -11.05
CA TYR B 191 -20.21 10.83 -12.18
C TYR B 191 -21.71 10.75 -11.90
N ASP B 192 -22.43 10.16 -12.84
CA ASP B 192 -23.88 9.98 -12.73
C ASP B 192 -24.25 8.64 -13.35
N LEU B 193 -24.86 7.76 -12.54
CA LEU B 193 -25.24 6.44 -13.04
C LEU B 193 -26.57 6.52 -13.77
N LEU B 194 -26.57 6.17 -15.05
CA LEU B 194 -27.76 6.31 -15.88
C LEU B 194 -28.61 5.04 -15.87
N GLY B 195 -27.99 3.88 -16.04
CA GLY B 195 -28.74 2.63 -16.07
C GLY B 195 -27.79 1.45 -16.09
N GLN B 196 -28.37 0.26 -16.21
CA GLN B 196 -27.60 -0.96 -16.26
C GLN B 196 -27.89 -1.69 -17.56
N THR B 197 -27.06 -2.69 -17.85
CA THR B 197 -27.15 -3.43 -19.11
C THR B 197 -26.45 -4.75 -18.89
N VAL B 198 -27.18 -5.86 -19.00
CA VAL B 198 -26.63 -7.16 -18.77
C VAL B 198 -26.35 -7.80 -20.12
N ASP B 199 -25.55 -8.87 -20.11
CA ASP B 199 -25.21 -9.58 -21.34
C ASP B 199 -24.67 -10.95 -20.96
N SER B 200 -24.66 -11.85 -21.94
CA SER B 200 -24.17 -13.21 -21.74
C SER B 200 -23.37 -13.66 -22.95
N GLY B 201 -22.27 -14.37 -22.71
CA GLY B 201 -21.46 -14.85 -23.81
C GLY B 201 -20.63 -16.05 -23.41
N ILE B 202 -19.77 -16.46 -24.34
CA ILE B 202 -18.88 -17.60 -24.19
C ILE B 202 -17.49 -17.16 -24.59
N VAL B 203 -16.57 -17.10 -23.63
CA VAL B 203 -15.18 -16.82 -23.94
C VAL B 203 -14.45 -18.15 -24.06
N GLN B 204 -13.29 -18.11 -24.72
CA GLN B 204 -12.49 -19.29 -24.97
C GLN B 204 -11.05 -19.01 -24.58
N SER B 205 -10.52 -19.81 -23.67
CA SER B 205 -9.16 -19.66 -23.17
C SER B 205 -8.44 -20.99 -23.33
N SER B 206 -7.17 -21.01 -22.90
CA SER B 206 -6.26 -22.14 -23.06
C SER B 206 -6.66 -23.43 -22.35
N THR B 207 -7.77 -23.42 -21.58
CA THR B 207 -8.24 -24.60 -20.89
C THR B 207 -9.63 -25.03 -21.38
N GLY B 208 -10.25 -24.26 -22.26
CA GLY B 208 -11.52 -24.61 -22.85
C GLY B 208 -12.41 -23.41 -22.96
N GLU B 209 -13.70 -23.65 -23.21
CA GLU B 209 -14.69 -22.60 -23.35
C GLU B 209 -15.51 -22.46 -22.07
N TYR B 210 -15.61 -21.24 -21.55
CA TYR B 210 -16.31 -20.96 -20.32
C TYR B 210 -17.45 -19.98 -20.58
N VAL B 211 -18.49 -20.06 -19.76
CA VAL B 211 -19.60 -19.12 -19.82
C VAL B 211 -19.26 -17.89 -18.98
N VAL B 212 -19.53 -16.71 -19.53
CA VAL B 212 -19.24 -15.43 -18.87
C VAL B 212 -20.50 -14.58 -18.88
N MET B 213 -20.88 -14.10 -17.71
CA MET B 213 -22.02 -13.20 -17.54
C MET B 213 -21.51 -11.78 -17.40
N THR B 214 -21.96 -10.89 -18.26
CA THR B 214 -21.46 -9.53 -18.31
C THR B 214 -22.53 -8.55 -17.83
N THR B 215 -22.11 -7.52 -17.11
CA THR B 215 -22.96 -6.41 -16.71
C THR B 215 -22.24 -5.12 -17.06
N HIS B 216 -22.98 -4.13 -17.56
CA HIS B 216 -22.42 -2.82 -17.90
C HIS B 216 -23.15 -1.73 -17.13
N PHE B 217 -22.39 -0.88 -16.44
CA PHE B 217 -22.93 0.30 -15.78
C PHE B 217 -22.51 1.54 -16.57
N HIS B 218 -23.48 2.35 -16.98
CA HIS B 218 -23.22 3.51 -17.83
C HIS B 218 -23.09 4.76 -16.98
N LEU B 219 -21.92 5.40 -17.05
CA LEU B 219 -21.63 6.58 -16.23
C LEU B 219 -21.44 7.78 -17.14
N LYS B 220 -21.86 8.94 -16.64
CA LYS B 220 -21.73 10.21 -17.38
C LYS B 220 -21.15 11.26 -16.44
N ARG B 221 -19.99 11.80 -16.79
CA ARG B 221 -19.28 12.73 -15.92
C ARG B 221 -20.03 14.06 -15.83
N LYS B 222 -19.94 14.70 -14.67
CA LYS B 222 -20.55 16.01 -14.44
C LYS B 222 -19.52 17.11 -14.64
N ILE B 223 -19.92 18.14 -15.40
CA ILE B 223 -18.97 19.15 -15.84
C ILE B 223 -18.92 20.35 -14.88
N GLY B 224 -19.90 20.49 -13.99
CA GLY B 224 -20.05 21.65 -13.11
C GLY B 224 -18.88 22.05 -12.22
N TYR B 225 -17.92 21.15 -12.02
CA TYR B 225 -16.73 21.46 -11.24
C TYR B 225 -15.60 21.97 -12.12
N PHE B 226 -15.36 21.28 -13.24
CA PHE B 226 -14.28 21.65 -14.15
C PHE B 226 -14.53 22.98 -14.84
N VAL B 227 -15.81 23.36 -15.04
CA VAL B 227 -16.15 24.69 -15.57
C VAL B 227 -15.55 25.78 -14.69
N ILE B 228 -16.00 25.85 -13.44
CA ILE B 228 -15.53 26.86 -12.47
C ILE B 228 -14.05 26.69 -12.18
N GLN B 229 -13.52 25.45 -12.24
CA GLN B 229 -12.12 25.21 -11.93
C GLN B 229 -11.19 25.74 -13.02
N THR B 230 -11.47 25.43 -14.28
CA THR B 230 -10.51 25.72 -15.33
C THR B 230 -11.07 26.58 -16.45
N TYR B 231 -12.31 26.34 -16.88
CA TYR B 231 -12.78 26.99 -18.09
C TYR B 231 -13.12 28.46 -17.85
N LEU B 232 -13.64 28.81 -16.68
CA LEU B 232 -13.95 30.21 -16.39
C LEU B 232 -12.75 31.09 -16.00
N PRO B 233 -11.78 30.66 -15.16
CA PRO B 233 -10.56 31.48 -14.98
C PRO B 233 -9.77 31.75 -16.24
N CYS B 234 -9.73 30.76 -17.15
CA CYS B 234 -8.99 30.92 -18.39
C CYS B 234 -9.62 31.98 -19.30
N ILE B 235 -10.96 31.95 -19.42
CA ILE B 235 -11.67 32.96 -20.22
C ILE B 235 -11.55 34.33 -19.56
N MET B 236 -11.57 34.38 -18.22
CA MET B 236 -11.38 35.64 -17.51
C MET B 236 -9.98 36.20 -17.76
N THR B 237 -8.96 35.35 -17.81
CA THR B 237 -7.60 35.79 -18.11
C THR B 237 -7.49 36.30 -19.53
N VAL B 238 -8.19 35.65 -20.47
CA VAL B 238 -8.19 36.10 -21.86
C VAL B 238 -8.87 37.47 -21.99
N ILE B 239 -9.99 37.66 -21.28
CA ILE B 239 -10.69 38.95 -21.28
C ILE B 239 -9.81 40.03 -20.67
N LEU B 240 -9.09 39.68 -19.60
CA LEU B 240 -8.18 40.64 -18.96
C LEU B 240 -7.01 40.96 -19.88
N SER B 241 -6.64 40.04 -20.76
CA SER B 241 -5.60 40.33 -21.74
C SER B 241 -6.12 41.25 -22.84
N GLN B 242 -7.39 41.09 -23.21
CA GLN B 242 -7.96 41.96 -24.24
C GLN B 242 -8.33 43.33 -23.68
N VAL B 243 -8.35 43.47 -22.36
CA VAL B 243 -8.53 44.78 -21.73
C VAL B 243 -7.42 45.74 -22.15
N SER B 244 -6.20 45.23 -22.33
CA SER B 244 -5.00 46.02 -22.63
C SER B 244 -5.09 46.81 -23.92
N PHE B 245 -5.98 46.44 -24.84
CA PHE B 245 -6.12 47.10 -26.13
C PHE B 245 -6.74 48.48 -26.04
N TRP B 246 -7.27 48.86 -24.87
CA TRP B 246 -7.91 50.15 -24.68
C TRP B 246 -7.03 51.15 -23.94
N LEU B 247 -5.81 50.78 -23.57
CA LEU B 247 -4.92 51.71 -22.90
C LEU B 247 -4.08 52.49 -23.90
N ASN B 248 -3.61 53.66 -23.48
CA ASN B 248 -2.81 54.53 -24.33
C ASN B 248 -1.34 54.08 -24.35
N ARG B 249 -0.75 54.12 -25.55
CA ARG B 249 0.61 53.64 -25.78
C ARG B 249 1.71 54.42 -25.06
N GLU B 250 1.44 55.60 -24.50
CA GLU B 250 2.47 56.34 -23.78
C GLU B 250 2.90 55.71 -22.46
N SER B 251 2.25 54.64 -22.01
CA SER B 251 2.67 53.92 -20.80
C SER B 251 3.09 52.53 -21.23
N VAL B 252 4.37 52.40 -21.59
CA VAL B 252 4.97 51.15 -22.07
C VAL B 252 5.23 50.13 -20.95
N PRO B 253 5.84 50.45 -19.78
CA PRO B 253 5.98 49.40 -18.74
C PRO B 253 4.68 48.78 -18.25
N ALA B 254 3.59 49.56 -18.21
CA ALA B 254 2.29 49.05 -17.77
C ALA B 254 1.81 47.92 -18.68
N ARG B 255 1.75 48.18 -19.99
CA ARG B 255 1.30 47.16 -20.94
C ARG B 255 2.30 46.02 -21.06
N THR B 256 3.58 46.30 -20.83
CA THR B 256 4.60 45.24 -20.82
C THR B 256 4.33 44.27 -19.68
N VAL B 257 4.12 44.82 -18.47
CA VAL B 257 3.86 44.01 -17.30
C VAL B 257 2.51 43.30 -17.42
N PHE B 258 1.51 43.95 -18.05
CA PHE B 258 0.25 43.31 -18.46
C PHE B 258 0.49 42.01 -19.23
N GLY B 259 1.18 42.14 -20.37
CA GLY B 259 1.41 41.01 -21.25
C GLY B 259 2.15 39.88 -20.56
N VAL B 260 3.25 40.21 -19.89
CA VAL B 260 4.10 39.17 -19.31
C VAL B 260 3.39 38.48 -18.14
N THR B 261 2.60 39.23 -17.36
CA THR B 261 1.94 38.59 -16.23
C THR B 261 0.75 37.75 -16.70
N THR B 262 0.03 38.14 -17.76
CA THR B 262 -1.00 37.24 -18.27
C THR B 262 -0.43 35.98 -18.90
N VAL B 263 0.75 36.06 -19.55
CA VAL B 263 1.39 34.84 -20.02
C VAL B 263 1.81 33.95 -18.84
N LEU B 264 2.30 34.58 -17.76
CA LEU B 264 2.67 33.87 -16.55
C LEU B 264 1.45 33.19 -15.90
N THR B 265 0.32 33.92 -15.81
CA THR B 265 -0.90 33.33 -15.25
C THR B 265 -1.45 32.22 -16.13
N MET B 266 -1.35 32.35 -17.46
CA MET B 266 -1.78 31.25 -18.32
C MET B 266 -0.93 30.01 -18.07
N THR B 267 0.38 30.21 -17.87
CA THR B 267 1.26 29.09 -17.55
C THR B 267 0.91 28.45 -16.20
N THR B 268 0.69 29.26 -15.14
CA THR B 268 0.33 28.69 -13.84
C THR B 268 -1.01 27.95 -13.88
N LEU B 269 -2.04 28.52 -14.54
CA LEU B 269 -3.31 27.81 -14.65
C LEU B 269 -3.19 26.51 -15.43
N SER B 270 -2.40 26.49 -16.51
CA SER B 270 -2.23 25.25 -17.27
C SER B 270 -1.51 24.17 -16.46
N ILE B 271 -0.39 24.52 -15.80
CA ILE B 271 0.28 23.58 -14.90
C ILE B 271 -0.64 23.12 -13.76
N SER B 272 -1.36 24.04 -13.11
CA SER B 272 -2.22 23.68 -11.98
C SER B 272 -3.47 22.91 -12.43
N ALA B 273 -3.83 23.00 -13.70
CA ALA B 273 -4.98 22.33 -14.27
C ALA B 273 -4.66 20.95 -14.82
N ARG B 274 -3.41 20.70 -15.22
CA ARG B 274 -3.07 19.42 -15.82
C ARG B 274 -2.85 18.31 -14.79
N ASN B 275 -2.98 18.59 -13.50
CA ASN B 275 -2.80 17.55 -12.48
C ASN B 275 -4.11 16.82 -12.16
N SER B 276 -5.22 17.25 -12.75
CA SER B 276 -6.54 16.74 -12.43
C SER B 276 -6.77 15.35 -13.04
N LEU B 277 -6.53 15.22 -14.32
CA LEU B 277 -6.77 14.02 -15.09
C LEU B 277 -5.53 13.13 -15.05
N PRO B 278 -5.64 11.81 -15.41
CA PRO B 278 -4.44 10.94 -15.36
C PRO B 278 -3.37 11.28 -16.39
N LYS B 279 -2.27 10.51 -16.32
CA LYS B 279 -1.09 10.72 -17.20
C LYS B 279 -1.32 10.06 -18.56
N VAL B 280 -2.37 10.48 -19.27
CA VAL B 280 -2.67 9.94 -20.60
C VAL B 280 -1.68 10.51 -21.62
N ALA B 281 -1.44 9.75 -22.69
CA ALA B 281 -0.45 10.17 -23.67
C ALA B 281 -1.05 10.96 -24.84
N TYR B 282 -2.37 11.12 -24.91
CA TYR B 282 -3.01 11.86 -25.98
C TYR B 282 -3.58 13.18 -25.46
N ALA B 283 -3.98 14.03 -26.40
CA ALA B 283 -4.53 15.34 -26.07
C ALA B 283 -6.03 15.29 -25.87
N THR B 284 -6.50 16.00 -24.84
CA THR B 284 -7.91 16.10 -24.47
C THR B 284 -8.49 17.42 -24.98
N ALA B 285 -9.73 17.70 -24.59
CA ALA B 285 -10.40 18.95 -24.95
C ALA B 285 -10.10 20.12 -24.01
N MET B 286 -9.67 19.85 -22.78
CA MET B 286 -9.16 20.93 -21.95
C MET B 286 -7.80 21.41 -22.45
N ASP B 287 -7.00 20.49 -23.00
CA ASP B 287 -5.72 20.88 -23.58
C ASP B 287 -5.92 21.71 -24.83
N TRP B 288 -6.91 21.37 -25.67
CA TRP B 288 -7.24 22.19 -26.82
C TRP B 288 -7.72 23.58 -26.42
N PHE B 289 -8.57 23.66 -25.39
CA PHE B 289 -9.03 24.95 -24.90
C PHE B 289 -7.89 25.82 -24.38
N ILE B 290 -7.01 25.23 -23.56
CA ILE B 290 -5.87 25.96 -23.02
C ILE B 290 -4.91 26.38 -24.12
N ALA B 291 -4.69 25.51 -25.11
CA ALA B 291 -3.79 25.83 -26.23
C ALA B 291 -4.32 26.99 -27.08
N VAL B 292 -5.62 26.98 -27.41
CA VAL B 292 -6.17 28.07 -28.21
C VAL B 292 -6.17 29.38 -27.43
N CYS B 293 -6.48 29.33 -26.13
CA CYS B 293 -6.46 30.54 -25.31
C CYS B 293 -5.03 31.09 -25.16
N TYR B 294 -4.05 30.20 -24.97
CA TYR B 294 -2.65 30.59 -24.92
C TYR B 294 -2.23 31.23 -26.24
N ALA B 295 -2.71 30.68 -27.36
CA ALA B 295 -2.45 31.28 -28.67
C ALA B 295 -3.02 32.70 -28.74
N PHE B 296 -4.23 32.89 -28.20
CA PHE B 296 -4.85 34.21 -28.19
C PHE B 296 -4.08 35.22 -27.34
N VAL B 297 -3.63 34.82 -26.14
CA VAL B 297 -2.84 35.72 -25.29
C VAL B 297 -1.51 36.08 -25.95
N PHE B 298 -0.79 35.07 -26.48
CA PHE B 298 0.47 35.34 -27.17
C PHE B 298 0.29 36.21 -28.40
N SER B 299 -0.82 36.02 -29.12
CA SER B 299 -1.15 36.86 -30.27
C SER B 299 -1.39 38.30 -29.84
N ALA B 300 -2.07 38.50 -28.70
CA ALA B 300 -2.26 39.83 -28.15
C ALA B 300 -0.92 40.48 -27.80
N LEU B 301 0.00 39.71 -27.20
CA LEU B 301 1.31 40.25 -26.85
C LEU B 301 2.12 40.62 -28.08
N ILE B 302 2.10 39.77 -29.12
CA ILE B 302 2.81 40.09 -30.35
C ILE B 302 2.18 41.29 -31.04
N GLU B 303 0.85 41.43 -30.95
CA GLU B 303 0.16 42.61 -31.47
C GLU B 303 0.60 43.88 -30.76
N PHE B 304 0.73 43.81 -29.42
CA PHE B 304 1.28 44.93 -28.66
C PHE B 304 2.70 45.27 -29.12
N ALA B 305 3.53 44.25 -29.33
CA ALA B 305 4.90 44.46 -29.80
C ALA B 305 4.92 45.16 -31.16
N THR B 306 4.03 44.73 -32.06
CA THR B 306 3.95 45.32 -33.39
C THR B 306 3.49 46.78 -33.34
N VAL B 307 2.41 47.07 -32.60
CA VAL B 307 1.94 48.46 -32.50
C VAL B 307 2.97 49.35 -31.80
N ASN B 308 3.71 48.80 -30.82
CA ASN B 308 4.71 49.60 -30.14
C ASN B 308 5.90 49.88 -31.06
N TYR B 309 6.26 48.91 -31.90
CA TYR B 309 7.32 49.16 -32.86
C TYR B 309 6.86 50.15 -33.93
N PHE B 310 5.57 50.14 -34.26
CA PHE B 310 5.09 51.02 -35.32
C PHE B 310 4.70 52.40 -34.81
N THR B 311 4.72 52.62 -33.50
CA THR B 311 4.50 53.98 -33.01
C THR B 311 5.81 54.73 -33.13
N LYS B 312 5.71 56.07 -33.11
CA LYS B 312 6.83 57.05 -33.22
C LYS B 312 7.44 57.09 -34.64
N SER B 313 7.12 56.11 -35.50
CA SER B 313 7.62 56.08 -36.86
C SER B 313 6.54 56.36 -37.88
N GLN B 314 5.38 55.71 -37.74
CA GLN B 314 4.19 56.01 -38.54
C GLN B 314 2.97 55.96 -37.63
N PRO B 315 2.54 57.11 -37.11
CA PRO B 315 1.46 57.11 -36.11
C PRO B 315 0.06 56.85 -36.66
N ALA B 316 -0.10 56.64 -37.97
CA ALA B 316 -1.42 56.42 -38.55
C ALA B 316 -1.79 54.94 -38.54
N ARG B 317 -0.88 54.09 -39.04
CA ARG B 317 -1.15 52.65 -39.16
C ARG B 317 -1.29 51.99 -37.80
N ALA B 318 -0.64 52.55 -36.77
CA ALA B 318 -0.77 52.02 -35.41
C ALA B 318 -2.19 52.15 -34.90
N ALA B 319 -2.74 53.38 -34.96
CA ALA B 319 -4.13 53.60 -34.57
C ALA B 319 -5.10 52.83 -35.45
N LYS B 320 -4.80 52.73 -36.76
CA LYS B 320 -5.66 52.00 -37.69
C LYS B 320 -5.76 50.51 -37.31
N ILE B 321 -4.60 49.85 -37.15
CA ILE B 321 -4.61 48.43 -36.84
C ILE B 321 -5.06 48.19 -35.40
N ASP B 322 -4.90 49.18 -34.51
CA ASP B 322 -5.46 49.06 -33.16
C ASP B 322 -6.98 49.04 -33.20
N ARG B 323 -7.58 49.96 -33.98
CA ARG B 323 -9.03 49.98 -34.17
C ARG B 323 -9.51 48.69 -34.84
N LEU B 324 -8.70 48.15 -35.75
CA LEU B 324 -9.05 46.88 -36.38
C LEU B 324 -9.03 45.72 -35.38
N SER B 325 -7.96 45.63 -34.57
CA SER B 325 -7.80 44.54 -33.62
C SER B 325 -8.87 44.59 -32.52
N ARG B 326 -9.25 45.81 -32.11
CA ARG B 326 -10.26 46.04 -31.07
C ARG B 326 -11.57 45.32 -31.37
N ILE B 327 -11.96 45.23 -32.64
CA ILE B 327 -13.17 44.52 -33.03
C ILE B 327 -12.84 43.12 -33.60
N ALA B 328 -11.59 42.89 -34.01
CA ALA B 328 -11.24 41.59 -34.56
C ALA B 328 -11.07 40.51 -33.49
N PHE B 329 -10.48 40.84 -32.34
CA PHE B 329 -10.23 39.82 -31.32
C PHE B 329 -11.49 39.23 -30.68
N PRO B 330 -12.48 40.02 -30.19
CA PRO B 330 -13.64 39.37 -29.54
C PRO B 330 -14.50 38.53 -30.45
N LEU B 331 -14.63 38.88 -31.74
CA LEU B 331 -15.41 38.06 -32.66
C LEU B 331 -14.77 36.68 -32.86
N LEU B 332 -13.44 36.63 -33.01
CA LEU B 332 -12.76 35.33 -33.12
C LEU B 332 -12.87 34.51 -31.84
N PHE B 333 -12.69 35.14 -30.67
CA PHE B 333 -12.87 34.41 -29.42
C PHE B 333 -14.31 33.89 -29.26
N GLY B 334 -15.29 34.70 -29.64
CA GLY B 334 -16.69 34.29 -29.54
C GLY B 334 -17.01 33.15 -30.47
N ILE B 335 -16.53 33.22 -31.72
CA ILE B 335 -16.79 32.14 -32.67
C ILE B 335 -16.06 30.86 -32.26
N PHE B 336 -14.86 30.97 -31.65
CA PHE B 336 -14.17 29.78 -31.16
C PHE B 336 -14.95 29.12 -30.02
N ASN B 337 -15.48 29.94 -29.10
CA ASN B 337 -16.31 29.40 -28.03
C ASN B 337 -17.56 28.74 -28.58
N LEU B 338 -18.20 29.37 -29.57
CA LEU B 338 -19.39 28.81 -30.22
C LEU B 338 -19.11 27.44 -30.85
N VAL B 339 -18.07 27.36 -31.69
CA VAL B 339 -17.74 26.09 -32.36
C VAL B 339 -17.36 25.01 -31.34
N TYR B 340 -16.57 25.37 -30.31
CA TYR B 340 -16.11 24.40 -29.31
C TYR B 340 -17.29 23.84 -28.50
N TRP B 341 -18.07 24.73 -27.86
CA TRP B 341 -19.21 24.29 -27.08
C TRP B 341 -20.33 23.69 -27.93
N ALA B 342 -20.29 23.86 -29.26
CA ALA B 342 -21.24 23.16 -30.10
C ALA B 342 -20.76 21.79 -30.52
N THR B 343 -19.45 21.61 -30.76
CA THR B 343 -18.98 20.29 -31.19
C THR B 343 -18.80 19.33 -30.02
N TYR B 344 -18.59 19.82 -28.80
CA TYR B 344 -18.33 18.91 -27.69
C TYR B 344 -19.57 18.58 -26.87
N LEU B 345 -20.59 19.43 -26.86
CA LEU B 345 -21.83 19.15 -26.15
C LEU B 345 -22.81 18.32 -26.98
N ASN B 346 -22.35 17.68 -28.06
CA ASN B 346 -23.21 16.86 -28.90
C ASN B 346 -22.67 15.45 -29.11
N ARG B 347 -21.43 15.17 -28.71
CA ARG B 347 -20.87 13.84 -28.87
C ARG B 347 -21.49 12.84 -27.89
N SER C 7 -24.47 -46.00 -8.56
CA SER C 7 -24.65 -45.90 -10.00
C SER C 7 -23.43 -45.24 -10.66
N ASN C 8 -23.63 -44.03 -11.19
CA ASN C 8 -22.54 -43.28 -11.81
C ASN C 8 -21.87 -42.28 -10.86
N MET C 9 -22.48 -41.95 -9.72
CA MET C 9 -21.84 -41.05 -8.79
C MET C 9 -21.00 -41.76 -7.73
N SER C 10 -21.58 -42.78 -7.08
CA SER C 10 -20.87 -43.51 -6.04
C SER C 10 -19.69 -44.31 -6.58
N LEU C 11 -19.76 -44.73 -7.85
CA LEU C 11 -18.62 -45.38 -8.50
C LEU C 11 -17.42 -44.43 -8.58
N VAL C 12 -17.65 -43.19 -9.04
CA VAL C 12 -16.59 -42.19 -9.09
C VAL C 12 -16.14 -41.80 -7.69
N LYS C 13 -17.08 -41.78 -6.73
CA LYS C 13 -16.73 -41.51 -5.34
C LYS C 13 -15.75 -42.55 -4.81
N GLU C 14 -16.02 -43.83 -5.10
CA GLU C 14 -15.12 -44.91 -4.70
C GLU C 14 -13.77 -44.79 -5.42
N THR C 15 -13.78 -44.37 -6.69
CA THR C 15 -12.53 -44.18 -7.43
C THR C 15 -11.65 -43.10 -6.76
N VAL C 16 -12.25 -41.96 -6.42
CA VAL C 16 -11.48 -40.89 -5.78
C VAL C 16 -11.05 -41.29 -4.37
N ASP C 17 -11.92 -42.00 -3.64
CA ASP C 17 -11.55 -42.49 -2.31
C ASP C 17 -10.42 -43.51 -2.37
N ARG C 18 -10.38 -44.34 -3.41
CA ARG C 18 -9.27 -45.27 -3.57
C ARG C 18 -7.99 -44.53 -3.94
N LEU C 19 -8.10 -43.49 -4.77
CA LEU C 19 -6.93 -42.70 -5.16
C LEU C 19 -6.31 -41.98 -3.96
N LEU C 20 -7.14 -41.39 -3.10
CA LEU C 20 -6.66 -40.58 -1.99
C LEU C 20 -6.39 -41.37 -0.70
N LYS C 21 -6.59 -42.68 -0.70
CA LYS C 21 -6.32 -43.50 0.48
C LYS C 21 -4.88 -44.03 0.45
N GLY C 22 -4.14 -43.78 1.52
CA GLY C 22 -2.74 -44.17 1.54
C GLY C 22 -1.84 -43.34 0.65
N TYR C 23 -2.04 -42.03 0.61
CA TYR C 23 -1.28 -41.13 -0.25
C TYR C 23 -0.44 -40.25 0.66
N ASP C 24 0.88 -40.39 0.54
CA ASP C 24 1.82 -39.64 1.37
C ASP C 24 2.20 -38.35 0.65
N ILE C 25 1.84 -37.22 1.26
CA ILE C 25 2.11 -35.91 0.65
C ILE C 25 3.54 -35.47 0.87
N ARG C 26 4.26 -36.08 1.82
CA ARG C 26 5.66 -35.72 2.07
C ARG C 26 6.59 -36.13 0.95
N LEU C 27 6.19 -37.07 0.10
CA LEU C 27 7.09 -37.66 -0.91
C LEU C 27 6.60 -37.24 -2.28
N ARG C 28 7.54 -36.82 -3.13
CA ARG C 28 7.23 -36.47 -4.51
C ARG C 28 6.96 -37.73 -5.35
N PRO C 29 6.37 -37.57 -6.54
CA PRO C 29 6.26 -38.71 -7.46
C PRO C 29 7.63 -39.18 -7.94
N ASP C 30 7.83 -40.51 -7.87
CA ASP C 30 9.12 -41.17 -8.13
C ASP C 30 10.19 -40.61 -7.22
N PHE C 31 9.98 -40.82 -5.92
CA PHE C 31 10.82 -40.21 -4.88
C PHE C 31 12.25 -40.72 -4.93
N GLY C 32 12.45 -41.97 -5.31
CA GLY C 32 13.80 -42.51 -5.37
C GLY C 32 14.25 -42.85 -6.77
N GLY C 33 13.69 -42.16 -7.77
CA GLY C 33 13.98 -42.45 -9.15
C GLY C 33 14.38 -41.22 -9.93
N PRO C 34 14.02 -41.18 -11.21
CA PRO C 34 14.37 -40.05 -12.07
C PRO C 34 13.59 -38.80 -11.70
N PRO C 35 14.05 -37.62 -12.08
CA PRO C 35 13.31 -36.40 -11.72
C PRO C 35 11.99 -36.28 -12.48
N VAL C 36 11.08 -35.52 -11.87
CA VAL C 36 9.76 -35.28 -12.44
C VAL C 36 9.79 -33.99 -13.24
N ALA C 37 9.13 -33.99 -14.40
CA ALA C 37 9.09 -32.84 -15.28
C ALA C 37 7.83 -32.03 -15.02
N VAL C 38 7.98 -30.71 -14.94
CA VAL C 38 6.87 -29.80 -14.65
C VAL C 38 6.83 -28.76 -15.76
N GLY C 39 5.70 -28.66 -16.46
CA GLY C 39 5.52 -27.71 -17.54
C GLY C 39 4.69 -26.52 -17.11
N MET C 40 5.13 -25.33 -17.53
CA MET C 40 4.54 -24.08 -17.09
C MET C 40 3.76 -23.39 -18.20
N ASN C 41 2.69 -22.70 -17.82
CA ASN C 41 1.92 -21.84 -18.71
C ASN C 41 1.58 -20.57 -17.96
N ILE C 42 1.55 -19.45 -18.69
CA ILE C 42 1.18 -18.16 -18.12
C ILE C 42 0.27 -17.46 -19.12
N ASP C 43 -0.90 -17.04 -18.67
CA ASP C 43 -1.80 -16.18 -19.44
C ASP C 43 -1.85 -14.86 -18.70
N ILE C 44 -1.18 -13.85 -19.24
CA ILE C 44 -1.07 -12.56 -18.56
C ILE C 44 -2.36 -11.78 -18.78
N ALA C 45 -2.99 -11.36 -17.68
CA ALA C 45 -4.26 -10.66 -17.79
C ALA C 45 -4.11 -9.15 -17.86
N SER C 46 -3.13 -8.58 -17.15
CA SER C 46 -2.88 -7.14 -17.15
C SER C 46 -1.55 -6.88 -16.47
N ILE C 47 -0.87 -5.83 -16.94
CA ILE C 47 0.28 -5.25 -16.25
C ILE C 47 -0.19 -3.89 -15.74
N ASP C 48 -0.31 -3.76 -14.43
CA ASP C 48 -1.13 -2.70 -13.86
C ASP C 48 -0.41 -1.35 -13.84
N MET C 49 0.68 -1.26 -13.07
CA MET C 49 1.31 0.03 -12.81
C MET C 49 2.82 -0.15 -12.75
N VAL C 50 3.52 0.52 -13.68
CA VAL C 50 5.02 0.50 -13.68
C VAL C 50 5.46 1.75 -12.93
N SER C 51 5.79 1.61 -11.64
CA SER C 51 6.16 2.79 -10.81
C SER C 51 7.68 2.93 -10.69
N GLU C 52 8.21 4.04 -11.21
CA GLU C 52 9.66 4.35 -11.17
C GLU C 52 10.14 4.55 -9.73
N VAL C 53 9.36 5.26 -8.91
CA VAL C 53 9.75 5.56 -7.50
C VAL C 53 9.85 4.26 -6.70
N ASN C 54 8.90 3.34 -6.89
CA ASN C 54 8.90 2.05 -6.16
C ASN C 54 9.79 1.03 -6.89
N MET C 55 10.22 1.35 -8.11
CA MET C 55 11.07 0.47 -8.94
C MET C 55 10.44 -0.92 -9.05
N ASP C 56 9.11 -0.98 -9.21
CA ASP C 56 8.41 -2.25 -9.36
C ASP C 56 7.28 -2.13 -10.37
N TYR C 57 6.68 -3.27 -10.68
CA TYR C 57 5.53 -3.33 -11.58
C TYR C 57 4.63 -4.47 -11.12
N THR C 58 3.32 -4.25 -11.21
CA THR C 58 2.34 -5.25 -10.82
C THR C 58 1.80 -5.95 -12.06
N LEU C 59 1.62 -7.28 -11.97
CA LEU C 59 0.99 -8.02 -13.05
C LEU C 59 0.09 -9.10 -12.48
N THR C 60 -1.06 -9.29 -13.13
CA THR C 60 -2.00 -10.36 -12.85
C THR C 60 -1.86 -11.43 -13.92
N MET C 61 -1.89 -12.69 -13.52
CA MET C 61 -1.65 -13.77 -14.46
C MET C 61 -2.45 -15.01 -14.04
N TYR C 62 -2.75 -15.84 -15.01
CA TYR C 62 -3.23 -17.20 -14.78
C TYR C 62 -2.03 -18.12 -14.92
N PHE C 63 -1.56 -18.66 -13.81
CA PHE C 63 -0.32 -19.43 -13.79
C PHE C 63 -0.65 -20.90 -13.59
N GLN C 64 -0.33 -21.73 -14.58
CA GLN C 64 -0.71 -23.13 -14.59
C GLN C 64 0.52 -24.01 -14.65
N GLN C 65 0.48 -25.12 -13.92
CA GLN C 65 1.57 -26.09 -13.89
C GLN C 65 1.00 -27.46 -14.23
N ALA C 66 1.78 -28.26 -14.96
CA ALA C 66 1.34 -29.60 -15.32
C ALA C 66 2.48 -30.58 -15.14
N TRP C 67 2.20 -31.67 -14.44
CA TRP C 67 3.18 -32.72 -14.21
C TRP C 67 2.44 -34.06 -14.27
N ARG C 68 3.13 -35.14 -13.94
CA ARG C 68 2.57 -36.47 -14.00
C ARG C 68 2.85 -37.18 -12.69
N ASP C 69 1.79 -37.64 -12.02
CA ASP C 69 1.88 -38.37 -10.76
C ASP C 69 1.30 -39.76 -11.00
N LYS C 70 2.16 -40.78 -10.98
CA LYS C 70 1.74 -42.16 -11.24
C LYS C 70 0.81 -42.74 -10.17
N ARG C 71 0.66 -42.09 -9.02
CA ARG C 71 -0.23 -42.59 -7.98
C ARG C 71 -1.67 -42.16 -8.21
N LEU C 72 -1.87 -41.04 -8.90
CA LEU C 72 -3.21 -40.55 -9.24
C LEU C 72 -3.60 -41.01 -10.64
N SER C 73 -3.55 -42.32 -10.84
CA SER C 73 -3.86 -42.94 -12.12
C SER C 73 -5.02 -43.91 -11.92
N TYR C 74 -6.05 -43.76 -12.74
CA TYR C 74 -7.27 -44.56 -12.64
C TYR C 74 -7.66 -45.04 -14.02
N ASN C 75 -8.42 -46.13 -14.07
CA ASN C 75 -8.88 -46.66 -15.34
C ASN C 75 -10.32 -47.16 -15.32
N VAL C 76 -11.03 -47.00 -14.22
CA VAL C 76 -12.42 -47.46 -14.16
C VAL C 76 -13.32 -46.58 -15.01
N ILE C 77 -13.16 -45.26 -14.91
CA ILE C 77 -13.95 -44.31 -15.69
C ILE C 77 -13.10 -43.73 -16.81
N PRO C 78 -13.67 -43.39 -17.97
CA PRO C 78 -12.86 -42.91 -19.10
C PRO C 78 -12.74 -41.40 -19.22
N LEU C 79 -13.43 -40.62 -18.39
CA LEU C 79 -13.47 -39.17 -18.55
C LEU C 79 -12.53 -38.49 -17.57
N ASN C 80 -12.32 -37.20 -17.83
CA ASN C 80 -11.46 -36.30 -17.01
C ASN C 80 -12.23 -35.87 -15.76
N LEU C 81 -11.53 -35.71 -14.64
CA LEU C 81 -12.14 -35.36 -13.36
C LEU C 81 -11.67 -33.96 -12.99
N THR C 82 -12.61 -33.03 -12.91
CA THR C 82 -12.38 -31.72 -12.31
C THR C 82 -12.92 -31.76 -10.89
N LEU C 83 -12.03 -31.68 -9.91
CA LEU C 83 -12.44 -31.79 -8.52
C LEU C 83 -12.54 -30.40 -7.91
N ASP C 84 -13.19 -30.35 -6.74
CA ASP C 84 -13.27 -29.12 -5.96
C ASP C 84 -11.87 -28.63 -5.58
N ASN C 85 -11.70 -27.32 -5.54
CA ASN C 85 -10.40 -26.70 -5.31
C ASN C 85 -9.84 -26.87 -3.90
N ARG C 86 -10.54 -27.55 -3.00
CA ARG C 86 -10.06 -27.81 -1.65
C ARG C 86 -9.33 -29.13 -1.52
N VAL C 87 -9.34 -29.98 -2.55
CA VAL C 87 -8.57 -31.21 -2.54
C VAL C 87 -7.10 -30.97 -2.89
N ALA C 88 -6.74 -29.76 -3.29
CA ALA C 88 -5.34 -29.41 -3.54
C ALA C 88 -4.50 -29.30 -2.27
N ASP C 89 -5.09 -29.39 -1.09
CA ASP C 89 -4.37 -29.46 0.17
C ASP C 89 -4.03 -30.89 0.57
N GLN C 90 -4.42 -31.88 -0.24
CA GLN C 90 -4.14 -33.28 0.05
C GLN C 90 -3.30 -33.95 -1.02
N LEU C 91 -2.96 -33.25 -2.10
CA LEU C 91 -2.06 -33.76 -3.12
C LEU C 91 -0.69 -33.10 -2.98
N TRP C 92 0.28 -33.64 -3.71
CA TRP C 92 1.60 -33.02 -3.78
C TRP C 92 1.61 -32.02 -4.93
N VAL C 93 2.00 -30.79 -4.62
CA VAL C 93 2.18 -29.74 -5.64
C VAL C 93 3.59 -29.17 -5.49
N PRO C 94 4.25 -28.75 -6.57
CA PRO C 94 5.63 -28.27 -6.46
C PRO C 94 5.71 -26.94 -5.73
N ASP C 95 6.84 -26.72 -5.05
CA ASP C 95 7.05 -25.49 -4.28
C ASP C 95 7.75 -24.44 -5.15
N THR C 96 6.98 -23.90 -6.08
CA THR C 96 7.48 -22.87 -6.99
C THR C 96 7.39 -21.50 -6.30
N TYR C 97 8.38 -20.64 -6.56
CA TYR C 97 8.34 -19.30 -6.01
C TYR C 97 8.94 -18.33 -7.03
N PHE C 98 8.71 -17.05 -6.79
CA PHE C 98 9.23 -15.98 -7.64
C PHE C 98 10.31 -15.26 -6.87
N LEU C 99 11.53 -15.26 -7.41
CA LEU C 99 12.67 -14.76 -6.65
C LEU C 99 12.63 -13.24 -6.46
N ASN C 100 12.08 -12.51 -7.43
CA ASN C 100 12.19 -11.05 -7.44
C ASN C 100 10.89 -10.35 -7.04
N ASP C 101 9.94 -11.06 -6.42
CA ASP C 101 8.70 -10.40 -6.03
C ASP C 101 8.83 -9.75 -4.65
N LYS C 102 7.94 -8.82 -4.36
CA LYS C 102 7.90 -8.16 -3.06
C LYS C 102 6.67 -8.48 -2.25
N LYS C 103 5.50 -8.55 -2.90
CA LYS C 103 4.26 -8.96 -2.27
C LYS C 103 3.38 -9.60 -3.33
N SER C 104 2.72 -10.69 -2.95
CA SER C 104 1.87 -11.42 -3.87
C SER C 104 0.78 -12.15 -3.10
N PHE C 105 -0.27 -12.55 -3.81
CA PHE C 105 -1.39 -13.24 -3.20
C PHE C 105 -2.17 -13.98 -4.28
N VAL C 106 -2.87 -15.02 -3.86
CA VAL C 106 -3.87 -15.68 -4.70
C VAL C 106 -5.22 -15.03 -4.39
N HIS C 107 -6.00 -14.75 -5.43
CA HIS C 107 -7.31 -14.16 -5.24
C HIS C 107 -8.25 -15.12 -4.54
N GLY C 108 -9.10 -14.58 -3.67
CA GLY C 108 -9.90 -15.41 -2.79
C GLY C 108 -11.38 -15.07 -2.82
N VAL C 109 -11.87 -14.69 -3.99
CA VAL C 109 -13.28 -14.36 -4.21
C VAL C 109 -13.78 -15.08 -5.45
N THR C 110 -14.88 -15.85 -5.32
CA THR C 110 -15.66 -16.04 -4.10
C THR C 110 -15.07 -17.13 -3.21
N VAL C 111 -14.21 -17.93 -3.81
CA VAL C 111 -13.39 -18.90 -3.11
C VAL C 111 -11.95 -18.71 -3.58
N LYS C 112 -11.05 -19.54 -3.02
CA LYS C 112 -9.64 -19.52 -3.42
C LYS C 112 -9.53 -19.87 -4.90
N ASN C 113 -9.06 -18.93 -5.72
CA ASN C 113 -9.03 -19.10 -7.18
C ASN C 113 -7.91 -20.05 -7.58
N ARG C 114 -8.17 -21.35 -7.45
CA ARG C 114 -7.25 -22.37 -7.92
C ARG C 114 -8.03 -23.51 -8.55
N MET C 115 -7.34 -24.27 -9.40
CA MET C 115 -7.95 -25.33 -10.20
C MET C 115 -7.12 -26.60 -10.09
N ILE C 116 -7.79 -27.73 -9.87
CA ILE C 116 -7.15 -29.04 -9.95
C ILE C 116 -7.89 -29.86 -11.00
N ARG C 117 -7.15 -30.68 -11.74
CA ARG C 117 -7.74 -31.49 -12.80
C ARG C 117 -6.92 -32.75 -13.00
N LEU C 118 -7.56 -33.91 -12.91
CA LEU C 118 -6.88 -35.18 -13.07
C LEU C 118 -7.17 -35.75 -14.44
N HIS C 119 -6.33 -36.68 -14.88
CA HIS C 119 -6.44 -37.37 -16.15
C HIS C 119 -6.22 -38.86 -15.93
N PRO C 120 -6.83 -39.72 -16.76
CA PRO C 120 -6.76 -41.17 -16.50
C PRO C 120 -5.36 -41.77 -16.58
N ASP C 121 -4.41 -41.10 -17.22
CA ASP C 121 -3.07 -41.64 -17.31
C ASP C 121 -2.19 -41.22 -16.13
N GLY C 122 -2.57 -40.15 -15.43
CA GLY C 122 -1.84 -39.74 -14.25
C GLY C 122 -1.53 -38.25 -14.24
N THR C 123 -1.71 -37.60 -15.38
CA THR C 123 -1.36 -36.18 -15.53
C THR C 123 -2.25 -35.31 -14.65
N VAL C 124 -1.64 -34.37 -13.94
CA VAL C 124 -2.34 -33.43 -13.07
C VAL C 124 -2.09 -32.03 -13.60
N LEU C 125 -3.16 -31.25 -13.73
CA LEU C 125 -3.06 -29.84 -14.07
C LEU C 125 -3.46 -29.00 -12.88
N TYR C 126 -2.70 -27.95 -12.59
CA TYR C 126 -2.84 -27.19 -11.35
C TYR C 126 -2.63 -25.72 -11.68
N GLY C 127 -3.69 -24.93 -11.59
CA GLY C 127 -3.65 -23.53 -11.99
C GLY C 127 -3.95 -22.62 -10.81
N LEU C 128 -3.35 -21.43 -10.84
CA LEU C 128 -3.61 -20.39 -9.86
C LEU C 128 -3.79 -19.07 -10.58
N ARG C 129 -4.45 -18.13 -9.90
CA ARG C 129 -4.61 -16.77 -10.40
C ARG C 129 -3.88 -15.83 -9.45
N ILE C 130 -2.75 -15.30 -9.88
CA ILE C 130 -1.79 -14.64 -9.00
C ILE C 130 -1.65 -13.20 -9.44
N THR C 131 -1.72 -12.28 -8.48
CA THR C 131 -1.35 -10.89 -8.69
C THR C 131 -0.10 -10.61 -7.87
N THR C 132 0.99 -10.27 -8.54
CA THR C 132 2.28 -10.12 -7.88
C THR C 132 2.94 -8.81 -8.26
N THR C 133 3.61 -8.19 -7.29
CA THR C 133 4.34 -6.94 -7.48
C THR C 133 5.83 -7.29 -7.52
N ALA C 134 6.38 -7.37 -8.73
CA ALA C 134 7.77 -7.76 -8.91
C ALA C 134 8.63 -6.51 -9.04
N ALA C 135 9.82 -6.56 -8.46
CA ALA C 135 10.74 -5.43 -8.41
C ALA C 135 11.72 -5.52 -9.57
N CYS C 136 11.81 -4.45 -10.36
CA CYS C 136 12.81 -4.37 -11.41
C CYS C 136 13.48 -3.00 -11.38
N MET C 137 14.81 -3.01 -11.27
CA MET C 137 15.58 -1.78 -11.18
C MET C 137 15.80 -1.20 -12.57
N MET C 138 15.43 0.08 -12.73
CA MET C 138 15.50 0.74 -14.05
C MET C 138 16.73 1.65 -14.14
N ASP C 139 17.20 1.85 -15.37
CA ASP C 139 18.33 2.72 -15.68
C ASP C 139 17.74 3.98 -16.28
N LEU C 140 17.63 5.04 -15.46
CA LEU C 140 16.98 6.30 -15.92
C LEU C 140 17.99 7.32 -16.43
N ARG C 141 19.13 6.86 -16.98
CA ARG C 141 20.15 7.80 -17.52
C ARG C 141 19.56 8.56 -18.72
N ARG C 142 18.82 7.87 -19.59
CA ARG C 142 18.25 8.47 -20.82
C ARG C 142 16.78 8.85 -20.61
N TYR C 143 16.26 8.75 -19.39
CA TYR C 143 14.84 9.08 -19.11
C TYR C 143 14.59 10.56 -19.45
N PRO C 144 13.45 10.93 -20.08
CA PRO C 144 12.33 10.01 -20.35
C PRO C 144 12.39 9.28 -21.70
N LEU C 145 13.34 9.65 -22.56
CA LEU C 145 13.46 8.98 -23.89
C LEU C 145 14.31 7.72 -23.72
N ASP C 146 13.72 6.67 -23.12
CA ASP C 146 14.47 5.41 -22.88
C ASP C 146 13.57 4.19 -23.11
N GLU C 147 14.15 3.00 -22.90
CA GLU C 147 13.48 1.71 -23.05
C GLU C 147 14.03 0.78 -21.98
N GLN C 148 13.14 0.26 -21.14
CA GLN C 148 13.53 -0.62 -20.06
C GLN C 148 13.34 -2.08 -20.43
N ASN C 149 14.01 -2.94 -19.67
CA ASN C 149 13.84 -4.38 -19.76
C ASN C 149 13.80 -4.87 -18.33
N CYS C 150 12.69 -5.49 -17.94
CA CYS C 150 12.66 -6.17 -16.66
C CYS C 150 11.74 -7.38 -16.74
N THR C 151 11.89 -8.27 -15.76
CA THR C 151 11.65 -9.69 -15.92
C THR C 151 10.74 -10.19 -14.80
N LEU C 152 10.38 -11.46 -14.91
CA LEU C 152 9.74 -12.23 -13.85
C LEU C 152 10.52 -13.54 -13.76
N GLU C 153 11.10 -13.81 -12.60
CA GLU C 153 11.87 -15.03 -12.41
C GLU C 153 11.04 -16.10 -11.70
N ILE C 154 11.11 -17.33 -12.20
CA ILE C 154 10.33 -18.46 -11.70
C ILE C 154 11.29 -19.57 -11.29
N GLU C 155 11.37 -19.87 -9.99
CA GLU C 155 12.37 -20.81 -9.53
C GLU C 155 11.74 -21.84 -8.59
N SER C 156 12.45 -22.93 -8.35
CA SER C 156 12.06 -23.96 -7.39
C SER C 156 12.85 -23.81 -6.11
N TYR C 157 12.18 -23.85 -4.96
CA TYR C 157 12.89 -23.61 -3.71
C TYR C 157 13.55 -24.85 -3.15
N GLY C 158 12.79 -25.92 -2.94
CA GLY C 158 13.34 -27.05 -2.19
C GLY C 158 14.05 -28.12 -2.99
N TYR C 159 13.55 -28.39 -4.20
CA TYR C 159 14.05 -29.50 -4.99
C TYR C 159 15.10 -29.04 -5.98
N THR C 160 16.26 -29.71 -5.98
CA THR C 160 17.37 -29.36 -6.86
C THR C 160 17.09 -29.85 -8.27
N THR C 161 18.07 -29.70 -9.17
CA THR C 161 17.91 -30.08 -10.57
C THR C 161 17.97 -31.59 -10.77
N ASP C 162 18.32 -32.35 -9.75
CA ASP C 162 18.25 -33.80 -9.81
C ASP C 162 16.98 -34.35 -9.16
N ASP C 163 16.05 -33.47 -8.79
CA ASP C 163 14.73 -33.84 -8.32
C ASP C 163 13.58 -33.28 -9.15
N ILE C 164 13.81 -32.25 -9.95
CA ILE C 164 12.74 -31.59 -10.68
C ILE C 164 13.34 -30.93 -11.92
N GLU C 165 12.51 -30.78 -12.96
CA GLU C 165 12.89 -30.14 -14.21
C GLU C 165 11.78 -29.19 -14.61
N PHE C 166 12.14 -27.96 -14.98
CA PHE C 166 11.19 -26.97 -15.46
C PHE C 166 11.36 -26.77 -16.96
N TYR C 167 10.24 -26.56 -17.65
CA TYR C 167 10.25 -26.24 -19.07
C TYR C 167 8.94 -25.56 -19.44
N TRP C 168 8.99 -24.75 -20.49
CA TRP C 168 7.79 -24.10 -21.00
C TRP C 168 6.98 -25.08 -21.84
N ARG C 169 5.69 -25.19 -21.53
CA ARG C 169 4.79 -26.12 -22.21
C ARG C 169 4.38 -25.55 -23.56
N GLY C 170 5.16 -25.88 -24.59
CA GLY C 170 4.96 -25.32 -25.91
C GLY C 170 6.22 -24.65 -26.44
N ASP C 171 6.92 -23.96 -25.53
CA ASP C 171 8.25 -23.34 -25.68
C ASP C 171 8.23 -22.08 -26.56
N ASP C 172 7.13 -21.82 -27.25
CA ASP C 172 6.89 -20.57 -27.95
C ASP C 172 5.49 -20.00 -27.77
N ASN C 173 4.49 -20.83 -27.46
CA ASN C 173 3.13 -20.40 -27.17
C ASN C 173 2.81 -20.55 -25.68
N ALA C 174 3.84 -20.63 -24.84
CA ALA C 174 3.62 -20.80 -23.40
C ALA C 174 3.11 -19.52 -22.76
N VAL C 175 3.51 -18.35 -23.24
CA VAL C 175 3.06 -17.08 -22.69
C VAL C 175 2.16 -16.41 -23.71
N THR C 176 0.91 -16.20 -23.36
CA THR C 176 -0.08 -15.61 -24.25
C THR C 176 -0.66 -14.35 -23.63
N GLY C 177 -1.32 -13.55 -24.46
CA GLY C 177 -1.99 -12.36 -23.97
C GLY C 177 -1.12 -11.13 -23.83
N VAL C 178 0.07 -11.12 -24.42
CA VAL C 178 0.95 -9.97 -24.27
C VAL C 178 0.60 -8.85 -25.25
N THR C 179 0.18 -9.21 -26.47
CA THR C 179 -0.15 -8.21 -27.48
C THR C 179 -1.45 -7.49 -27.20
N LYS C 180 -2.29 -8.00 -26.29
CA LYS C 180 -3.56 -7.38 -25.95
C LYS C 180 -3.45 -6.49 -24.73
N ILE C 181 -2.25 -6.31 -24.21
CA ILE C 181 -2.00 -5.51 -23.02
C ILE C 181 -1.82 -4.05 -23.43
N GLU C 182 -2.58 -3.16 -22.80
CA GLU C 182 -2.49 -1.73 -23.08
C GLU C 182 -2.04 -1.01 -21.83
N LEU C 183 -0.90 -0.33 -21.92
CA LEU C 183 -0.34 0.47 -20.85
C LEU C 183 -0.52 1.94 -21.15
N PRO C 184 -0.68 2.79 -20.12
CA PRO C 184 -0.87 4.22 -20.41
C PRO C 184 0.41 4.93 -20.83
N GLN C 185 1.56 4.40 -20.45
CA GLN C 185 2.83 5.09 -20.66
C GLN C 185 3.81 4.32 -21.52
N PHE C 186 3.80 2.99 -21.48
CA PHE C 186 4.76 2.18 -22.20
C PHE C 186 4.07 1.43 -23.34
N SER C 187 4.83 0.58 -24.01
CA SER C 187 4.32 -0.28 -25.08
C SER C 187 5.23 -1.50 -25.19
N ILE C 188 4.66 -2.68 -24.99
CA ILE C 188 5.45 -3.92 -25.01
C ILE C 188 5.93 -4.15 -26.44
N VAL C 189 7.24 -4.06 -26.67
CA VAL C 189 7.80 -4.27 -27.99
C VAL C 189 8.19 -5.74 -28.22
N ASP C 190 8.68 -6.43 -27.20
CA ASP C 190 9.20 -7.79 -27.37
C ASP C 190 9.20 -8.50 -26.03
N TYR C 191 9.17 -9.83 -26.10
CA TYR C 191 9.27 -10.66 -24.90
C TYR C 191 10.05 -11.92 -25.22
N LYS C 192 10.71 -12.47 -24.21
CA LYS C 192 11.61 -13.61 -24.41
C LYS C 192 11.42 -14.62 -23.29
N LEU C 193 11.62 -15.89 -23.62
CA LEU C 193 11.55 -16.98 -22.66
C LEU C 193 12.92 -17.65 -22.55
N ILE C 194 13.35 -17.94 -21.33
CA ILE C 194 14.70 -18.42 -21.07
C ILE C 194 14.62 -19.59 -20.10
N THR C 195 15.36 -20.65 -20.39
CA THR C 195 15.59 -21.76 -19.47
C THR C 195 17.03 -21.68 -18.98
N LYS C 196 17.27 -22.10 -17.74
CA LYS C 196 18.55 -21.87 -17.10
C LYS C 196 18.68 -22.81 -15.92
N LYS C 197 19.90 -22.89 -15.38
CA LYS C 197 20.17 -23.61 -14.13
C LYS C 197 21.08 -22.73 -13.29
N VAL C 198 20.66 -22.40 -12.08
CA VAL C 198 21.46 -21.60 -11.18
C VAL C 198 22.08 -22.47 -10.10
N VAL C 199 23.17 -21.98 -9.52
CA VAL C 199 23.96 -22.71 -8.54
C VAL C 199 24.11 -21.86 -7.28
N PHE C 200 23.61 -22.35 -6.15
CA PHE C 200 23.79 -21.72 -4.86
C PHE C 200 24.67 -22.60 -3.98
N SER C 201 24.87 -22.17 -2.73
CA SER C 201 25.67 -22.93 -1.79
C SER C 201 25.00 -24.20 -1.29
N THR C 202 23.72 -24.41 -1.60
CA THR C 202 23.03 -25.63 -1.17
C THR C 202 22.86 -26.63 -2.29
N GLY C 203 22.97 -26.19 -3.53
CA GLY C 203 22.83 -27.09 -4.67
C GLY C 203 22.59 -26.30 -5.93
N SER C 204 22.16 -27.02 -6.97
CA SER C 204 21.84 -26.44 -8.26
C SER C 204 20.34 -26.50 -8.49
N TYR C 205 19.73 -25.37 -8.86
CA TYR C 205 18.29 -25.29 -8.94
C TYR C 205 17.85 -24.86 -10.33
N PRO C 206 16.74 -25.39 -10.85
CA PRO C 206 16.26 -24.97 -12.15
C PRO C 206 15.59 -23.61 -12.10
N ARG C 207 15.63 -22.92 -13.23
CA ARG C 207 15.05 -21.58 -13.30
C ARG C 207 14.46 -21.34 -14.68
N LEU C 208 13.30 -20.70 -14.72
CA LEU C 208 12.72 -20.12 -15.93
C LEU C 208 12.65 -18.62 -15.79
N SER C 209 12.66 -17.91 -16.92
CA SER C 209 12.68 -16.45 -16.90
C SER C 209 11.79 -15.91 -18.00
N LEU C 210 10.90 -15.00 -17.64
CA LEU C 210 10.01 -14.33 -18.59
C LEU C 210 10.32 -12.84 -18.56
N SER C 211 10.76 -12.30 -19.69
CA SER C 211 11.26 -10.93 -19.75
C SER C 211 10.42 -10.09 -20.68
N PHE C 212 10.16 -8.84 -20.31
CA PHE C 212 9.48 -7.89 -21.16
C PHE C 212 10.39 -6.71 -21.43
N LYS C 213 10.29 -6.13 -22.61
CA LYS C 213 10.96 -4.87 -22.93
C LYS C 213 9.91 -3.80 -23.18
N LEU C 214 9.97 -2.69 -22.46
CA LEU C 214 8.96 -1.65 -22.52
C LEU C 214 9.59 -0.35 -22.99
N LYS C 215 9.05 0.21 -24.08
CA LYS C 215 9.50 1.50 -24.59
C LYS C 215 8.53 2.60 -24.17
N ARG C 216 9.08 3.66 -23.57
CA ARG C 216 8.26 4.77 -22.99
C ARG C 216 7.76 5.76 -24.05
N ASN C 217 6.47 6.13 -23.96
CA ASN C 217 5.87 7.12 -24.85
C ASN C 217 6.35 8.53 -24.49
N ILE C 218 6.16 9.45 -25.43
CA ILE C 218 6.74 10.78 -25.35
C ILE C 218 5.69 11.90 -25.33
N GLY C 219 4.48 11.64 -25.85
CA GLY C 219 3.46 12.67 -25.99
C GLY C 219 3.05 13.31 -24.67
N TYR C 220 2.90 12.51 -23.63
CA TYR C 220 2.58 13.01 -22.30
C TYR C 220 3.64 13.96 -21.75
N PHE C 221 4.91 13.53 -21.84
CA PHE C 221 6.08 14.30 -21.34
C PHE C 221 6.22 15.63 -22.08
N ILE C 222 6.08 15.61 -23.42
CA ILE C 222 6.16 16.81 -24.26
C ILE C 222 5.24 17.91 -23.71
N LEU C 223 3.93 17.65 -23.71
CA LEU C 223 2.94 18.65 -23.31
C LEU C 223 3.02 19.04 -21.84
N GLN C 224 3.61 18.19 -20.99
CA GLN C 224 3.69 18.50 -19.57
C GLN C 224 4.95 19.27 -19.20
N THR C 225 6.10 18.96 -19.81
CA THR C 225 7.35 19.59 -19.36
C THR C 225 8.07 20.31 -20.48
N TYR C 226 8.06 19.79 -21.70
CA TYR C 226 8.88 20.36 -22.75
C TYR C 226 8.23 21.63 -23.30
N MET C 227 6.89 21.62 -23.40
CA MET C 227 6.15 22.81 -23.84
C MET C 227 6.25 24.00 -22.88
N PRO C 228 6.07 23.87 -21.55
CA PRO C 228 6.26 25.08 -20.70
C PRO C 228 7.65 25.69 -20.76
N SER C 229 8.71 24.87 -20.81
CA SER C 229 10.07 25.41 -20.84
C SER C 229 10.36 26.16 -22.15
N ILE C 230 9.97 25.57 -23.29
CA ILE C 230 10.12 26.27 -24.57
C ILE C 230 9.29 27.55 -24.59
N LEU C 231 8.07 27.51 -24.02
CA LEU C 231 7.24 28.71 -24.00
C LEU C 231 7.83 29.83 -23.15
N ILE C 232 8.40 29.49 -21.99
CA ILE C 232 9.09 30.49 -21.17
C ILE C 232 10.34 31.03 -21.87
N THR C 233 11.08 30.16 -22.59
CA THR C 233 12.25 30.64 -23.30
C THR C 233 11.89 31.54 -24.49
N ILE C 234 10.78 31.26 -25.18
CA ILE C 234 10.27 32.17 -26.21
C ILE C 234 9.83 33.49 -25.60
N LEU C 235 9.13 33.44 -24.45
CA LEU C 235 8.65 34.63 -23.76
C LEU C 235 9.82 35.52 -23.33
N SER C 236 10.92 34.92 -22.89
CA SER C 236 12.10 35.67 -22.46
C SER C 236 12.86 36.34 -23.61
N TRP C 237 12.40 36.25 -24.85
CA TRP C 237 13.06 36.87 -25.98
C TRP C 237 12.42 38.19 -26.41
N VAL C 238 11.20 38.49 -25.97
CA VAL C 238 10.60 39.79 -26.28
C VAL C 238 11.24 40.93 -25.47
N SER C 239 12.19 40.60 -24.60
CA SER C 239 12.96 41.60 -23.86
C SER C 239 13.92 42.39 -24.73
N PHE C 240 14.33 41.85 -25.88
CA PHE C 240 15.25 42.58 -26.74
C PHE C 240 14.52 43.56 -27.65
N TRP C 241 13.29 43.22 -28.07
CA TRP C 241 12.49 44.11 -28.91
C TRP C 241 12.09 45.38 -28.17
N ILE C 242 11.95 45.32 -26.85
CA ILE C 242 11.72 46.54 -26.07
C ILE C 242 13.00 47.36 -26.02
N ASN C 243 12.85 48.67 -26.12
CA ASN C 243 13.98 49.60 -26.11
C ASN C 243 14.70 49.57 -24.76
N TYR C 244 16.01 49.79 -24.79
CA TYR C 244 16.89 49.78 -23.62
C TYR C 244 16.70 50.97 -22.68
N ASP C 245 15.77 51.89 -22.94
CA ASP C 245 15.55 52.99 -21.99
C ASP C 245 14.70 52.54 -20.82
N ALA C 246 13.55 51.91 -21.09
CA ALA C 246 12.71 51.34 -20.04
C ALA C 246 13.45 50.17 -19.41
N SER C 247 13.92 50.36 -18.19
CA SER C 247 14.73 49.34 -17.52
C SER C 247 13.91 48.39 -16.66
N ALA C 248 12.96 48.94 -15.89
CA ALA C 248 12.17 48.16 -14.93
C ALA C 248 11.39 47.03 -15.60
N ALA C 249 10.85 47.31 -16.79
CA ALA C 249 10.09 46.30 -17.55
C ALA C 249 10.97 45.10 -17.91
N ARG C 250 12.17 45.36 -18.43
CA ARG C 250 13.06 44.28 -18.86
C ARG C 250 13.54 43.47 -17.66
N VAL C 251 13.81 44.13 -16.53
CA VAL C 251 14.21 43.45 -15.31
C VAL C 251 13.07 42.55 -14.81
N ALA C 252 11.86 43.11 -14.74
CA ALA C 252 10.68 42.35 -14.33
C ALA C 252 10.46 41.12 -15.20
N LEU C 253 10.58 41.29 -16.52
CA LEU C 253 10.40 40.18 -17.46
C LEU C 253 11.44 39.09 -17.25
N GLY C 254 12.73 39.47 -17.28
CA GLY C 254 13.79 38.48 -17.13
C GLY C 254 13.75 37.77 -15.79
N ILE C 255 13.53 38.52 -14.71
CA ILE C 255 13.45 37.92 -13.39
C ILE C 255 12.22 37.00 -13.27
N THR C 256 11.09 37.33 -13.92
CA THR C 256 9.92 36.45 -13.87
C THR C 256 10.19 35.16 -14.62
N THR C 257 10.92 35.23 -15.73
CA THR C 257 11.30 34.00 -16.43
C THR C 257 12.27 33.16 -15.61
N VAL C 258 13.25 33.78 -14.94
CA VAL C 258 14.18 33.02 -14.11
C VAL C 258 13.46 32.34 -12.93
N LEU C 259 12.55 33.06 -12.28
CA LEU C 259 11.80 32.47 -11.17
C LEU C 259 10.86 31.36 -11.66
N THR C 260 10.24 31.55 -12.83
CA THR C 260 9.38 30.52 -13.40
C THR C 260 10.19 29.26 -13.75
N MET C 261 11.41 29.45 -14.25
CA MET C 261 12.28 28.31 -14.51
C MET C 261 12.65 27.57 -13.23
N THR C 262 12.98 28.31 -12.16
CA THR C 262 13.29 27.66 -10.89
C THR C 262 12.08 26.92 -10.32
N THR C 263 10.89 27.53 -10.37
CA THR C 263 9.69 26.87 -9.87
C THR C 263 9.36 25.61 -10.68
N ILE C 264 9.46 25.68 -12.02
CA ILE C 264 9.24 24.51 -12.88
C ILE C 264 10.23 23.39 -12.55
N ASN C 265 11.51 23.75 -12.36
CA ASN C 265 12.54 22.75 -12.07
C ASN C 265 12.26 22.08 -10.73
N THR C 266 12.00 22.88 -9.68
CA THR C 266 11.73 22.32 -8.37
C THR C 266 10.41 21.54 -8.35
N HIS C 267 9.41 21.96 -9.13
CA HIS C 267 8.14 21.25 -9.10
C HIS C 267 8.21 19.93 -9.86
N LEU C 268 9.17 19.79 -10.77
CA LEU C 268 9.19 18.61 -11.63
C LEU C 268 10.25 17.60 -11.21
N ARG C 269 11.35 18.07 -10.59
CA ARG C 269 12.42 17.19 -10.19
C ARG C 269 12.01 16.26 -9.04
N GLU C 270 11.05 16.70 -8.22
CA GLU C 270 10.66 16.03 -6.98
C GLU C 270 9.81 14.77 -7.20
N THR C 271 9.43 14.47 -8.43
CA THR C 271 8.50 13.38 -8.69
C THR C 271 9.17 12.02 -8.59
N LEU C 272 10.18 11.71 -9.35
CA LEU C 272 10.88 10.44 -9.50
C LEU C 272 12.01 10.31 -8.45
N PRO C 273 12.59 9.10 -8.23
CA PRO C 273 13.55 8.92 -7.12
C PRO C 273 14.79 9.81 -7.18
N LYS C 274 15.50 9.86 -6.06
CA LYS C 274 16.69 10.70 -5.89
C LYS C 274 17.93 10.00 -6.45
N ILE C 275 17.97 9.90 -7.77
CA ILE C 275 19.04 9.21 -8.49
C ILE C 275 20.18 10.21 -8.72
N PRO C 276 21.44 9.79 -8.55
CA PRO C 276 22.54 10.76 -8.65
C PRO C 276 22.83 11.27 -10.05
N TYR C 277 22.79 10.42 -11.07
CA TYR C 277 23.17 10.83 -12.43
C TYR C 277 22.20 11.85 -13.01
N VAL C 278 22.67 12.55 -14.04
CA VAL C 278 21.91 13.61 -14.69
C VAL C 278 21.10 13.05 -15.85
N LYS C 279 19.78 13.20 -15.79
CA LYS C 279 18.87 12.72 -16.81
C LYS C 279 18.80 13.70 -17.96
N ALA C 280 18.19 13.25 -19.07
CA ALA C 280 18.04 14.09 -20.26
C ALA C 280 17.18 15.31 -19.97
N ILE C 281 16.09 15.12 -19.22
CA ILE C 281 15.18 16.22 -18.88
C ILE C 281 15.94 17.30 -18.11
N ASP C 282 16.79 16.90 -17.16
CA ASP C 282 17.57 17.86 -16.37
C ASP C 282 18.53 18.62 -17.26
N MET C 283 19.13 17.88 -18.21
CA MET C 283 19.98 18.54 -19.21
C MET C 283 19.21 19.62 -19.97
N TYR C 284 17.97 19.33 -20.39
CA TYR C 284 17.16 20.32 -21.11
C TYR C 284 16.83 21.53 -20.24
N LEU C 285 16.47 21.27 -18.99
CA LEU C 285 16.14 22.35 -18.02
C LEU C 285 17.37 23.23 -17.80
N MET C 286 18.53 22.61 -17.56
CA MET C 286 19.75 23.40 -17.34
C MET C 286 20.18 24.17 -18.58
N GLY C 287 19.96 23.62 -19.77
CA GLY C 287 20.23 24.38 -21.00
C GLY C 287 19.36 25.61 -21.13
N CYS C 288 18.05 25.45 -20.92
CA CYS C 288 17.14 26.60 -20.95
C CYS C 288 17.49 27.62 -19.87
N PHE C 289 17.87 27.15 -18.68
CA PHE C 289 18.24 28.04 -17.58
C PHE C 289 19.51 28.84 -17.88
N VAL C 290 20.55 28.18 -18.40
CA VAL C 290 21.78 28.92 -18.74
C VAL C 290 21.50 29.90 -19.87
N PHE C 291 20.60 29.55 -20.81
CA PHE C 291 20.25 30.48 -21.89
C PHE C 291 19.57 31.74 -21.35
N VAL C 292 18.56 31.57 -20.49
CA VAL C 292 17.86 32.73 -19.91
C VAL C 292 18.79 33.53 -18.99
N PHE C 293 19.70 32.84 -18.30
CA PHE C 293 20.70 33.49 -17.45
C PHE C 293 21.64 34.38 -18.27
N MET C 294 22.15 33.83 -19.39
CA MET C 294 23.01 34.62 -20.27
C MET C 294 22.25 35.76 -20.92
N ALA C 295 20.95 35.58 -21.17
CA ALA C 295 20.13 36.69 -21.67
C ALA C 295 20.08 37.84 -20.66
N LEU C 296 19.89 37.51 -19.38
CA LEU C 296 19.90 38.54 -18.33
C LEU C 296 21.27 39.21 -18.19
N LEU C 297 22.35 38.43 -18.27
CA LEU C 297 23.70 39.00 -18.22
C LEU C 297 23.99 39.90 -19.42
N GLU C 298 23.50 39.52 -20.61
CA GLU C 298 23.65 40.36 -21.78
C GLU C 298 22.87 41.66 -21.62
N TYR C 299 21.67 41.60 -21.03
CA TYR C 299 20.93 42.82 -20.71
C TYR C 299 21.73 43.71 -19.76
N ALA C 300 22.35 43.08 -18.74
CA ALA C 300 23.19 43.82 -17.79
C ALA C 300 24.36 44.49 -18.50
N LEU C 301 24.96 43.79 -19.47
CA LEU C 301 26.06 44.37 -20.23
C LEU C 301 25.59 45.53 -21.11
N VAL C 302 24.39 45.41 -21.68
CA VAL C 302 23.81 46.52 -22.45
C VAL C 302 23.56 47.72 -21.56
N ASN C 303 23.07 47.48 -20.34
CA ASN C 303 22.79 48.57 -19.42
C ASN C 303 24.07 49.16 -18.85
N TYR C 304 25.17 48.41 -18.82
CA TYR C 304 26.42 48.93 -18.28
C TYR C 304 27.04 49.96 -19.21
N ILE C 305 26.91 49.77 -20.53
CA ILE C 305 27.54 50.66 -21.48
C ILE C 305 26.47 51.45 -22.23
N PHE C 306 25.33 51.66 -21.56
CA PHE C 306 24.24 52.44 -22.14
C PHE C 306 24.46 53.93 -21.96
N PHE C 307 25.03 54.32 -20.82
CA PHE C 307 25.23 55.77 -20.51
C PHE C 307 26.47 56.34 -21.19
N SER C 308 27.32 55.51 -21.80
CA SER C 308 28.50 56.05 -22.47
C SER C 308 28.29 56.19 -23.97
N GLN C 309 27.95 55.09 -24.65
CA GLN C 309 27.69 55.14 -26.08
C GLN C 309 26.46 54.31 -26.45
N PRO C 310 25.55 54.86 -27.26
CA PRO C 310 24.37 54.07 -27.69
C PRO C 310 24.62 53.24 -28.94
N ALA C 311 25.68 53.55 -29.68
CA ALA C 311 26.00 52.82 -30.91
C ALA C 311 26.35 51.36 -30.63
N ARG C 312 27.30 51.13 -29.70
CA ARG C 312 27.69 49.79 -29.32
C ARG C 312 26.53 49.04 -28.67
N ALA C 313 25.70 49.75 -27.89
CA ALA C 313 24.54 49.15 -27.25
C ALA C 313 23.53 48.66 -28.27
N ALA C 314 23.20 49.52 -29.25
CA ALA C 314 22.29 49.14 -30.32
C ALA C 314 22.86 48.01 -31.16
N ALA C 315 24.18 48.01 -31.37
CA ALA C 315 24.84 46.93 -32.11
C ALA C 315 24.70 45.60 -31.38
N ILE C 316 24.92 45.60 -30.06
CA ILE C 316 24.77 44.37 -29.26
C ILE C 316 23.32 43.92 -29.25
N ASP C 317 22.38 44.87 -29.22
CA ASP C 317 20.95 44.53 -29.24
C ASP C 317 20.54 43.87 -30.56
N ARG C 318 20.94 44.46 -31.70
CA ARG C 318 20.60 43.86 -32.99
C ARG C 318 21.39 42.60 -33.25
N TRP C 319 22.55 42.43 -32.60
CA TRP C 319 23.28 41.18 -32.71
C TRP C 319 22.60 40.07 -31.93
N SER C 320 22.08 40.40 -30.74
CA SER C 320 21.36 39.44 -29.91
C SER C 320 20.07 38.99 -30.59
N ARG C 321 19.30 39.95 -31.13
CA ARG C 321 18.03 39.67 -31.81
C ARG C 321 18.17 38.73 -33.01
N ILE C 322 19.38 38.57 -33.56
CA ILE C 322 19.62 37.71 -34.70
C ILE C 322 20.33 36.42 -34.27
N PHE C 323 21.21 36.50 -33.29
CA PHE C 323 22.07 35.37 -32.95
C PHE C 323 21.57 34.52 -31.78
N PHE C 324 20.54 34.94 -31.05
CA PHE C 324 20.05 34.06 -30.00
C PHE C 324 19.13 32.92 -30.48
N PRO C 325 18.09 33.14 -31.32
CA PRO C 325 17.29 31.99 -31.79
C PRO C 325 18.05 30.95 -32.61
N VAL C 326 19.05 31.34 -33.40
CA VAL C 326 19.81 30.37 -34.19
C VAL C 326 20.64 29.45 -33.29
N VAL C 327 21.32 30.01 -32.28
CA VAL C 327 22.12 29.20 -31.36
C VAL C 327 21.22 28.32 -30.51
N PHE C 328 20.04 28.85 -30.12
CA PHE C 328 19.08 28.02 -29.38
C PHE C 328 18.57 26.86 -30.23
N SER C 329 18.23 27.11 -31.49
CA SER C 329 17.77 26.05 -32.38
C SER C 329 18.88 25.04 -32.66
N PHE C 330 20.13 25.50 -32.71
CA PHE C 330 21.27 24.60 -32.88
C PHE C 330 21.39 23.66 -31.67
N PHE C 331 21.28 24.21 -30.46
CA PHE C 331 21.27 23.40 -29.24
C PHE C 331 20.10 22.42 -29.25
N ASN C 332 18.92 22.88 -29.68
CA ASN C 332 17.74 22.03 -29.70
C ASN C 332 17.91 20.85 -30.66
N ILE C 333 18.52 21.10 -31.83
CA ILE C 333 18.75 20.05 -32.81
C ILE C 333 19.80 19.06 -32.31
N VAL C 334 20.87 19.58 -31.68
CA VAL C 334 21.90 18.72 -31.06
C VAL C 334 21.28 17.84 -29.98
N TYR C 335 20.37 18.39 -29.17
CA TYR C 335 19.69 17.64 -28.11
C TYR C 335 18.81 16.53 -28.70
N TRP C 336 17.92 16.87 -29.64
CA TRP C 336 17.01 15.88 -30.19
C TRP C 336 17.67 14.96 -31.21
N LEU C 337 18.94 15.17 -31.53
CA LEU C 337 19.68 14.21 -32.35
C LEU C 337 20.64 13.36 -31.54
N TYR C 338 21.08 13.81 -30.37
CA TYR C 338 21.97 13.00 -29.54
C TYR C 338 21.19 12.01 -28.68
N TYR C 339 19.97 12.34 -28.27
CA TYR C 339 19.18 11.51 -27.37
C TYR C 339 18.13 10.69 -28.11
N VAL C 340 18.35 10.39 -29.39
CA VAL C 340 17.44 9.54 -30.16
C VAL C 340 18.26 8.52 -30.94
N ASP D 10 6.54 -50.57 -6.08
CA ASP D 10 5.98 -49.88 -4.93
C ASP D 10 7.11 -49.51 -3.97
N ASN D 11 7.86 -48.49 -4.35
CA ASN D 11 8.97 -47.95 -3.57
C ASN D 11 8.57 -46.79 -2.67
N THR D 12 7.28 -46.59 -2.45
CA THR D 12 6.81 -45.52 -1.56
C THR D 12 6.46 -46.04 -0.17
N THR D 13 6.22 -47.34 -0.04
CA THR D 13 5.86 -47.90 1.26
C THR D 13 7.07 -47.98 2.18
N VAL D 14 8.25 -48.25 1.62
CA VAL D 14 9.47 -48.32 2.42
C VAL D 14 9.81 -46.96 3.02
N PHE D 15 9.71 -45.89 2.23
CA PHE D 15 9.99 -44.55 2.75
C PHE D 15 8.89 -44.08 3.71
N THR D 16 7.64 -44.51 3.48
CA THR D 16 6.57 -44.22 4.45
C THR D 16 6.86 -44.89 5.79
N ARG D 17 7.34 -46.13 5.77
CA ARG D 17 7.71 -46.83 6.99
C ARG D 17 8.89 -46.16 7.69
N ILE D 18 9.86 -45.67 6.90
CA ILE D 18 10.98 -44.93 7.47
C ILE D 18 10.51 -43.67 8.19
N LEU D 19 9.70 -42.85 7.52
CA LEU D 19 9.20 -41.61 8.12
C LEU D 19 8.29 -41.87 9.32
N ASP D 20 7.59 -43.01 9.31
CA ASP D 20 6.73 -43.34 10.44
C ASP D 20 7.54 -43.87 11.62
N ARG D 21 8.68 -44.52 11.35
CA ARG D 21 9.53 -44.91 12.46
C ARG D 21 10.27 -43.69 13.02
N LEU D 22 10.58 -42.71 12.16
CA LEU D 22 11.20 -41.48 12.62
C LEU D 22 10.27 -40.66 13.51
N LEU D 23 8.97 -40.67 13.24
CA LEU D 23 8.06 -39.83 14.00
C LEU D 23 7.33 -40.59 15.10
N ASP D 24 7.75 -41.81 15.40
CA ASP D 24 7.13 -42.62 16.44
C ASP D 24 7.77 -42.30 17.78
N GLY D 25 7.04 -41.57 18.63
CA GLY D 25 7.60 -41.15 19.91
C GLY D 25 8.46 -39.92 19.89
N TYR D 26 8.30 -39.05 18.89
CA TYR D 26 9.09 -37.83 18.82
C TYR D 26 8.33 -36.71 19.51
N ASP D 27 9.01 -36.00 20.40
CA ASP D 27 8.42 -34.92 21.18
C ASP D 27 9.08 -33.61 20.76
N ASN D 28 8.36 -32.79 19.99
CA ASN D 28 8.88 -31.54 19.46
C ASN D 28 8.83 -30.39 20.45
N ARG D 29 8.55 -30.64 21.72
CA ARG D 29 8.62 -29.63 22.76
C ARG D 29 9.95 -29.61 23.49
N LEU D 30 10.87 -30.51 23.13
CA LEU D 30 12.14 -30.68 23.81
C LEU D 30 13.28 -30.48 22.84
N ARG D 31 14.30 -29.72 23.24
CA ARG D 31 15.43 -29.51 22.36
C ARG D 31 16.33 -30.74 22.37
N PRO D 32 17.07 -30.99 21.29
CA PRO D 32 17.95 -32.18 21.25
C PRO D 32 19.09 -32.08 22.25
N GLY D 33 19.18 -33.06 23.14
CA GLY D 33 20.20 -33.01 24.16
C GLY D 33 19.81 -32.17 25.35
N LEU D 34 18.58 -32.32 25.85
CA LEU D 34 18.09 -31.44 26.91
C LEU D 34 18.82 -31.68 28.23
N GLY D 35 19.28 -32.90 28.48
CA GLY D 35 19.87 -33.20 29.77
C GLY D 35 21.36 -33.46 29.73
N GLU D 36 21.95 -33.52 28.54
CA GLU D 36 23.35 -33.90 28.42
C GLU D 36 24.27 -32.83 27.84
N ARG D 37 23.87 -32.13 26.78
CA ARG D 37 24.82 -31.24 26.11
C ARG D 37 24.11 -29.94 25.76
N VAL D 38 24.81 -29.08 25.03
CA VAL D 38 24.30 -27.79 24.61
C VAL D 38 24.04 -27.84 23.11
N THR D 39 22.84 -27.44 22.70
CA THR D 39 22.48 -27.39 21.28
C THR D 39 23.27 -26.29 20.58
N GLU D 40 23.99 -26.63 19.52
CA GLU D 40 24.84 -25.68 18.81
C GLU D 40 24.30 -25.52 17.40
N VAL D 41 23.84 -24.32 17.07
CA VAL D 41 23.20 -24.04 15.80
C VAL D 41 24.16 -23.23 14.94
N LYS D 42 24.36 -23.68 13.70
CA LYS D 42 25.23 -22.99 12.75
C LYS D 42 24.41 -22.16 11.78
N THR D 43 24.74 -20.88 11.68
CA THR D 43 23.91 -19.91 10.97
C THR D 43 24.62 -19.44 9.71
N ASP D 44 23.83 -19.01 8.72
CA ASP D 44 24.36 -18.56 7.45
C ASP D 44 23.32 -17.62 6.86
N ILE D 45 23.79 -16.59 6.15
CA ILE D 45 22.92 -15.58 5.54
C ILE D 45 23.40 -15.35 4.12
N PHE D 46 22.50 -15.51 3.15
CA PHE D 46 22.78 -15.16 1.76
C PHE D 46 21.83 -14.03 1.37
N VAL D 47 22.37 -12.83 1.19
CA VAL D 47 21.55 -11.67 0.86
C VAL D 47 21.29 -11.63 -0.64
N THR D 48 20.03 -11.85 -1.04
CA THR D 48 19.74 -11.85 -2.46
C THR D 48 19.52 -10.44 -3.02
N SER D 49 19.18 -9.47 -2.17
CA SER D 49 19.03 -8.09 -2.58
C SER D 49 19.00 -7.21 -1.34
N PHE D 50 19.88 -6.22 -1.31
CA PHE D 50 19.89 -5.23 -0.23
C PHE D 50 18.92 -4.12 -0.62
N GLY D 51 17.75 -4.11 0.01
CA GLY D 51 16.66 -3.26 -0.38
C GLY D 51 16.93 -1.79 -0.11
N PRO D 52 15.93 -0.95 -0.38
CA PRO D 52 16.14 0.49 -0.22
C PRO D 52 16.20 0.89 1.24
N VAL D 53 16.98 1.93 1.50
CA VAL D 53 17.15 2.47 2.84
C VAL D 53 16.27 3.70 2.97
N SER D 54 15.29 3.65 3.85
CA SER D 54 14.40 4.78 4.06
C SER D 54 15.05 5.65 5.13
N ASP D 55 15.66 6.76 4.69
CA ASP D 55 16.36 7.62 5.64
C ASP D 55 15.38 8.42 6.47
N HIS D 56 14.22 8.76 5.90
CA HIS D 56 13.21 9.54 6.60
C HIS D 56 12.58 8.77 7.75
N ASP D 57 12.64 7.44 7.72
CA ASP D 57 12.08 6.60 8.76
C ASP D 57 13.15 5.91 9.61
N MET D 58 14.43 6.08 9.26
CA MET D 58 15.57 5.43 9.91
C MET D 58 15.45 3.90 9.94
N GLU D 59 15.37 3.31 8.76
CA GLU D 59 15.19 1.87 8.64
C GLU D 59 15.67 1.46 7.26
N TYR D 60 15.85 0.15 7.08
CA TYR D 60 16.24 -0.41 5.80
C TYR D 60 15.57 -1.76 5.60
N THR D 61 15.60 -2.23 4.37
CA THR D 61 14.99 -3.50 3.99
C THR D 61 16.09 -4.41 3.45
N ILE D 62 15.94 -5.71 3.66
CA ILE D 62 16.93 -6.68 3.20
C ILE D 62 16.25 -8.02 2.98
N ASP D 63 16.48 -8.61 1.81
CA ASP D 63 15.90 -9.89 1.43
C ASP D 63 16.98 -10.96 1.53
N VAL D 64 16.74 -12.01 2.31
CA VAL D 64 17.79 -12.97 2.66
C VAL D 64 17.27 -14.38 2.53
N PHE D 65 18.19 -15.31 2.22
CA PHE D 65 18.03 -16.72 2.56
C PHE D 65 18.69 -16.95 3.90
N PHE D 66 17.90 -17.34 4.89
CA PHE D 66 18.39 -17.53 6.25
C PHE D 66 18.49 -19.02 6.54
N ARG D 67 19.71 -19.51 6.76
CA ARG D 67 19.97 -20.93 6.90
C ARG D 67 20.44 -21.26 8.30
N GLN D 68 19.90 -22.33 8.87
CA GLN D 68 20.30 -22.83 10.18
C GLN D 68 20.57 -24.32 10.09
N SER D 69 21.46 -24.80 10.94
CA SER D 69 21.80 -26.22 10.95
C SER D 69 22.17 -26.65 12.36
N TRP D 70 21.65 -27.80 12.78
CA TRP D 70 21.96 -28.33 14.10
C TRP D 70 21.98 -29.86 14.00
N LYS D 71 22.13 -30.52 15.14
CA LYS D 71 22.23 -31.98 15.20
C LYS D 71 21.19 -32.53 16.15
N ASP D 72 20.32 -33.40 15.63
CA ASP D 72 19.26 -34.03 16.41
C ASP D 72 19.46 -35.53 16.33
N GLU D 73 19.89 -36.14 17.44
CA GLU D 73 20.21 -37.57 17.51
C GLU D 73 18.97 -38.47 17.48
N ARG D 74 17.76 -37.92 17.49
CA ARG D 74 16.54 -38.71 17.42
C ARG D 74 16.07 -38.96 16.00
N LEU D 75 16.71 -38.36 15.00
CA LEU D 75 16.32 -38.48 13.61
C LEU D 75 17.39 -39.20 12.80
N LYS D 76 18.03 -40.19 13.41
CA LYS D 76 18.95 -41.06 12.68
C LYS D 76 18.16 -42.16 11.98
N PHE D 77 18.60 -42.52 10.78
CA PHE D 77 17.94 -43.56 10.02
C PHE D 77 18.97 -44.32 9.20
N LYS D 78 18.51 -45.38 8.53
CA LYS D 78 19.34 -46.17 7.64
C LYS D 78 18.46 -46.63 6.50
N GLY D 79 18.64 -46.01 5.33
CA GLY D 79 17.87 -46.36 4.16
C GLY D 79 18.71 -46.29 2.90
N PRO D 80 18.08 -46.50 1.74
CA PRO D 80 18.82 -46.39 0.47
C PRO D 80 19.35 -45.00 0.16
N MET D 81 18.65 -43.95 0.57
CA MET D 81 19.12 -42.59 0.38
C MET D 81 19.90 -42.10 1.59
N THR D 82 20.89 -41.25 1.34
CA THR D 82 21.71 -40.69 2.39
C THR D 82 21.25 -39.31 2.83
N VAL D 83 20.41 -38.64 2.05
CA VAL D 83 19.86 -37.33 2.38
C VAL D 83 18.39 -37.34 1.97
N LEU D 84 17.50 -37.01 2.91
CA LEU D 84 16.08 -36.86 2.64
C LEU D 84 15.77 -35.39 2.41
N ARG D 85 15.40 -35.04 1.19
CA ARG D 85 14.99 -33.67 0.89
C ARG D 85 13.47 -33.64 0.99
N LEU D 86 12.99 -33.37 2.20
CA LEU D 86 11.59 -33.54 2.54
C LEU D 86 10.82 -32.26 2.21
N ASN D 87 9.57 -32.19 2.66
CA ASN D 87 8.70 -31.08 2.32
C ASN D 87 8.86 -29.97 3.38
N ASN D 88 8.11 -28.89 3.20
CA ASN D 88 8.07 -27.81 4.17
C ASN D 88 6.97 -27.98 5.22
N LEU D 89 6.29 -29.13 5.22
CA LEU D 89 5.30 -29.46 6.25
C LEU D 89 5.80 -30.53 7.20
N MET D 90 7.01 -31.04 7.00
CA MET D 90 7.67 -31.90 7.97
C MET D 90 8.41 -31.11 9.03
N ALA D 91 8.82 -29.87 8.71
CA ALA D 91 9.54 -29.01 9.63
C ALA D 91 8.66 -28.47 10.75
N SER D 92 7.35 -28.64 10.68
CA SER D 92 6.46 -28.21 11.76
C SER D 92 6.24 -29.30 12.80
N LYS D 93 6.57 -30.55 12.49
CA LYS D 93 6.41 -31.66 13.41
C LYS D 93 7.64 -31.91 14.26
N ILE D 94 8.75 -31.23 14.00
CA ILE D 94 10.01 -31.45 14.70
C ILE D 94 10.42 -30.15 15.36
N TRP D 95 11.49 -30.22 16.15
CA TRP D 95 12.00 -29.06 16.86
C TRP D 95 12.82 -28.17 15.95
N THR D 96 12.57 -26.87 15.99
CA THR D 96 13.34 -25.88 15.25
C THR D 96 13.63 -24.71 16.18
N PRO D 97 14.78 -24.07 16.05
CA PRO D 97 15.11 -22.96 16.95
C PRO D 97 14.28 -21.72 16.65
N ASP D 98 13.97 -20.96 17.70
CA ASP D 98 13.14 -19.77 17.58
C ASP D 98 14.01 -18.52 17.54
N THR D 99 14.70 -18.36 16.41
CA THR D 99 15.54 -17.18 16.22
C THR D 99 14.67 -15.98 15.92
N PHE D 100 14.99 -14.84 16.55
CA PHE D 100 14.30 -13.60 16.26
C PHE D 100 15.32 -12.48 16.12
N PHE D 101 14.93 -11.43 15.42
CA PHE D 101 15.79 -10.30 15.14
C PHE D 101 15.57 -9.22 16.20
N HIS D 102 16.63 -8.85 16.92
CA HIS D 102 16.51 -7.94 18.05
C HIS D 102 16.08 -6.54 17.63
N ASN D 103 16.38 -6.12 16.40
CA ASN D 103 16.02 -4.79 15.94
C ASN D 103 15.11 -4.81 14.71
N GLY D 104 14.49 -5.96 14.43
CA GLY D 104 13.55 -6.05 13.32
C GLY D 104 12.22 -5.42 13.67
N LYS D 105 11.66 -4.68 12.71
CA LYS D 105 10.42 -3.95 12.92
C LYS D 105 9.19 -4.74 12.46
N LYS D 106 9.11 -5.06 11.17
CA LYS D 106 7.96 -5.84 10.70
C LYS D 106 8.44 -6.66 9.51
N SER D 107 8.83 -7.91 9.78
CA SER D 107 9.33 -8.80 8.75
C SER D 107 8.21 -9.70 8.26
N VAL D 108 8.37 -10.22 7.06
CA VAL D 108 7.40 -11.12 6.47
C VAL D 108 8.12 -12.39 6.03
N ALA D 109 7.38 -13.51 6.03
CA ALA D 109 7.88 -14.78 5.52
C ALA D 109 6.98 -15.18 4.36
N HIS D 110 7.59 -15.34 3.18
CA HIS D 110 6.82 -15.50 1.95
C HIS D 110 6.12 -16.85 1.88
N ASN D 111 4.94 -16.85 1.27
CA ASN D 111 4.03 -17.99 1.23
C ASN D 111 3.57 -18.30 -0.19
N MET D 112 4.37 -17.94 -1.18
CA MET D 112 3.98 -18.06 -2.58
C MET D 112 4.97 -18.97 -3.32
N THR D 113 4.47 -20.05 -3.94
CA THR D 113 3.07 -20.48 -3.93
C THR D 113 2.81 -21.35 -2.71
N MET D 114 3.84 -22.08 -2.30
CA MET D 114 3.93 -22.85 -1.08
C MET D 114 4.83 -22.13 -0.09
N PRO D 115 4.80 -22.49 1.20
CA PRO D 115 5.75 -21.90 2.17
C PRO D 115 7.20 -22.10 1.76
N ASN D 116 7.91 -20.98 1.59
CA ASN D 116 9.29 -20.99 1.12
C ASN D 116 10.20 -21.44 2.26
N LYS D 117 10.22 -22.75 2.49
CA LYS D 117 11.06 -23.38 3.50
C LYS D 117 11.69 -24.63 2.90
N LEU D 118 12.75 -25.09 3.56
CA LEU D 118 13.55 -26.19 3.03
C LEU D 118 14.06 -26.99 4.20
N LEU D 119 13.87 -28.31 4.15
CA LEU D 119 14.33 -29.20 5.20
C LEU D 119 15.09 -30.36 4.59
N ARG D 120 16.32 -30.58 5.05
CA ARG D 120 17.12 -31.72 4.60
C ARG D 120 17.62 -32.45 5.83
N ILE D 121 17.48 -33.77 5.84
CA ILE D 121 17.91 -34.61 6.94
C ILE D 121 18.99 -35.54 6.41
N THR D 122 20.16 -35.50 7.04
CA THR D 122 21.27 -36.36 6.66
C THR D 122 21.18 -37.65 7.48
N GLU D 123 21.79 -38.72 6.94
CA GLU D 123 21.66 -40.05 7.51
C GLU D 123 22.18 -40.14 8.94
N ASP D 124 23.20 -39.34 9.27
CA ASP D 124 23.80 -39.39 10.59
C ASP D 124 23.08 -38.51 11.60
N GLY D 125 22.05 -37.76 11.18
CA GLY D 125 21.25 -36.96 12.08
C GLY D 125 21.35 -35.46 11.90
N THR D 126 22.12 -34.97 10.94
CA THR D 126 22.26 -33.53 10.74
C THR D 126 21.05 -32.99 9.99
N LEU D 127 20.58 -31.81 10.41
CA LEU D 127 19.44 -31.14 9.80
C LEU D 127 19.85 -29.80 9.23
N LEU D 128 19.45 -29.53 7.98
CA LEU D 128 19.60 -28.21 7.37
C LEU D 128 18.23 -27.60 7.17
N TYR D 129 18.03 -26.37 7.66
CA TYR D 129 16.73 -25.71 7.65
C TYR D 129 16.91 -24.31 7.11
N THR D 130 16.26 -24.01 5.98
CA THR D 130 16.44 -22.74 5.29
C THR D 130 15.09 -22.06 5.11
N MET D 131 15.07 -20.74 5.30
CA MET D 131 13.90 -19.92 5.09
C MET D 131 14.24 -18.76 4.17
N ARG D 132 13.24 -18.25 3.47
CA ARG D 132 13.40 -17.02 2.68
C ARG D 132 12.45 -15.99 3.25
N LEU D 133 12.99 -14.84 3.64
CA LEU D 133 12.21 -13.85 4.34
C LEU D 133 12.82 -12.47 4.13
N THR D 134 12.00 -11.45 4.36
CA THR D 134 12.35 -10.06 4.14
C THR D 134 12.42 -9.37 5.49
N VAL D 135 13.62 -9.02 5.93
CA VAL D 135 13.80 -8.34 7.21
C VAL D 135 13.67 -6.84 6.98
N ARG D 136 12.95 -6.16 7.87
CA ARG D 136 12.86 -4.71 7.88
C ARG D 136 13.43 -4.24 9.22
N ALA D 137 14.69 -3.83 9.23
CA ALA D 137 15.38 -3.56 10.49
C ALA D 137 15.59 -2.06 10.65
N GLU D 138 15.93 -1.65 11.86
CA GLU D 138 16.07 -0.24 12.20
C GLU D 138 17.55 0.12 12.26
N CYS D 139 17.89 1.25 11.64
CA CYS D 139 19.28 1.71 11.54
C CYS D 139 19.35 3.12 12.13
N PRO D 140 19.84 3.28 13.35
CA PRO D 140 19.95 4.64 13.90
C PRO D 140 21.09 5.41 13.26
N MET D 141 20.76 6.59 12.75
CA MET D 141 21.69 7.41 11.99
C MET D 141 21.97 8.73 12.71
N HIS D 142 23.20 9.20 12.58
CA HIS D 142 23.62 10.50 13.09
C HIS D 142 23.86 11.41 11.89
N LEU D 143 22.86 12.19 11.55
CA LEU D 143 22.87 13.04 10.35
C LEU D 143 23.48 14.40 10.62
N GLU D 144 24.67 14.44 11.21
CA GLU D 144 25.34 15.70 11.47
C GLU D 144 26.14 16.20 10.26
N ASP D 145 26.61 15.28 9.42
CA ASP D 145 27.39 15.59 8.23
C ASP D 145 26.60 15.38 6.95
N PHE D 146 25.27 15.38 7.03
CA PHE D 146 24.41 15.23 5.86
C PHE D 146 24.68 16.36 4.86
N PRO D 147 24.80 16.05 3.57
CA PRO D 147 24.70 14.74 2.91
C PRO D 147 26.05 14.09 2.57
N MET D 148 27.02 14.20 3.47
CA MET D 148 28.35 13.62 3.24
C MET D 148 28.67 12.64 4.37
N ASP D 149 27.71 11.80 4.72
CA ASP D 149 27.80 10.94 5.89
C ASP D 149 27.95 9.47 5.49
N ALA D 150 28.51 8.70 6.42
CA ALA D 150 28.65 7.26 6.30
C ALA D 150 27.94 6.60 7.48
N HIS D 151 27.43 5.40 7.26
CA HIS D 151 26.66 4.70 8.28
C HIS D 151 27.11 3.26 8.39
N ALA D 152 26.71 2.63 9.48
CA ALA D 152 26.92 1.20 9.71
C ALA D 152 25.60 0.64 10.22
N CYS D 153 24.80 0.09 9.32
CA CYS D 153 23.48 -0.39 9.72
C CYS D 153 23.59 -1.79 10.30
N PRO D 154 23.11 -2.03 11.51
CA PRO D 154 23.27 -3.32 12.15
C PRO D 154 22.13 -4.28 11.86
N LEU D 155 22.37 -5.56 12.18
CA LEU D 155 21.33 -6.59 12.11
C LEU D 155 21.65 -7.62 13.20
N LYS D 156 21.02 -7.47 14.36
CA LYS D 156 21.26 -8.36 15.49
C LYS D 156 20.18 -9.42 15.56
N PHE D 157 20.58 -10.69 15.65
CA PHE D 157 19.63 -11.76 15.86
C PHE D 157 20.17 -12.71 16.92
N GLY D 158 19.26 -13.39 17.61
CA GLY D 158 19.64 -14.30 18.65
C GLY D 158 18.49 -15.24 18.95
N SER D 159 18.57 -15.89 20.10
CA SER D 159 17.54 -16.85 20.49
C SER D 159 16.61 -16.26 21.54
N TYR D 160 15.31 -16.37 21.28
CA TYR D 160 14.29 -16.09 22.27
C TYR D 160 14.03 -17.39 23.03
N ALA D 161 13.88 -17.28 24.35
CA ALA D 161 13.47 -18.30 25.32
C ALA D 161 14.58 -19.30 25.67
N TYR D 162 15.74 -19.25 25.03
CA TYR D 162 16.83 -20.20 25.30
C TYR D 162 18.08 -19.44 25.67
N THR D 163 18.56 -19.62 26.90
CA THR D 163 19.71 -18.91 27.43
C THR D 163 21.02 -19.45 26.84
N ARG D 164 22.14 -18.96 27.37
CA ARG D 164 23.45 -19.33 26.85
C ARG D 164 23.85 -20.75 27.24
N ALA D 165 23.33 -21.25 28.34
CA ALA D 165 23.61 -22.62 28.77
C ALA D 165 22.76 -23.67 28.06
N GLU D 166 21.90 -23.27 27.12
CA GLU D 166 21.03 -24.20 26.42
C GLU D 166 21.26 -24.20 24.92
N VAL D 167 21.26 -23.04 24.28
CA VAL D 167 21.39 -22.93 22.82
C VAL D 167 22.42 -21.86 22.52
N VAL D 168 23.46 -22.21 21.75
CA VAL D 168 24.47 -21.26 21.31
C VAL D 168 24.48 -21.23 19.78
N TYR D 169 24.82 -20.07 19.25
CA TYR D 169 24.92 -19.86 17.81
C TYR D 169 26.38 -19.72 17.41
N GLU D 170 26.64 -19.99 16.14
CA GLU D 170 27.98 -19.93 15.55
C GLU D 170 27.82 -19.78 14.05
N TRP D 171 28.84 -19.23 13.42
CA TRP D 171 28.83 -19.11 11.97
C TRP D 171 29.30 -20.42 11.35
N THR D 172 28.68 -20.79 10.22
CA THR D 172 28.97 -22.12 9.66
C THR D 172 30.29 -22.15 8.90
N ARG D 173 30.72 -21.05 8.32
CA ARG D 173 32.01 -20.93 7.66
C ARG D 173 32.84 -19.90 8.43
N GLU D 174 34.01 -19.57 7.87
CA GLU D 174 34.83 -18.48 8.38
C GLU D 174 34.00 -17.21 8.50
N PRO D 175 34.07 -16.49 9.62
CA PRO D 175 33.26 -15.27 9.82
C PRO D 175 33.36 -14.22 8.73
N ALA D 176 34.50 -14.07 8.06
CA ALA D 176 34.59 -13.11 6.97
C ALA D 176 33.83 -13.58 5.73
N ARG D 177 33.54 -14.87 5.61
CA ARG D 177 32.92 -15.42 4.42
C ARG D 177 31.53 -15.98 4.67
N SER D 178 30.92 -15.65 5.81
CA SER D 178 29.62 -16.24 6.15
C SER D 178 28.45 -15.42 5.62
N VAL D 179 28.42 -14.12 5.90
CA VAL D 179 27.40 -13.26 5.30
C VAL D 179 27.86 -12.88 3.90
N VAL D 180 27.09 -13.30 2.90
CA VAL D 180 27.45 -13.11 1.50
C VAL D 180 26.37 -12.29 0.82
N VAL D 181 26.75 -11.15 0.26
CA VAL D 181 25.83 -10.29 -0.47
C VAL D 181 26.03 -10.59 -1.96
N ALA D 182 24.92 -10.71 -2.69
CA ALA D 182 25.04 -10.99 -4.11
C ALA D 182 25.63 -9.78 -4.86
N GLU D 183 26.07 -10.03 -6.09
CA GLU D 183 26.67 -8.97 -6.90
C GLU D 183 25.60 -8.02 -7.43
N ASP D 184 24.62 -8.55 -8.16
CA ASP D 184 23.49 -7.78 -8.63
C ASP D 184 22.43 -7.53 -7.57
N GLY D 185 22.69 -7.90 -6.32
CA GLY D 185 21.74 -7.72 -5.24
C GLY D 185 21.90 -6.36 -4.60
N SER D 186 21.45 -5.32 -5.28
CA SER D 186 21.53 -3.96 -4.75
C SER D 186 20.39 -3.16 -5.37
N ARG D 187 19.36 -2.87 -4.58
CA ARG D 187 18.27 -2.02 -5.00
C ARG D 187 18.44 -0.60 -4.46
N LEU D 188 19.67 -0.22 -4.13
CA LEU D 188 19.99 1.09 -3.58
C LEU D 188 20.10 2.11 -4.69
N ASN D 189 19.48 3.28 -4.48
CA ASN D 189 19.59 4.39 -5.41
C ASN D 189 20.43 5.54 -4.88
N GLN D 190 20.49 5.71 -3.56
CA GLN D 190 21.10 6.88 -2.95
C GLN D 190 22.39 6.56 -2.19
N TYR D 191 22.65 5.30 -1.88
CA TYR D 191 23.82 4.92 -1.09
C TYR D 191 24.70 3.98 -1.90
N ASP D 192 25.80 3.56 -1.28
CA ASP D 192 26.77 2.66 -1.90
C ASP D 192 27.28 1.70 -0.84
N LEU D 193 26.98 0.42 -1.02
CA LEU D 193 27.40 -0.59 -0.05
C LEU D 193 28.89 -0.83 -0.16
N LEU D 194 29.60 -0.70 0.96
CA LEU D 194 31.06 -0.82 0.99
C LEU D 194 31.54 -2.17 1.48
N GLY D 195 30.82 -2.83 2.37
CA GLY D 195 31.24 -4.10 2.89
C GLY D 195 30.40 -4.53 4.07
N GLN D 196 30.76 -5.67 4.62
CA GLN D 196 30.07 -6.26 5.75
C GLN D 196 31.03 -6.43 6.91
N THR D 197 30.46 -6.74 8.08
CA THR D 197 31.23 -6.86 9.31
C THR D 197 30.40 -7.67 10.28
N VAL D 198 30.90 -8.83 10.67
CA VAL D 198 30.16 -9.71 11.57
C VAL D 198 30.80 -9.63 12.95
N ASP D 199 30.03 -10.08 13.96
CA ASP D 199 30.51 -10.15 15.32
C ASP D 199 29.59 -11.09 16.09
N SER D 200 30.04 -11.50 17.27
CA SER D 200 29.25 -12.37 18.13
C SER D 200 29.51 -11.96 19.57
N GLY D 201 28.47 -11.97 20.39
CA GLY D 201 28.63 -11.56 21.76
C GLY D 201 27.55 -12.14 22.64
N ILE D 202 27.46 -11.59 23.85
CA ILE D 202 26.54 -12.03 24.88
C ILE D 202 25.88 -10.79 25.47
N VAL D 203 24.55 -10.82 25.61
CA VAL D 203 23.81 -9.74 26.25
C VAL D 203 23.25 -10.25 27.57
N GLN D 204 23.27 -9.37 28.57
CA GLN D 204 22.79 -9.70 29.91
C GLN D 204 21.42 -9.07 30.06
N SER D 205 20.37 -9.88 30.01
CA SER D 205 19.01 -9.39 30.10
C SER D 205 18.44 -9.65 31.49
N SER D 206 17.17 -9.32 31.66
CA SER D 206 16.49 -9.53 32.95
C SER D 206 16.18 -10.99 33.22
N THR D 207 16.31 -11.88 32.24
CA THR D 207 15.97 -13.29 32.42
C THR D 207 17.16 -14.22 32.27
N GLY D 208 18.34 -13.71 31.94
CA GLY D 208 19.52 -14.52 31.78
C GLY D 208 20.40 -13.96 30.69
N GLU D 209 21.44 -14.72 30.34
CA GLU D 209 22.35 -14.35 29.28
C GLU D 209 21.97 -15.05 27.98
N TYR D 210 22.03 -14.31 26.88
CA TYR D 210 21.63 -14.82 25.57
C TYR D 210 22.74 -14.54 24.56
N VAL D 211 23.00 -15.50 23.69
CA VAL D 211 23.97 -15.29 22.62
C VAL D 211 23.34 -14.41 21.56
N VAL D 212 24.08 -13.42 21.07
CA VAL D 212 23.60 -12.48 20.07
C VAL D 212 24.65 -12.36 18.97
N MET D 213 24.23 -12.60 17.73
CA MET D 213 25.09 -12.48 16.56
C MET D 213 24.80 -11.19 15.82
N THR D 214 25.84 -10.40 15.58
CA THR D 214 25.69 -9.07 15.00
C THR D 214 26.28 -9.04 13.60
N THR D 215 25.67 -8.24 12.72
CA THR D 215 26.14 -8.03 11.37
C THR D 215 25.97 -6.56 11.02
N HIS D 216 27.03 -5.91 10.57
CA HIS D 216 26.99 -4.50 10.19
C HIS D 216 27.21 -4.36 8.70
N PHE D 217 26.34 -3.60 8.04
CA PHE D 217 26.53 -3.22 6.64
C PHE D 217 26.89 -1.75 6.57
N HIS D 218 28.00 -1.44 5.89
CA HIS D 218 28.53 -0.08 5.84
C HIS D 218 28.08 0.62 4.56
N LEU D 219 27.50 1.81 4.71
CA LEU D 219 26.89 2.53 3.60
C LEU D 219 27.51 3.92 3.50
N LYS D 220 27.56 4.45 2.28
CA LYS D 220 28.09 5.79 2.02
C LYS D 220 27.16 6.52 1.07
N ARG D 221 26.73 7.72 1.45
CA ARG D 221 25.75 8.44 0.67
C ARG D 221 26.39 9.12 -0.55
N LYS D 222 25.69 9.07 -1.68
CA LYS D 222 26.15 9.69 -2.91
C LYS D 222 25.69 11.15 -2.99
N ILE D 223 26.61 12.04 -3.30
CA ILE D 223 26.37 13.49 -3.21
C ILE D 223 25.82 14.05 -4.53
N GLY D 224 25.77 13.24 -5.60
CA GLY D 224 25.44 13.74 -6.92
C GLY D 224 24.06 14.37 -7.07
N TYR D 225 23.09 13.90 -6.29
CA TYR D 225 21.74 14.47 -6.37
C TYR D 225 21.66 15.83 -5.69
N PHE D 226 22.18 15.92 -4.46
CA PHE D 226 22.05 17.14 -3.66
C PHE D 226 22.83 18.30 -4.24
N VAL D 227 23.91 18.02 -4.98
CA VAL D 227 24.64 19.06 -5.71
C VAL D 227 23.70 19.79 -6.67
N ILE D 228 23.13 19.06 -7.63
CA ILE D 228 22.22 19.61 -8.63
C ILE D 228 20.95 20.17 -7.98
N GLN D 229 20.55 19.61 -6.83
CA GLN D 229 19.34 20.06 -6.17
C GLN D 229 19.51 21.39 -5.46
N THR D 230 20.60 21.55 -4.71
CA THR D 230 20.75 22.68 -3.81
C THR D 230 22.01 23.52 -4.05
N TYR D 231 23.15 22.88 -4.31
CA TYR D 231 24.42 23.60 -4.27
C TYR D 231 24.66 24.43 -5.52
N LEU D 232 24.11 24.00 -6.65
CA LEU D 232 24.18 24.75 -7.90
C LEU D 232 23.18 25.92 -7.90
N PRO D 233 21.90 25.77 -7.49
CA PRO D 233 21.05 26.96 -7.38
C PRO D 233 21.56 28.00 -6.40
N CYS D 234 22.17 27.59 -5.28
CA CYS D 234 22.72 28.54 -4.32
C CYS D 234 23.85 29.36 -4.93
N ILE D 235 24.76 28.70 -5.64
CA ILE D 235 25.89 29.40 -6.26
C ILE D 235 25.40 30.34 -7.36
N MET D 236 24.44 29.88 -8.17
CA MET D 236 23.90 30.74 -9.24
C MET D 236 23.10 31.90 -8.67
N THR D 237 22.39 31.69 -7.57
CA THR D 237 21.65 32.76 -6.92
C THR D 237 22.57 33.78 -6.26
N VAL D 238 23.67 33.32 -5.66
CA VAL D 238 24.67 34.23 -5.10
C VAL D 238 25.31 35.07 -6.21
N ILE D 239 25.62 34.46 -7.36
CA ILE D 239 26.15 35.20 -8.50
C ILE D 239 25.13 36.21 -9.02
N LEU D 240 23.85 35.82 -9.06
CA LEU D 240 22.79 36.73 -9.49
C LEU D 240 22.63 37.90 -8.53
N SER D 241 22.88 37.68 -7.24
CA SER D 241 22.86 38.78 -6.29
C SER D 241 24.05 39.70 -6.49
N GLN D 242 25.22 39.13 -6.75
CA GLN D 242 26.45 39.92 -6.89
C GLN D 242 26.51 40.68 -8.20
N VAL D 243 25.75 40.26 -9.22
CA VAL D 243 25.73 40.96 -10.51
C VAL D 243 25.02 42.31 -10.42
N SER D 244 24.30 42.59 -9.34
CA SER D 244 23.62 43.87 -9.18
C SER D 244 24.60 45.01 -8.92
N PHE D 245 25.82 44.72 -8.45
CA PHE D 245 26.80 45.75 -8.13
C PHE D 245 27.39 46.42 -9.36
N TRP D 246 27.15 45.89 -10.56
CA TRP D 246 27.74 46.44 -11.76
C TRP D 246 26.81 47.42 -12.47
N LEU D 247 25.53 47.40 -12.12
CA LEU D 247 24.57 48.38 -12.64
C LEU D 247 24.77 49.73 -11.98
N ASN D 248 24.40 50.79 -12.70
CA ASN D 248 24.56 52.14 -12.21
C ASN D 248 23.59 52.42 -11.05
N ARG D 249 23.96 53.41 -10.22
CA ARG D 249 23.18 53.74 -9.03
C ARG D 249 21.90 54.52 -9.32
N GLU D 250 21.66 54.92 -10.57
CA GLU D 250 20.49 55.71 -10.90
C GLU D 250 19.26 54.88 -11.27
N SER D 251 19.39 53.58 -11.46
CA SER D 251 18.23 52.72 -11.73
C SER D 251 17.96 51.94 -10.46
N VAL D 252 17.23 52.57 -9.54
CA VAL D 252 16.91 52.01 -8.23
C VAL D 252 15.78 50.97 -8.17
N PRO D 253 14.64 51.07 -8.91
CA PRO D 253 13.64 49.97 -8.81
C PRO D 253 14.15 48.64 -9.34
N ALA D 254 14.97 48.69 -10.39
CA ALA D 254 15.58 47.52 -10.99
C ALA D 254 16.37 46.74 -9.96
N ARG D 255 17.31 47.42 -9.28
CA ARG D 255 18.14 46.74 -8.30
C ARG D 255 17.37 46.31 -7.06
N THR D 256 16.32 47.07 -6.67
CA THR D 256 15.47 46.63 -5.56
C THR D 256 14.78 45.30 -5.87
N VAL D 257 14.16 45.21 -7.06
CA VAL D 257 13.46 43.97 -7.39
C VAL D 257 14.46 42.83 -7.64
N PHE D 258 15.67 43.14 -8.17
CA PHE D 258 16.78 42.18 -8.21
C PHE D 258 17.03 41.56 -6.84
N GLY D 259 17.31 42.42 -5.85
CA GLY D 259 17.59 41.95 -4.50
C GLY D 259 16.45 41.15 -3.88
N VAL D 260 15.22 41.68 -3.98
CA VAL D 260 14.11 41.04 -3.28
C VAL D 260 13.72 39.70 -3.95
N THR D 261 13.84 39.60 -5.28
CA THR D 261 13.53 38.32 -5.90
C THR D 261 14.67 37.31 -5.71
N THR D 262 15.90 37.79 -5.53
CA THR D 262 16.98 36.91 -5.13
C THR D 262 16.71 36.34 -3.74
N VAL D 263 16.19 37.19 -2.84
CA VAL D 263 15.76 36.74 -1.52
C VAL D 263 14.63 35.72 -1.64
N LEU D 264 13.68 35.96 -2.56
CA LEU D 264 12.59 35.00 -2.81
C LEU D 264 13.10 33.63 -3.25
N THR D 265 14.08 33.62 -4.15
CA THR D 265 14.65 32.35 -4.59
C THR D 265 15.36 31.65 -3.45
N MET D 266 16.10 32.40 -2.64
CA MET D 266 16.78 31.79 -1.48
C MET D 266 15.80 31.23 -0.46
N THR D 267 14.69 31.93 -0.18
CA THR D 267 13.74 31.40 0.81
C THR D 267 13.01 30.15 0.29
N THR D 268 12.49 30.18 -0.95
CA THR D 268 11.81 28.99 -1.46
C THR D 268 12.79 27.82 -1.66
N LEU D 269 14.04 28.13 -2.00
CA LEU D 269 15.08 27.12 -2.10
C LEU D 269 15.34 26.48 -0.75
N SER D 270 15.48 27.29 0.30
CA SER D 270 15.72 26.79 1.65
C SER D 270 14.54 25.96 2.14
N ILE D 271 13.31 26.36 1.80
CA ILE D 271 12.13 25.60 2.18
C ILE D 271 12.10 24.24 1.50
N SER D 272 12.35 24.23 0.19
CA SER D 272 12.37 22.98 -0.57
C SER D 272 13.52 22.07 -0.15
N ALA D 273 14.61 22.65 0.34
CA ALA D 273 15.74 21.82 0.72
C ALA D 273 15.59 21.32 2.16
N ARG D 274 14.86 22.05 3.00
CA ARG D 274 14.65 21.61 4.36
C ARG D 274 13.56 20.55 4.42
N ASN D 275 12.63 20.56 3.45
CA ASN D 275 11.54 19.59 3.47
C ASN D 275 11.96 18.19 3.02
N SER D 276 13.18 18.01 2.51
CA SER D 276 13.64 16.70 2.06
C SER D 276 14.17 15.87 3.23
N LEU D 277 15.11 16.44 4.00
CA LEU D 277 15.70 15.76 5.14
C LEU D 277 14.65 15.58 6.24
N PRO D 278 14.68 14.46 6.96
CA PRO D 278 13.80 14.27 8.13
C PRO D 278 14.04 15.33 9.21
N LYS D 279 13.11 15.35 10.17
CA LYS D 279 13.05 16.43 11.15
C LYS D 279 14.02 16.17 12.30
N VAL D 280 15.30 16.38 12.03
CA VAL D 280 16.29 16.28 13.09
C VAL D 280 16.32 17.57 13.88
N ALA D 281 16.84 17.51 15.10
CA ALA D 281 16.81 18.62 16.03
C ALA D 281 18.18 19.30 16.15
N TYR D 282 19.01 19.21 15.12
CA TYR D 282 20.32 19.86 15.12
C TYR D 282 20.58 20.42 13.72
N ALA D 283 21.78 20.96 13.55
CA ALA D 283 22.17 21.62 12.31
C ALA D 283 23.12 20.73 11.54
N THR D 284 22.83 20.53 10.26
CA THR D 284 23.66 19.74 9.38
C THR D 284 24.59 20.67 8.58
N ALA D 285 25.29 20.10 7.59
CA ALA D 285 26.20 20.89 6.77
C ALA D 285 25.44 21.72 5.75
N MET D 286 24.38 21.14 5.18
CA MET D 286 23.55 21.87 4.23
C MET D 286 22.86 23.07 4.87
N ASP D 287 22.48 22.95 6.14
CA ASP D 287 21.90 24.08 6.86
C ASP D 287 22.89 25.22 7.03
N TRP D 288 24.15 24.91 7.35
CA TRP D 288 25.18 25.94 7.46
C TRP D 288 25.44 26.61 6.11
N PHE D 289 25.45 25.81 5.03
CA PHE D 289 25.62 26.36 3.69
C PHE D 289 24.49 27.31 3.33
N ILE D 290 23.23 26.91 3.60
CA ILE D 290 22.08 27.76 3.30
C ILE D 290 22.12 29.03 4.14
N ALA D 291 22.56 28.92 5.40
CA ALA D 291 22.67 30.08 6.27
C ALA D 291 23.70 31.09 5.78
N VAL D 292 24.88 30.61 5.37
CA VAL D 292 25.92 31.53 4.90
C VAL D 292 25.53 32.16 3.56
N CYS D 293 24.90 31.39 2.66
CA CYS D 293 24.44 31.95 1.38
C CYS D 293 23.33 32.99 1.59
N TYR D 294 22.40 32.72 2.50
CA TYR D 294 21.38 33.70 2.87
C TYR D 294 22.01 34.95 3.46
N ALA D 295 23.04 34.78 4.31
CA ALA D 295 23.77 35.92 4.87
C ALA D 295 24.43 36.75 3.78
N PHE D 296 25.03 36.11 2.79
CA PHE D 296 25.65 36.82 1.67
C PHE D 296 24.63 37.60 0.85
N VAL D 297 23.49 36.97 0.54
CA VAL D 297 22.44 37.64 -0.23
C VAL D 297 21.89 38.84 0.53
N PHE D 298 21.58 38.64 1.82
CA PHE D 298 21.08 39.74 2.66
C PHE D 298 22.13 40.84 2.82
N SER D 299 23.41 40.47 2.91
CA SER D 299 24.48 41.45 3.01
C SER D 299 24.59 42.27 1.74
N ALA D 300 24.41 41.62 0.58
CA ALA D 300 24.38 42.33 -0.69
C ALA D 300 23.24 43.34 -0.74
N LEU D 301 22.05 42.92 -0.30
CA LEU D 301 20.90 43.81 -0.34
C LEU D 301 21.04 44.99 0.64
N ILE D 302 21.52 44.74 1.86
CA ILE D 302 21.72 45.85 2.80
C ILE D 302 22.85 46.78 2.33
N GLU D 303 23.89 46.23 1.69
CA GLU D 303 24.96 47.05 1.13
C GLU D 303 24.43 47.95 0.03
N PHE D 304 23.54 47.39 -0.81
CA PHE D 304 22.87 48.20 -1.83
C PHE D 304 22.04 49.30 -1.18
N ALA D 305 21.34 48.99 -0.09
CA ALA D 305 20.57 50.01 0.61
C ALA D 305 21.46 51.13 1.15
N THR D 306 22.63 50.78 1.69
CA THR D 306 23.57 51.80 2.16
C THR D 306 24.12 52.66 1.02
N VAL D 307 24.55 52.04 -0.08
CA VAL D 307 25.05 52.80 -1.24
C VAL D 307 23.95 53.73 -1.79
N ASN D 308 22.71 53.24 -1.90
CA ASN D 308 21.63 54.06 -2.39
C ASN D 308 21.30 55.19 -1.43
N TYR D 309 21.37 54.94 -0.13
CA TYR D 309 21.11 56.02 0.83
C TYR D 309 22.21 57.06 0.80
N PHE D 310 23.45 56.65 0.55
CA PHE D 310 24.58 57.58 0.47
C PHE D 310 24.77 58.29 -0.86
N THR D 311 24.01 57.96 -1.91
CA THR D 311 24.09 58.76 -3.14
C THR D 311 23.36 60.09 -2.94
N LYS D 312 23.72 61.06 -3.77
CA LYS D 312 23.21 62.44 -3.85
C LYS D 312 23.55 63.29 -2.62
N SER D 313 24.24 62.74 -1.62
CA SER D 313 24.72 63.45 -0.46
C SER D 313 26.24 63.38 -0.38
N GLN D 314 26.82 62.18 -0.51
CA GLN D 314 28.27 62.00 -0.51
C GLN D 314 28.56 61.04 -1.66
N PRO D 315 28.77 61.57 -2.87
CA PRO D 315 29.05 60.68 -4.02
C PRO D 315 30.40 60.00 -3.98
N ALA D 316 31.43 60.64 -3.42
CA ALA D 316 32.76 60.04 -3.36
C ALA D 316 32.79 58.82 -2.44
N ARG D 317 32.11 58.90 -1.30
CA ARG D 317 32.05 57.77 -0.37
C ARG D 317 31.29 56.60 -0.97
N ALA D 318 30.16 56.88 -1.62
CA ALA D 318 29.38 55.84 -2.30
C ALA D 318 30.18 55.19 -3.42
N ALA D 319 30.89 55.99 -4.23
CA ALA D 319 31.72 55.44 -5.30
C ALA D 319 32.84 54.56 -4.73
N LYS D 320 33.48 55.01 -3.64
CA LYS D 320 34.56 54.25 -3.02
C LYS D 320 34.05 52.92 -2.47
N ILE D 321 32.91 52.95 -1.77
CA ILE D 321 32.44 51.72 -1.14
C ILE D 321 31.79 50.79 -2.18
N ASP D 322 31.32 51.31 -3.31
CA ASP D 322 30.81 50.42 -4.33
C ASP D 322 31.93 49.83 -5.17
N ARG D 323 33.06 50.52 -5.26
CA ARG D 323 34.19 49.95 -6.00
C ARG D 323 34.90 48.92 -5.13
N LEU D 324 34.93 49.16 -3.81
CA LEU D 324 35.54 48.18 -2.91
C LEU D 324 34.65 46.95 -2.77
N SER D 325 33.34 47.14 -2.64
CA SER D 325 32.41 46.01 -2.52
C SER D 325 32.09 45.34 -3.84
N ARG D 326 32.60 45.84 -4.97
CA ARG D 326 32.40 45.12 -6.22
C ARG D 326 33.37 43.95 -6.32
N ILE D 327 34.47 44.01 -5.56
CA ILE D 327 35.51 42.99 -5.60
C ILE D 327 35.69 42.30 -4.25
N ALA D 328 35.20 42.86 -3.14
CA ALA D 328 35.39 42.20 -1.85
C ALA D 328 34.46 41.01 -1.65
N PHE D 329 33.26 41.03 -2.23
CA PHE D 329 32.31 39.92 -2.07
C PHE D 329 32.76 38.60 -2.72
N PRO D 330 33.24 38.54 -3.98
CA PRO D 330 33.70 37.24 -4.51
C PRO D 330 34.87 36.62 -3.77
N LEU D 331 35.81 37.42 -3.25
CA LEU D 331 36.93 36.89 -2.48
C LEU D 331 36.45 36.15 -1.23
N LEU D 332 35.55 36.78 -0.46
CA LEU D 332 35.00 36.14 0.74
C LEU D 332 34.17 34.91 0.40
N PHE D 333 33.39 34.98 -0.69
CA PHE D 333 32.60 33.81 -1.07
C PHE D 333 33.48 32.65 -1.52
N GLY D 334 34.55 32.94 -2.27
CA GLY D 334 35.47 31.89 -2.69
C GLY D 334 36.25 31.26 -1.55
N ILE D 335 36.73 32.07 -0.60
CA ILE D 335 37.43 31.49 0.56
C ILE D 335 36.47 30.64 1.40
N PHE D 336 35.21 31.09 1.58
CA PHE D 336 34.23 30.29 2.32
C PHE D 336 33.96 28.96 1.64
N ASN D 337 33.82 28.97 0.30
CA ASN D 337 33.61 27.75 -0.46
C ASN D 337 34.78 26.79 -0.30
N LEU D 338 36.00 27.32 -0.42
CA LEU D 338 37.22 26.53 -0.27
C LEU D 338 37.30 25.86 1.10
N VAL D 339 37.11 26.63 2.17
CA VAL D 339 37.24 26.06 3.53
C VAL D 339 36.12 25.05 3.79
N TYR D 340 34.86 25.34 3.38
CA TYR D 340 33.74 24.44 3.61
C TYR D 340 33.93 23.10 2.89
N TRP D 341 34.24 23.14 1.60
CA TRP D 341 34.41 21.89 0.86
C TRP D 341 35.64 21.13 1.35
N ALA D 342 36.70 21.84 1.76
CA ALA D 342 37.88 21.18 2.29
C ALA D 342 37.60 20.49 3.61
N THR D 343 36.82 21.12 4.50
CA THR D 343 36.57 20.50 5.79
C THR D 343 35.49 19.44 5.74
N TYR D 344 34.64 19.43 4.70
CA TYR D 344 33.58 18.43 4.63
C TYR D 344 33.79 17.35 3.58
N LEU D 345 34.85 17.43 2.78
CA LEU D 345 35.17 16.30 1.90
C LEU D 345 36.29 15.42 2.42
N ASN D 346 37.18 15.95 3.25
CA ASN D 346 38.23 15.14 3.86
C ASN D 346 37.84 14.65 5.25
N ARG D 347 36.69 15.05 5.76
CA ARG D 347 36.20 14.64 7.08
C ARG D 347 35.96 13.13 7.16
N GLY E 62 12.18 -39.47 27.40
CA GLY E 62 12.80 -39.20 28.69
C GLY E 62 11.79 -39.02 29.80
N ASP E 63 12.18 -38.27 30.83
CA ASP E 63 11.31 -38.01 31.97
C ASP E 63 10.49 -36.74 31.81
N VAL E 64 11.01 -35.75 31.06
CA VAL E 64 10.28 -34.52 30.82
C VAL E 64 9.02 -34.77 30.01
N THR E 65 9.05 -35.74 29.08
CA THR E 65 7.84 -36.13 28.36
C THR E 65 6.79 -36.69 29.31
N VAL E 66 7.23 -37.51 30.28
CA VAL E 66 6.33 -38.08 31.28
C VAL E 66 5.73 -36.96 32.14
N ILE E 67 6.56 -36.00 32.54
CA ILE E 67 6.09 -34.86 33.35
C ILE E 67 5.06 -34.04 32.59
N LEU E 68 5.34 -33.70 31.33
CA LEU E 68 4.43 -32.88 30.53
C LEU E 68 3.13 -33.62 30.23
N ASN E 69 3.21 -34.94 30.02
CA ASN E 69 1.99 -35.69 29.75
C ASN E 69 1.16 -35.88 31.02
N ASN E 70 1.81 -35.94 32.18
CA ASN E 70 1.03 -36.04 33.41
C ASN E 70 0.45 -34.68 33.77
N LEU E 71 1.12 -33.59 33.40
CA LEU E 71 0.58 -32.27 33.67
C LEU E 71 -0.62 -31.96 32.79
N LEU E 72 -0.64 -32.49 31.57
CA LEU E 72 -1.70 -32.15 30.63
C LEU E 72 -2.85 -33.16 30.63
N GLU E 73 -2.83 -34.14 31.54
CA GLU E 73 -3.92 -35.08 31.66
C GLU E 73 -4.99 -34.51 32.58
N GLY E 74 -6.25 -34.57 32.14
CA GLY E 74 -7.35 -33.99 32.88
C GLY E 74 -7.28 -32.49 33.06
N TYR E 75 -6.64 -31.78 32.14
CA TYR E 75 -6.50 -30.34 32.23
C TYR E 75 -7.55 -29.67 31.36
N ASP E 76 -8.18 -28.62 31.89
CA ASP E 76 -9.21 -27.86 31.19
C ASP E 76 -8.77 -26.41 31.13
N ASN E 77 -8.36 -25.95 29.94
CA ASN E 77 -7.89 -24.59 29.72
C ASN E 77 -9.02 -23.57 29.58
N LYS E 78 -10.27 -23.96 29.82
CA LYS E 78 -11.39 -23.03 29.79
C LYS E 78 -11.69 -22.40 31.14
N LEU E 79 -11.07 -22.90 32.21
CA LEU E 79 -11.33 -22.45 33.57
C LEU E 79 -10.05 -21.91 34.17
N ARG E 80 -10.10 -20.69 34.72
CA ARG E 80 -8.95 -20.13 35.39
C ARG E 80 -8.67 -20.87 36.69
N PRO E 81 -7.44 -20.82 37.20
CA PRO E 81 -7.16 -21.40 38.52
C PRO E 81 -7.94 -20.68 39.60
N ASP E 82 -8.43 -21.44 40.59
CA ASP E 82 -9.27 -20.97 41.70
C ASP E 82 -10.55 -20.32 41.18
N ILE E 83 -11.30 -21.10 40.38
CA ILE E 83 -12.48 -20.59 39.69
C ILE E 83 -13.60 -20.24 40.66
N GLY E 84 -13.59 -20.78 41.88
CA GLY E 84 -14.61 -20.42 42.85
C GLY E 84 -14.08 -20.23 44.26
N VAL E 85 -12.81 -19.83 44.37
CA VAL E 85 -12.15 -19.73 45.67
C VAL E 85 -11.72 -18.30 45.94
N LYS E 86 -10.87 -17.75 45.08
CA LYS E 86 -10.29 -16.44 45.29
C LYS E 86 -9.83 -15.89 43.94
N PRO E 87 -9.62 -14.57 43.82
CA PRO E 87 -9.06 -14.05 42.57
C PRO E 87 -7.59 -14.43 42.40
N THR E 88 -7.16 -14.44 41.14
CA THR E 88 -5.78 -14.73 40.80
C THR E 88 -4.96 -13.44 40.75
N LEU E 89 -3.80 -13.45 41.37
CA LEU E 89 -2.91 -12.31 41.39
C LEU E 89 -1.89 -12.45 40.27
N ILE E 90 -1.79 -11.44 39.40
CA ILE E 90 -0.90 -11.47 38.25
C ILE E 90 0.08 -10.32 38.39
N HIS E 91 1.38 -10.62 38.35
CA HIS E 91 2.42 -9.61 38.42
C HIS E 91 2.95 -9.32 37.02
N THR E 92 3.04 -8.04 36.67
CA THR E 92 3.37 -7.62 35.32
C THR E 92 4.65 -6.79 35.29
N ASP E 93 5.48 -7.00 34.27
CA ASP E 93 6.69 -6.24 34.04
C ASP E 93 6.75 -5.84 32.58
N MET E 94 7.45 -4.74 32.30
CA MET E 94 7.65 -4.26 30.94
C MET E 94 9.12 -3.94 30.72
N TYR E 95 9.53 -3.97 29.46
CA TYR E 95 10.87 -3.52 29.06
C TYR E 95 10.72 -2.78 27.74
N VAL E 96 10.84 -1.46 27.76
CA VAL E 96 10.58 -0.63 26.59
C VAL E 96 11.83 -0.62 25.70
N ASN E 97 11.73 -1.19 24.50
CA ASN E 97 12.85 -1.12 23.56
C ASN E 97 12.99 0.25 22.92
N SER E 98 11.87 0.87 22.52
CA SER E 98 11.89 2.17 21.88
C SER E 98 10.50 2.76 21.89
N ILE E 99 10.43 4.08 21.95
CA ILE E 99 9.21 4.85 21.77
C ILE E 99 9.32 5.54 20.43
N GLY E 100 8.46 5.16 19.48
CA GLY E 100 8.56 5.62 18.12
C GLY E 100 8.16 7.08 17.92
N PRO E 101 7.88 7.46 16.67
CA PRO E 101 7.57 8.87 16.39
C PRO E 101 6.23 9.28 16.98
N VAL E 102 6.21 10.43 17.63
CA VAL E 102 5.00 10.97 18.25
C VAL E 102 4.44 12.01 17.30
N ASN E 103 3.60 11.57 16.37
CA ASN E 103 2.96 12.48 15.42
C ASN E 103 1.66 13.01 16.02
N ALA E 104 1.44 14.31 15.90
CA ALA E 104 0.27 14.92 16.50
C ALA E 104 -0.93 14.95 15.56
N ILE E 105 -0.74 14.59 14.28
CA ILE E 105 -1.81 14.61 13.29
C ILE E 105 -2.90 13.63 13.67
N ASN E 106 -2.52 12.38 13.93
CA ASN E 106 -3.47 11.35 14.28
C ASN E 106 -3.64 11.18 15.78
N MET E 107 -2.93 11.99 16.58
CA MET E 107 -2.95 11.97 18.04
C MET E 107 -2.57 10.58 18.57
N GLU E 108 -1.34 10.17 18.27
CA GLU E 108 -0.90 8.83 18.61
C GLU E 108 0.61 8.79 18.72
N TYR E 109 1.11 7.63 19.14
CA TYR E 109 2.55 7.38 19.25
C TYR E 109 2.75 5.88 19.29
N THR E 110 3.89 5.43 18.76
CA THR E 110 4.22 4.01 18.69
C THR E 110 5.14 3.65 19.85
N ILE E 111 5.06 2.39 20.30
CA ILE E 111 5.90 1.89 21.37
C ILE E 111 6.15 0.41 21.14
N ASP E 112 7.34 -0.05 21.52
CA ASP E 112 7.75 -1.45 21.40
C ASP E 112 8.19 -1.93 22.77
N ILE E 113 7.60 -3.03 23.25
CA ILE E 113 7.81 -3.51 24.61
C ILE E 113 7.96 -5.02 24.63
N PHE E 114 8.52 -5.52 25.72
CA PHE E 114 8.51 -6.94 26.08
C PHE E 114 7.60 -7.10 27.29
N PHE E 115 6.37 -7.57 27.06
CA PHE E 115 5.40 -7.68 28.14
C PHE E 115 5.51 -9.04 28.82
N ALA E 116 5.71 -9.04 30.13
CA ALA E 116 5.88 -10.26 30.90
C ALA E 116 4.84 -10.34 32.01
N GLN E 117 4.17 -11.49 32.13
CA GLN E 117 3.21 -11.74 33.19
C GLN E 117 3.60 -13.01 33.95
N THR E 118 3.25 -13.05 35.24
CA THR E 118 3.51 -14.22 36.05
C THR E 118 2.42 -14.38 37.10
N TRP E 119 2.02 -15.64 37.33
CA TRP E 119 0.93 -15.96 38.26
C TRP E 119 1.17 -17.35 38.82
N TYR E 120 0.20 -17.86 39.56
CA TYR E 120 0.29 -19.15 40.23
C TYR E 120 -0.83 -20.05 39.74
N ASP E 121 -0.47 -21.25 39.30
CA ASP E 121 -1.45 -22.23 38.83
C ASP E 121 -1.19 -23.53 39.57
N ARG E 122 -2.09 -23.90 40.49
CA ARG E 122 -1.90 -25.10 41.31
C ARG E 122 -2.12 -26.40 40.57
N ARG E 123 -2.54 -26.38 39.30
CA ARG E 123 -2.66 -27.62 38.53
C ARG E 123 -1.37 -28.00 37.84
N LEU E 124 -0.51 -27.03 37.55
CA LEU E 124 0.79 -27.28 36.93
C LEU E 124 1.89 -27.46 37.98
N LYS E 125 1.66 -28.36 38.93
CA LYS E 125 2.59 -28.61 40.02
C LYS E 125 3.08 -30.05 39.91
N PHE E 126 4.39 -30.21 39.80
CA PHE E 126 4.99 -31.53 39.60
C PHE E 126 6.12 -31.75 40.60
N ASN E 127 6.40 -33.02 40.88
CA ASN E 127 7.49 -33.42 41.76
C ASN E 127 8.57 -34.08 40.91
N SER E 128 9.76 -33.50 40.92
CA SER E 128 10.89 -33.98 40.15
C SER E 128 12.16 -33.35 40.68
N THR E 129 13.29 -33.82 40.17
CA THR E 129 14.60 -33.30 40.53
C THR E 129 14.98 -32.07 39.70
N ILE E 130 14.27 -31.79 38.61
CA ILE E 130 14.47 -30.55 37.88
C ILE E 130 13.52 -29.49 38.41
N LYS E 131 14.00 -28.24 38.45
CA LYS E 131 13.24 -27.16 39.06
C LYS E 131 12.40 -26.36 38.08
N VAL E 132 12.83 -26.22 36.82
CA VAL E 132 12.17 -25.34 35.86
C VAL E 132 12.08 -26.03 34.50
N LEU E 133 10.92 -25.89 33.87
CA LEU E 133 10.75 -26.29 32.48
C LEU E 133 10.81 -25.04 31.62
N ARG E 134 11.76 -25.00 30.68
CA ARG E 134 11.88 -23.88 29.76
C ARG E 134 11.43 -24.36 28.39
N LEU E 135 10.37 -23.75 27.89
CA LEU E 135 9.66 -24.25 26.72
C LEU E 135 9.56 -23.18 25.63
N ASN E 136 9.07 -23.62 24.48
CA ASN E 136 8.81 -22.77 23.33
C ASN E 136 7.41 -22.18 23.44
N SER E 137 6.91 -21.63 22.34
CA SER E 137 5.52 -21.23 22.22
C SER E 137 4.58 -22.39 21.89
N ASN E 138 5.10 -23.61 21.81
CA ASN E 138 4.28 -24.78 21.47
C ASN E 138 3.23 -25.09 22.55
N MET E 139 3.55 -24.86 23.81
CA MET E 139 2.66 -25.19 24.92
C MET E 139 1.90 -23.98 25.44
N VAL E 140 2.05 -22.82 24.81
CA VAL E 140 1.34 -21.61 25.25
C VAL E 140 -0.17 -21.75 25.03
N GLY E 141 -0.57 -22.36 23.92
CA GLY E 141 -1.98 -22.56 23.63
C GLY E 141 -2.65 -23.73 24.29
N LYS E 142 -1.97 -24.45 25.18
CA LYS E 142 -2.54 -25.62 25.85
C LYS E 142 -2.86 -25.39 27.32
N ILE E 143 -2.41 -24.28 27.91
CA ILE E 143 -2.72 -23.99 29.30
C ILE E 143 -3.52 -22.69 29.36
N TRP E 144 -3.94 -22.27 30.55
CA TRP E 144 -4.71 -21.05 30.69
C TRP E 144 -3.81 -19.83 30.62
N ILE E 145 -4.19 -18.86 29.79
CA ILE E 145 -3.45 -17.61 29.61
C ILE E 145 -4.43 -16.45 29.83
N PRO E 146 -4.07 -15.44 30.63
CA PRO E 146 -5.00 -14.32 30.85
C PRO E 146 -5.23 -13.50 29.60
N ASP E 147 -6.40 -12.88 29.53
CA ASP E 147 -6.81 -12.09 28.36
C ASP E 147 -6.54 -10.60 28.59
N THR E 148 -5.25 -10.27 28.68
CA THR E 148 -4.85 -8.88 28.85
C THR E 148 -4.95 -8.16 27.52
N PHE E 149 -5.46 -6.92 27.56
CA PHE E 149 -5.58 -6.12 26.36
C PHE E 149 -5.34 -4.66 26.72
N PHE E 150 -4.86 -3.90 25.75
CA PHE E 150 -4.51 -2.49 25.96
C PHE E 150 -5.67 -1.60 25.56
N ARG E 151 -6.15 -0.80 26.51
CA ARG E 151 -7.41 -0.08 26.35
C ARG E 151 -7.30 1.12 25.41
N ASN E 152 -6.11 1.66 25.22
CA ASN E 152 -5.93 2.89 24.45
C ASN E 152 -5.10 2.68 23.19
N SER E 153 -5.15 1.48 22.62
CA SER E 153 -4.39 1.16 21.41
C SER E 153 -5.29 1.24 20.19
N LYS E 154 -4.82 1.90 19.13
CA LYS E 154 -5.59 1.90 17.90
C LYS E 154 -5.28 0.68 17.05
N LYS E 155 -4.02 0.26 17.03
CA LYS E 155 -3.59 -0.93 16.32
C LYS E 155 -2.45 -1.52 17.12
N ALA E 156 -2.43 -2.84 17.26
CA ALA E 156 -1.32 -3.48 17.95
C ALA E 156 -1.17 -4.90 17.41
N ASP E 157 0.06 -5.30 17.17
CA ASP E 157 0.35 -6.63 16.66
C ASP E 157 1.58 -7.20 17.35
N ALA E 158 1.64 -8.53 17.44
CA ALA E 158 2.82 -9.21 17.97
C ALA E 158 3.83 -9.48 16.85
N HIS E 159 4.86 -10.26 17.14
CA HIS E 159 5.89 -10.59 16.17
C HIS E 159 5.98 -12.10 15.97
N TRP E 160 6.16 -12.51 14.70
CA TRP E 160 6.06 -13.91 14.32
C TRP E 160 7.26 -14.42 13.53
N ILE E 161 8.28 -13.60 13.31
CA ILE E 161 9.46 -13.97 12.53
C ILE E 161 10.61 -14.22 13.48
N THR E 162 11.25 -15.38 13.38
CA THR E 162 10.96 -16.43 12.41
C THR E 162 9.99 -17.47 12.95
N THR E 163 9.85 -17.47 14.26
CA THR E 163 8.97 -18.33 15.04
C THR E 163 8.31 -17.42 16.04
N PRO E 164 7.00 -17.66 16.41
CA PRO E 164 6.29 -16.83 17.39
C PRO E 164 7.07 -16.47 18.65
N ASN E 165 7.33 -15.17 18.81
CA ASN E 165 8.19 -14.66 19.88
C ASN E 165 7.44 -14.70 21.20
N ARG E 166 7.40 -15.89 21.80
CA ARG E 166 6.77 -16.12 23.08
C ARG E 166 7.65 -17.05 23.90
N MET E 167 7.46 -17.00 25.21
CA MET E 167 8.26 -17.78 26.13
C MET E 167 7.38 -18.24 27.29
N LEU E 168 7.54 -19.49 27.69
CA LEU E 168 6.78 -20.06 28.79
C LEU E 168 7.78 -20.75 29.72
N ARG E 169 7.63 -20.51 31.03
CA ARG E 169 8.48 -21.16 32.02
C ARG E 169 7.63 -21.57 33.22
N ILE E 170 7.67 -22.85 33.56
CA ILE E 170 6.92 -23.41 34.67
C ILE E 170 7.93 -23.82 35.73
N TRP E 171 7.59 -23.55 36.99
CA TRP E 171 8.47 -23.81 38.14
C TRP E 171 7.99 -25.02 38.92
N ASN E 172 8.70 -25.29 40.02
CA ASN E 172 8.47 -26.52 40.78
C ASN E 172 7.18 -26.43 41.58
N ASP E 173 6.77 -25.23 41.98
CA ASP E 173 5.59 -25.03 42.80
C ASP E 173 4.38 -24.57 42.01
N GLY E 174 4.49 -24.52 40.68
CA GLY E 174 3.38 -24.16 39.83
C GLY E 174 3.37 -22.74 39.33
N ARG E 175 4.42 -21.98 39.59
CA ARG E 175 4.47 -20.58 39.14
C ARG E 175 4.84 -20.54 37.67
N VAL E 176 3.98 -19.90 36.87
CA VAL E 176 4.13 -19.82 35.43
C VAL E 176 4.55 -18.40 35.05
N LEU E 177 5.52 -18.28 34.15
CA LEU E 177 5.93 -16.99 33.60
C LEU E 177 5.78 -17.02 32.09
N TYR E 178 5.07 -16.03 31.56
CA TYR E 178 4.72 -15.98 30.13
C TYR E 178 5.09 -14.60 29.61
N THR E 179 5.98 -14.55 28.61
CA THR E 179 6.51 -13.31 28.07
C THR E 179 6.27 -13.28 26.57
N LEU E 180 5.96 -12.11 26.03
CA LEU E 180 5.81 -11.96 24.59
C LEU E 180 6.17 -10.55 24.18
N ARG E 181 6.58 -10.41 22.92
CA ARG E 181 7.01 -9.13 22.37
C ARG E 181 5.87 -8.50 21.60
N LEU E 182 5.60 -7.22 21.85
CA LEU E 182 4.47 -6.52 21.29
C LEU E 182 4.92 -5.20 20.67
N THR E 183 4.22 -4.77 19.63
CA THR E 183 4.37 -3.44 19.07
C THR E 183 3.01 -2.77 19.09
N ILE E 184 2.87 -1.72 19.90
CA ILE E 184 1.60 -1.06 20.14
C ILE E 184 1.64 0.32 19.50
N ASP E 185 0.50 0.75 18.97
CA ASP E 185 0.33 2.10 18.43
C ASP E 185 -0.76 2.73 19.30
N ALA E 186 -0.35 3.32 20.42
CA ALA E 186 -1.32 3.84 21.37
C ALA E 186 -1.67 5.27 21.04
N GLU E 187 -2.79 5.74 21.60
CA GLU E 187 -3.28 7.09 21.36
C GLU E 187 -3.30 7.88 22.67
N CYS E 188 -2.96 9.15 22.56
CA CYS E 188 -3.08 10.06 23.70
C CYS E 188 -3.45 11.45 23.19
N GLN E 189 -4.56 11.99 23.67
CA GLN E 189 -5.01 13.31 23.25
C GLN E 189 -4.08 14.40 23.76
N LEU E 190 -3.48 15.14 22.84
CA LEU E 190 -2.55 16.21 23.18
C LEU E 190 -3.24 17.57 23.10
N GLN E 191 -3.35 18.26 24.23
CA GLN E 191 -3.86 19.63 24.23
C GLN E 191 -2.77 20.53 23.69
N LEU E 192 -2.83 20.83 22.40
CA LEU E 192 -1.77 21.58 21.73
C LEU E 192 -1.90 23.09 21.87
N HIS E 193 -2.08 23.55 23.11
CA HIS E 193 -1.78 24.92 23.46
C HIS E 193 -0.32 24.98 23.89
N ASN E 194 0.24 26.19 23.92
CA ASN E 194 1.63 26.49 24.24
C ASN E 194 2.62 25.83 23.27
N PHE E 195 2.16 25.36 22.13
CA PHE E 195 3.03 24.72 21.14
C PHE E 195 3.93 25.76 20.49
N PRO E 196 5.23 25.46 20.31
CA PRO E 196 5.97 24.23 20.59
C PRO E 196 6.72 24.19 21.91
N MET E 197 6.38 25.06 22.84
CA MET E 197 6.99 25.05 24.17
C MET E 197 6.14 24.28 25.17
N ASP E 198 5.80 23.02 24.84
CA ASP E 198 4.86 22.23 25.62
C ASP E 198 5.52 21.01 26.23
N GLU E 199 4.86 20.46 27.25
CA GLU E 199 5.25 19.22 27.91
C GLU E 199 4.01 18.35 28.04
N HIS E 200 4.15 17.05 27.75
CA HIS E 200 3.02 16.14 27.83
C HIS E 200 3.35 14.96 28.72
N SER E 201 2.29 14.23 29.11
CA SER E 201 2.42 12.99 29.86
C SER E 201 1.21 12.12 29.49
N CYS E 202 1.40 11.23 28.53
CA CYS E 202 0.22 10.55 28.02
C CYS E 202 0.40 9.04 28.13
N PRO E 203 -0.68 8.28 28.43
CA PRO E 203 -0.51 6.97 29.05
C PRO E 203 -0.51 5.76 28.13
N LEU E 204 -0.26 4.61 28.76
CA LEU E 204 -0.48 3.29 28.17
C LEU E 204 -1.20 2.45 29.22
N GLU E 205 -2.47 2.12 28.97
CA GLU E 205 -3.28 1.40 29.95
C GLU E 205 -3.60 0.00 29.46
N PHE E 206 -3.80 -0.91 30.41
CA PHE E 206 -4.21 -2.27 30.08
C PHE E 206 -4.97 -2.88 31.24
N SER E 207 -5.75 -3.91 30.94
CA SER E 207 -6.57 -4.62 31.92
C SER E 207 -7.06 -5.90 31.28
N SER E 208 -7.79 -6.69 32.06
CA SER E 208 -8.42 -7.89 31.54
C SER E 208 -9.72 -7.52 30.84
N TYR E 209 -10.11 -8.31 29.85
CA TYR E 209 -11.33 -7.98 29.12
C TYR E 209 -12.58 -8.57 29.77
N GLY E 210 -12.55 -9.85 30.14
CA GLY E 210 -13.75 -10.50 30.59
C GLY E 210 -13.85 -10.76 32.08
N TYR E 211 -12.73 -10.69 32.78
CA TYR E 211 -12.69 -11.06 34.20
C TYR E 211 -12.75 -9.81 35.05
N PRO E 212 -13.78 -9.63 35.87
CA PRO E 212 -13.86 -8.43 36.72
C PRO E 212 -12.92 -8.45 37.91
N ARG E 213 -13.05 -7.46 38.79
CA ARG E 213 -12.16 -7.30 39.94
C ARG E 213 -12.22 -8.51 40.88
N GLU E 214 -13.37 -9.15 41.00
CA GLU E 214 -13.52 -10.30 41.88
C GLU E 214 -12.91 -11.58 41.33
N GLU E 215 -12.36 -11.56 40.12
CA GLU E 215 -11.81 -12.75 39.50
C GLU E 215 -10.34 -12.63 39.11
N ILE E 216 -9.89 -11.46 38.64
CA ILE E 216 -8.49 -11.26 38.30
C ILE E 216 -8.06 -9.90 38.83
N VAL E 217 -6.97 -9.88 39.62
CA VAL E 217 -6.39 -8.66 40.15
C VAL E 217 -4.96 -8.57 39.65
N TYR E 218 -4.59 -7.41 39.12
CA TYR E 218 -3.25 -7.13 38.66
C TYR E 218 -2.47 -6.35 39.72
N GLN E 219 -1.14 -6.41 39.62
CA GLN E 219 -0.28 -5.75 40.60
C GLN E 219 1.13 -5.61 40.04
N TRP E 220 1.68 -4.40 40.12
CA TRP E 220 3.06 -4.19 39.68
C TRP E 220 4.05 -4.85 40.62
N LYS E 221 5.25 -5.11 40.09
CA LYS E 221 6.36 -5.50 40.95
C LYS E 221 7.09 -4.25 41.40
N ARG E 222 8.19 -4.43 42.13
CA ARG E 222 9.00 -3.31 42.60
C ARG E 222 9.99 -2.82 41.56
N SER E 223 10.21 -3.57 40.48
CA SER E 223 11.13 -3.22 39.40
C SER E 223 10.40 -3.27 38.06
N SER E 224 9.23 -2.62 38.01
CA SER E 224 8.23 -2.77 36.97
C SER E 224 8.67 -2.42 35.55
N VAL E 225 8.97 -1.14 35.30
CA VAL E 225 9.24 -0.63 33.96
C VAL E 225 10.70 -0.25 33.84
N GLU E 226 11.37 -0.78 32.82
CA GLU E 226 12.79 -0.55 32.58
C GLU E 226 12.97 -0.07 31.15
N VAL E 227 13.59 1.09 30.97
CA VAL E 227 13.90 1.62 29.64
C VAL E 227 15.27 1.14 29.20
N GLY E 228 15.54 1.25 27.89
CA GLY E 228 16.79 0.77 27.36
C GLY E 228 17.92 1.79 27.35
N ASP E 229 18.42 2.15 26.17
CA ASP E 229 19.56 3.06 26.08
C ASP E 229 19.18 4.54 25.98
N THR E 230 17.96 4.84 25.52
CA THR E 230 17.30 6.15 25.36
C THR E 230 17.96 7.01 24.26
N ARG E 231 19.05 6.57 23.64
CA ARG E 231 19.68 7.35 22.58
C ARG E 231 19.34 6.84 21.18
N SER E 232 19.09 5.55 21.04
CA SER E 232 18.67 4.94 19.79
C SER E 232 17.17 5.02 19.54
N TRP E 233 16.45 5.88 20.26
CA TRP E 233 15.01 5.98 20.07
C TRP E 233 14.69 7.00 18.97
N ARG E 234 13.50 6.85 18.40
CA ARG E 234 13.05 7.63 17.26
C ARG E 234 12.35 8.93 17.66
N LEU E 235 12.63 9.46 18.85
CA LEU E 235 12.03 10.71 19.31
C LEU E 235 12.79 11.86 18.69
N TYR E 236 12.23 12.44 17.63
CA TYR E 236 12.85 13.61 17.00
C TYR E 236 12.50 14.89 17.75
N GLN E 237 11.22 15.22 17.84
CA GLN E 237 10.82 16.50 18.38
C GLN E 237 10.66 16.50 19.90
N PHE E 238 10.69 15.34 20.55
CA PHE E 238 10.49 15.25 21.99
C PHE E 238 11.72 14.64 22.64
N SER E 239 11.73 14.68 23.98
CA SER E 239 12.85 14.16 24.75
C SER E 239 12.29 13.45 25.98
N PHE E 240 12.64 12.18 26.16
CA PHE E 240 12.15 11.41 27.28
C PHE E 240 12.81 11.89 28.57
N VAL E 241 12.00 12.03 29.63
CA VAL E 241 12.53 12.48 30.92
C VAL E 241 12.20 11.55 32.08
N GLY E 242 11.16 10.73 32.03
CA GLY E 242 10.87 9.84 33.13
C GLY E 242 9.53 9.17 32.96
N LEU E 243 9.17 8.36 33.95
CA LEU E 243 7.91 7.64 33.90
C LEU E 243 7.39 7.42 35.32
N ARG E 244 6.11 7.03 35.40
CA ARG E 244 5.47 6.70 36.66
C ARG E 244 4.28 5.78 36.41
N ASN E 245 4.08 4.82 37.33
CA ASN E 245 3.03 3.77 37.26
C ASN E 245 1.85 4.12 38.18
N THR E 246 0.62 3.70 37.82
CA THR E 246 -0.63 4.03 38.52
C THR E 246 -1.55 2.83 38.36
N THR E 247 -2.38 2.59 39.38
CA THR E 247 -3.41 1.56 39.36
C THR E 247 -4.74 2.19 39.78
N GLU E 248 -5.84 1.74 39.17
CA GLU E 248 -7.15 2.28 39.50
C GLU E 248 -8.21 1.23 39.17
N VAL E 249 -9.46 1.55 39.51
CA VAL E 249 -10.62 0.71 39.22
C VAL E 249 -11.64 1.55 38.46
N VAL E 250 -12.15 1.01 37.35
CA VAL E 250 -13.03 1.75 36.45
C VAL E 250 -14.38 1.05 36.40
N LYS E 251 -15.45 1.84 36.38
CA LYS E 251 -16.79 1.30 36.27
C LYS E 251 -17.10 1.02 34.80
N THR E 252 -17.61 -0.18 34.52
CA THR E 252 -17.94 -0.59 33.16
C THR E 252 -19.30 -1.28 33.25
N THR E 253 -20.01 -1.35 32.11
CA THR E 253 -21.31 -2.01 32.05
C THR E 253 -21.29 -3.48 32.46
N SER E 254 -20.15 -4.16 32.31
CA SER E 254 -20.06 -5.56 32.71
C SER E 254 -19.55 -5.75 34.14
N GLY E 255 -18.86 -4.78 34.70
CA GLY E 255 -18.40 -4.90 36.07
C GLY E 255 -17.20 -4.00 36.33
N ASP E 256 -16.62 -4.17 37.51
CA ASP E 256 -15.45 -3.40 37.93
C ASP E 256 -14.17 -4.07 37.46
N TYR E 257 -13.29 -3.30 36.82
CA TYR E 257 -12.06 -3.82 36.25
C TYR E 257 -10.85 -3.12 36.85
N VAL E 258 -9.81 -3.89 37.15
CA VAL E 258 -8.55 -3.33 37.65
C VAL E 258 -7.72 -2.87 36.46
N VAL E 259 -7.46 -1.57 36.37
CA VAL E 259 -6.75 -0.97 35.24
C VAL E 259 -5.40 -0.44 35.72
N MET E 260 -4.36 -0.71 34.95
CA MET E 260 -3.00 -0.29 35.26
C MET E 260 -2.50 0.68 34.20
N SER E 261 -1.86 1.77 34.62
CA SER E 261 -1.43 2.80 33.70
C SER E 261 0.06 3.05 33.85
N VAL E 262 0.71 3.36 32.74
CA VAL E 262 2.10 3.83 32.71
C VAL E 262 2.12 5.16 31.98
N TYR E 263 2.52 6.21 32.68
CA TYR E 263 2.59 7.55 32.11
C TYR E 263 4.03 7.84 31.74
N PHE E 264 4.29 8.15 30.48
CA PHE E 264 5.59 8.63 30.03
C PHE E 264 5.54 10.15 29.91
N ASP E 265 6.52 10.82 30.51
CA ASP E 265 6.56 12.28 30.49
C ASP E 265 7.50 12.73 29.37
N LEU E 266 7.00 13.55 28.48
CA LEU E 266 7.77 14.02 27.34
C LEU E 266 7.80 15.55 27.34
N SER E 267 8.90 16.11 26.84
CA SER E 267 9.06 17.54 26.69
C SER E 267 9.53 17.81 25.27
N ARG E 268 8.92 18.78 24.62
CA ARG E 268 9.25 19.06 23.22
C ARG E 268 10.51 19.90 23.16
N ARG E 269 11.50 19.44 22.41
CA ARG E 269 12.75 20.19 22.25
C ARG E 269 12.60 21.14 21.07
N MET E 270 12.67 22.44 21.34
CA MET E 270 12.52 23.45 20.29
C MET E 270 13.89 23.67 19.64
N GLY E 271 14.28 22.69 18.85
CA GLY E 271 15.53 22.72 18.11
C GLY E 271 15.28 22.63 16.62
N TYR E 272 14.13 22.08 16.26
CA TYR E 272 13.68 21.98 14.87
C TYR E 272 12.79 23.15 14.46
N PHE E 273 11.83 23.51 15.33
CA PHE E 273 10.90 24.60 15.02
C PHE E 273 11.58 25.97 14.97
N THR E 274 12.74 26.10 15.62
CA THR E 274 13.52 27.36 15.61
C THR E 274 14.02 27.63 14.17
N ILE E 275 14.80 26.70 13.61
CA ILE E 275 15.32 26.85 12.26
C ILE E 275 14.28 26.52 11.19
N GLN E 276 13.10 26.05 11.58
CA GLN E 276 12.03 25.84 10.63
C GLN E 276 11.18 27.09 10.44
N THR E 277 10.80 27.77 11.52
CA THR E 277 9.86 28.88 11.43
C THR E 277 10.32 30.16 12.11
N TYR E 278 11.00 30.07 13.27
CA TYR E 278 11.27 31.27 14.05
C TYR E 278 12.36 32.12 13.40
N ILE E 279 13.39 31.49 12.88
CA ILE E 279 14.48 32.16 12.16
C ILE E 279 13.97 32.76 10.85
N PRO E 280 13.28 32.04 9.92
CA PRO E 280 12.86 32.70 8.68
C PRO E 280 11.87 33.84 8.88
N CYS E 281 10.94 33.74 9.84
CA CYS E 281 10.01 34.83 10.09
C CYS E 281 10.72 36.08 10.61
N THR E 282 11.67 35.91 11.54
CA THR E 282 12.44 37.07 11.98
C THR E 282 13.28 37.64 10.85
N LEU E 283 13.84 36.77 10.00
CA LEU E 283 14.60 37.22 8.83
C LEU E 283 13.74 37.97 7.82
N ILE E 284 12.49 37.52 7.60
CA ILE E 284 11.61 38.22 6.67
C ILE E 284 11.18 39.57 7.25
N VAL E 285 11.01 39.66 8.57
CA VAL E 285 10.67 40.93 9.20
C VAL E 285 11.83 41.92 9.04
N VAL E 286 13.05 41.48 9.34
CA VAL E 286 14.23 42.33 9.16
C VAL E 286 14.42 42.69 7.69
N LEU E 287 14.04 41.79 6.77
CA LEU E 287 14.05 42.09 5.34
C LEU E 287 13.06 43.20 5.01
N SER E 288 11.84 43.10 5.56
CA SER E 288 10.81 44.13 5.39
C SER E 288 11.24 45.48 5.98
N TRP E 289 12.13 45.45 6.97
CA TRP E 289 12.63 46.68 7.59
C TRP E 289 13.41 47.54 6.60
N VAL E 290 14.11 46.93 5.63
CA VAL E 290 15.01 47.69 4.76
C VAL E 290 14.26 48.60 3.80
N SER E 291 12.93 48.45 3.67
CA SER E 291 12.14 49.31 2.79
C SER E 291 12.14 50.76 3.27
N PHE E 292 12.42 50.99 4.56
CA PHE E 292 12.45 52.34 5.11
C PHE E 292 13.72 53.07 4.71
N TRP E 293 14.81 52.32 4.51
CA TRP E 293 16.07 52.94 4.14
C TRP E 293 16.15 53.27 2.65
N ILE E 294 15.18 52.82 1.85
CA ILE E 294 15.16 53.16 0.43
C ILE E 294 14.56 54.55 0.29
N ASN E 295 15.06 55.32 -0.68
CA ASN E 295 14.57 56.66 -0.96
C ASN E 295 13.09 56.59 -1.38
N LYS E 296 12.29 57.53 -0.87
CA LYS E 296 10.84 57.56 -1.05
C LYS E 296 10.35 57.93 -2.45
N ASP E 297 11.21 58.25 -3.42
CA ASP E 297 10.69 58.58 -4.74
C ASP E 297 10.43 57.37 -5.62
N ALA E 298 11.23 56.31 -5.45
CA ALA E 298 11.06 55.09 -6.25
C ALA E 298 9.85 54.33 -5.70
N VAL E 299 8.67 54.70 -6.20
CA VAL E 299 7.40 54.10 -5.82
C VAL E 299 7.28 52.63 -6.23
N PRO E 300 7.55 52.19 -7.50
CA PRO E 300 7.43 50.75 -7.80
C PRO E 300 8.36 49.88 -6.97
N ALA E 301 9.53 50.40 -6.60
CA ALA E 301 10.48 49.65 -5.77
C ALA E 301 9.87 49.28 -4.43
N ARG E 302 9.38 50.28 -3.69
CA ARG E 302 8.81 50.04 -2.37
C ARG E 302 7.52 49.24 -2.43
N THR E 303 6.66 49.51 -3.44
CA THR E 303 5.46 48.69 -3.60
C THR E 303 5.79 47.23 -3.87
N SER E 304 6.75 46.97 -4.77
CA SER E 304 7.17 45.61 -5.10
C SER E 304 7.75 44.90 -3.89
N LEU E 305 8.59 45.59 -3.11
CA LEU E 305 9.13 45.05 -1.86
C LEU E 305 8.01 44.61 -0.93
N GLY E 306 7.05 45.50 -0.68
CA GLY E 306 5.95 45.18 0.23
C GLY E 306 5.10 44.01 -0.23
N ILE E 307 4.67 44.02 -1.50
CA ILE E 307 3.75 42.99 -1.99
C ILE E 307 4.46 41.65 -2.08
N THR E 308 5.74 41.67 -2.45
CA THR E 308 6.52 40.45 -2.54
C THR E 308 6.78 39.84 -1.16
N THR E 309 7.04 40.69 -0.16
CA THR E 309 7.22 40.19 1.21
C THR E 309 5.94 39.59 1.79
N VAL E 310 4.79 40.22 1.56
CA VAL E 310 3.53 39.64 2.04
C VAL E 310 3.19 38.32 1.35
N LEU E 311 3.37 38.24 0.00
CA LEU E 311 3.18 36.96 -0.69
C LEU E 311 4.02 35.83 -0.09
N THR E 312 5.35 36.04 0.04
CA THR E 312 6.19 34.96 0.55
C THR E 312 5.88 34.62 2.01
N MET E 313 5.55 35.63 2.82
CA MET E 313 5.19 35.39 4.23
C MET E 313 3.89 34.60 4.32
N THR E 314 2.93 34.87 3.43
CA THR E 314 1.69 34.11 3.36
C THR E 314 2.01 32.64 3.06
N THR E 315 2.93 32.41 2.10
CA THR E 315 3.37 31.05 1.80
C THR E 315 3.99 30.39 3.02
N LEU E 316 4.78 31.15 3.81
CA LEU E 316 5.40 30.58 5.01
C LEU E 316 4.35 30.23 6.06
N SER E 317 3.33 31.06 6.22
CA SER E 317 2.23 30.75 7.15
C SER E 317 1.50 29.47 6.75
N THR E 318 1.21 29.34 5.44
CA THR E 318 0.54 28.15 4.93
C THR E 318 1.40 26.90 5.14
N ILE E 319 2.71 27.00 4.83
CA ILE E 319 3.60 25.85 4.94
C ILE E 319 3.91 25.54 6.41
N ALA E 320 3.68 26.49 7.31
CA ALA E 320 3.94 26.32 8.72
C ALA E 320 2.75 25.71 9.44
N ARG E 321 1.54 25.96 8.93
CA ARG E 321 0.33 25.42 9.56
C ARG E 321 0.25 23.90 9.44
N LYS E 322 0.88 23.31 8.42
CA LYS E 322 0.68 21.88 8.08
C LYS E 322 1.28 20.92 9.10
N SER E 323 1.99 21.40 10.12
CA SER E 323 2.69 20.53 11.06
C SER E 323 1.71 19.90 12.05
N LEU E 324 0.92 20.71 12.70
CA LEU E 324 -0.03 20.29 13.72
C LEU E 324 -1.38 19.99 13.07
N PRO E 325 -2.30 19.25 13.76
CA PRO E 325 -3.61 18.95 13.14
C PRO E 325 -4.51 20.17 12.99
N LYS E 326 -5.72 19.97 12.49
CA LYS E 326 -6.61 21.08 12.17
C LYS E 326 -7.45 21.50 13.37
N VAL E 327 -6.76 21.78 14.48
CA VAL E 327 -7.39 22.25 15.71
C VAL E 327 -7.93 23.65 15.51
N SER E 328 -8.95 24.00 16.30
CA SER E 328 -9.68 25.24 16.11
C SER E 328 -9.19 26.38 16.99
N TYR E 329 -8.29 26.12 17.94
CA TYR E 329 -7.78 27.18 18.79
C TYR E 329 -6.43 27.70 18.28
N VAL E 330 -6.02 28.85 18.82
CA VAL E 330 -4.77 29.49 18.47
C VAL E 330 -3.64 28.95 19.36
N THR E 331 -2.49 28.69 18.74
CA THR E 331 -1.32 28.21 19.43
C THR E 331 -0.34 29.36 19.66
N ALA E 332 0.85 29.05 20.16
CA ALA E 332 1.90 30.05 20.32
C ALA E 332 2.73 30.26 19.06
N MET E 333 2.43 29.54 17.98
CA MET E 333 3.15 29.69 16.73
C MET E 333 2.32 30.41 15.67
N ASP E 334 1.01 30.21 15.69
CA ASP E 334 0.14 30.95 14.79
C ASP E 334 -0.04 32.36 15.31
N LEU E 335 0.09 32.55 16.63
CA LEU E 335 0.14 33.88 17.22
C LEU E 335 1.35 34.64 16.71
N PHE E 336 2.50 33.96 16.64
CA PHE E 336 3.75 34.55 16.17
C PHE E 336 3.64 34.97 14.71
N VAL E 337 3.18 34.05 13.85
CA VAL E 337 3.08 34.38 12.42
C VAL E 337 1.98 35.41 12.17
N SER E 338 0.91 35.42 12.99
CA SER E 338 -0.13 36.43 12.86
C SER E 338 0.38 37.82 13.24
N VAL E 339 1.17 37.92 14.32
CA VAL E 339 1.72 39.21 14.73
C VAL E 339 2.72 39.71 13.69
N CYS E 340 3.53 38.81 13.13
CA CYS E 340 4.44 39.20 12.06
C CYS E 340 3.70 39.68 10.80
N PHE E 341 2.63 38.96 10.41
CA PHE E 341 1.81 39.38 9.29
C PHE E 341 1.15 40.74 9.51
N ILE E 342 0.63 40.98 10.72
CA ILE E 342 0.06 42.29 11.03
C ILE E 342 1.15 43.37 11.00
N PHE E 343 2.37 43.03 11.45
CA PHE E 343 3.49 43.97 11.41
C PHE E 343 3.88 44.38 9.98
N VAL E 344 4.01 43.41 9.08
CA VAL E 344 4.34 43.70 7.68
C VAL E 344 3.21 44.49 7.01
N PHE E 345 1.95 44.06 7.20
CA PHE E 345 0.79 44.76 6.65
C PHE E 345 0.72 46.19 7.18
N SER E 346 1.08 46.40 8.45
CA SER E 346 1.08 47.73 9.07
C SER E 346 2.14 48.60 8.42
N ALA E 347 3.31 48.00 8.13
CA ALA E 347 4.36 48.69 7.40
C ALA E 347 3.87 49.14 6.03
N LEU E 348 3.13 48.26 5.34
CA LEU E 348 2.61 48.57 4.00
C LEU E 348 1.63 49.73 4.07
N VAL E 349 0.73 49.72 5.04
CA VAL E 349 -0.26 50.79 5.16
C VAL E 349 0.43 52.09 5.59
N GLU E 350 1.54 51.98 6.34
CA GLU E 350 2.33 53.16 6.69
C GLU E 350 2.96 53.78 5.44
N TYR E 351 3.52 52.95 4.56
CA TYR E 351 4.02 53.46 3.28
C TYR E 351 2.90 54.03 2.42
N GLY E 352 1.71 53.40 2.46
CA GLY E 352 0.57 53.93 1.73
C GLY E 352 0.17 55.34 2.16
N THR E 353 0.06 55.54 3.48
CA THR E 353 -0.23 56.87 4.01
C THR E 353 0.92 57.84 3.73
N LEU E 354 2.17 57.34 3.69
CA LEU E 354 3.31 58.18 3.31
C LEU E 354 3.16 58.70 1.89
N HIS E 355 2.85 57.80 0.94
CA HIS E 355 2.67 58.21 -0.45
C HIS E 355 1.44 59.09 -0.63
N TYR E 356 0.41 58.89 0.19
CA TYR E 356 -0.76 59.76 0.12
C TYR E 356 -0.46 61.14 0.69
N PHE E 357 0.35 61.20 1.76
CA PHE E 357 0.62 62.44 2.48
C PHE E 357 1.72 63.30 1.89
N VAL E 358 2.61 62.74 1.05
CA VAL E 358 3.67 63.55 0.45
C VAL E 358 3.08 64.60 -0.50
N SER E 359 1.89 64.33 -1.06
CA SER E 359 1.27 65.29 -1.96
C SER E 359 0.49 66.35 -1.18
N SER E 360 -0.14 65.96 -0.07
CA SER E 360 -0.95 66.90 0.70
C SER E 360 -0.08 67.89 1.47
N GLN E 361 0.74 67.39 2.41
CA GLN E 361 1.68 68.26 3.08
C GLN E 361 3.02 67.56 3.28
N PRO E 362 4.11 68.08 2.69
CA PRO E 362 5.42 67.45 2.88
C PRO E 362 6.01 67.65 4.26
N ALA E 363 5.58 68.68 5.00
CA ALA E 363 6.11 68.93 6.33
C ALA E 363 5.76 67.82 7.32
N ARG E 364 4.60 67.19 7.16
CA ARG E 364 4.20 66.09 8.01
C ARG E 364 4.74 64.76 7.52
N ALA E 365 4.88 64.60 6.20
CA ALA E 365 5.35 63.36 5.60
C ALA E 365 6.87 63.29 5.54
N ALA E 366 7.57 64.36 5.91
CA ALA E 366 9.02 64.37 5.87
C ALA E 366 9.62 63.49 6.97
N LYS E 367 9.15 63.64 8.20
CA LYS E 367 9.71 62.93 9.35
C LYS E 367 9.03 61.59 9.62
N MET E 368 8.27 61.07 8.66
CA MET E 368 7.62 59.79 8.85
C MET E 368 8.61 58.64 8.78
N ASP E 369 9.56 58.67 7.84
CA ASP E 369 10.53 57.60 7.73
C ASP E 369 11.50 57.61 8.91
N SER E 370 11.92 58.80 9.35
CA SER E 370 12.77 58.91 10.53
C SER E 370 12.04 58.45 11.79
N TYR E 371 10.71 58.62 11.83
CA TYR E 371 9.96 58.08 12.97
C TYR E 371 9.83 56.57 12.88
N ALA E 372 9.57 56.04 11.68
CA ALA E 372 9.38 54.61 11.48
C ALA E 372 10.65 53.82 11.77
N ARG E 373 11.81 54.34 11.34
CA ARG E 373 13.11 53.69 11.54
C ARG E 373 13.44 53.42 13.00
N ILE E 374 12.86 54.18 13.94
CA ILE E 374 13.08 53.93 15.35
C ILE E 374 11.85 53.32 16.02
N PHE E 375 10.65 53.48 15.45
CA PHE E 375 9.47 52.96 16.11
C PHE E 375 9.27 51.48 15.81
N PHE E 376 9.59 51.05 14.59
CA PHE E 376 9.35 49.66 14.20
C PHE E 376 10.28 48.65 14.90
N PRO E 377 11.64 48.81 14.90
CA PRO E 377 12.47 47.82 15.61
C PRO E 377 12.22 47.71 17.11
N THR E 378 11.95 48.84 17.78
CA THR E 378 11.66 48.79 19.21
C THR E 378 10.36 48.04 19.49
N ALA E 379 9.33 48.28 18.68
CA ALA E 379 8.06 47.57 18.84
C ALA E 379 8.23 46.07 18.63
N PHE E 380 9.00 45.69 17.60
CA PHE E 380 9.24 44.27 17.32
C PHE E 380 10.06 43.62 18.44
N CYS E 381 11.07 44.34 18.96
CA CYS E 381 11.90 43.83 20.04
C CYS E 381 11.09 43.68 21.33
N LEU E 382 10.20 44.63 21.60
CA LEU E 382 9.34 44.55 22.77
C LEU E 382 8.37 43.37 22.66
N PHE E 383 7.82 43.15 21.46
CA PHE E 383 6.96 41.98 21.23
C PHE E 383 7.72 40.68 21.47
N ASN E 384 8.94 40.60 20.94
CA ASN E 384 9.77 39.40 21.16
C ASN E 384 10.05 39.17 22.63
N LEU E 385 10.34 40.26 23.36
CA LEU E 385 10.61 40.18 24.80
C LEU E 385 9.41 39.62 25.56
N VAL E 386 8.23 40.23 25.37
CA VAL E 386 7.05 39.81 26.13
C VAL E 386 6.62 38.38 25.72
N TYR E 387 6.71 38.04 24.43
CA TYR E 387 6.34 36.71 23.96
C TYR E 387 7.24 35.63 24.55
N TRP E 388 8.55 35.82 24.45
CA TRP E 388 9.50 34.81 24.93
C TRP E 388 9.46 34.68 26.44
N VAL E 389 9.35 35.79 27.17
CA VAL E 389 9.26 35.70 28.63
C VAL E 389 7.95 35.04 29.05
N SER E 390 6.83 35.45 28.45
CA SER E 390 5.52 34.92 28.85
C SER E 390 5.32 33.46 28.49
N TYR E 391 5.96 32.97 27.43
CA TYR E 391 5.76 31.58 27.03
C TYR E 391 6.84 30.61 27.50
N LEU E 392 7.98 31.10 28.00
CA LEU E 392 8.95 30.21 28.62
C LEU E 392 8.86 30.18 30.14
N TYR E 393 8.07 31.07 30.74
CA TYR E 393 7.79 30.93 32.17
C TYR E 393 6.79 29.81 32.44
N LEU E 394 5.84 29.59 31.54
CA LEU E 394 4.86 28.51 31.69
C LEU E 394 5.52 27.15 31.45
N ASN F 1 -41.99 -1.32 -23.63
CA ASN F 1 -42.34 -2.53 -24.38
C ASN F 1 -41.54 -2.59 -25.68
N ILE F 2 -40.54 -3.48 -25.72
CA ILE F 2 -39.68 -3.58 -26.89
C ILE F 2 -40.44 -4.23 -28.03
N VAL F 3 -40.46 -3.56 -29.18
CA VAL F 3 -41.15 -4.04 -30.37
C VAL F 3 -40.11 -4.56 -31.35
N MET F 4 -40.46 -5.63 -32.07
CA MET F 4 -39.57 -6.25 -33.04
C MET F 4 -40.19 -6.10 -34.42
N THR F 5 -39.45 -5.47 -35.33
CA THR F 5 -39.89 -5.25 -36.70
C THR F 5 -39.14 -6.20 -37.63
N GLN F 6 -39.87 -7.09 -38.30
CA GLN F 6 -39.25 -8.08 -39.15
C GLN F 6 -39.41 -7.67 -40.61
N SER F 7 -38.40 -7.99 -41.42
CA SER F 7 -38.40 -7.62 -42.82
C SER F 7 -37.71 -8.69 -43.65
N PRO F 8 -38.25 -9.02 -44.83
CA PRO F 8 -39.51 -8.55 -45.41
C PRO F 8 -40.69 -9.43 -45.01
N LYS F 9 -41.91 -8.98 -45.33
CA LYS F 9 -43.10 -9.76 -45.01
C LYS F 9 -43.19 -11.09 -45.78
N SER F 10 -42.71 -11.12 -47.02
CA SER F 10 -42.72 -12.36 -47.78
C SER F 10 -41.55 -12.39 -48.75
N MET F 11 -41.18 -13.60 -49.17
CA MET F 11 -40.06 -13.82 -50.09
C MET F 11 -40.30 -15.13 -50.82
N SER F 12 -40.24 -15.07 -52.14
CA SER F 12 -40.44 -16.22 -53.00
C SER F 12 -39.10 -16.55 -53.64
N MET F 13 -38.66 -17.80 -53.53
CA MET F 13 -37.36 -18.22 -54.04
C MET F 13 -37.41 -19.71 -54.30
N SER F 14 -36.44 -20.18 -55.09
CA SER F 14 -36.38 -21.57 -55.54
C SER F 14 -35.56 -22.38 -54.55
N VAL F 15 -35.22 -23.61 -54.93
CA VAL F 15 -34.50 -24.54 -54.06
C VAL F 15 -33.01 -24.42 -54.37
N GLY F 16 -32.19 -24.37 -53.32
CA GLY F 16 -30.75 -24.48 -53.44
C GLY F 16 -29.97 -23.21 -53.16
N GLU F 17 -30.60 -22.04 -53.24
CA GLU F 17 -29.87 -20.79 -53.07
C GLU F 17 -29.85 -20.38 -51.60
N ARG F 18 -29.17 -19.28 -51.32
CA ARG F 18 -29.04 -18.76 -49.97
C ARG F 18 -30.08 -17.67 -49.76
N VAL F 19 -30.71 -17.67 -48.58
CA VAL F 19 -31.76 -16.72 -48.24
C VAL F 19 -31.45 -16.15 -46.87
N THR F 20 -31.92 -14.93 -46.64
CA THR F 20 -31.60 -14.19 -45.42
C THR F 20 -32.84 -13.45 -44.96
N LEU F 21 -33.12 -13.52 -43.67
CA LEU F 21 -34.24 -12.83 -43.05
C LEU F 21 -33.68 -11.89 -42.00
N SER F 22 -34.32 -10.73 -41.84
CA SER F 22 -33.82 -9.71 -40.93
C SER F 22 -34.85 -9.39 -39.86
N CYS F 23 -34.35 -8.98 -38.70
CA CYS F 23 -35.18 -8.59 -37.56
C CYS F 23 -34.49 -7.43 -36.88
N LYS F 24 -35.28 -6.42 -36.49
CA LYS F 24 -34.75 -5.21 -35.88
C LYS F 24 -35.53 -4.90 -34.62
N ALA F 25 -34.83 -4.38 -33.61
CA ALA F 25 -35.44 -4.01 -32.35
C ALA F 25 -35.43 -2.50 -32.18
N SER F 26 -36.39 -1.99 -31.42
CA SER F 26 -36.40 -0.57 -31.11
C SER F 26 -35.38 -0.23 -30.02
N GLU F 27 -35.44 -0.93 -28.91
CA GLU F 27 -34.51 -0.76 -27.80
C GLU F 27 -33.36 -1.77 -27.93
N TYR F 28 -32.57 -1.90 -26.88
CA TYR F 28 -31.45 -2.83 -26.85
C TYR F 28 -31.92 -4.20 -26.41
N VAL F 29 -31.54 -5.23 -27.17
CA VAL F 29 -31.71 -6.64 -26.79
C VAL F 29 -30.38 -7.36 -27.06
N GLY F 30 -29.62 -7.61 -26.01
CA GLY F 30 -28.28 -8.11 -26.18
C GLY F 30 -28.21 -9.62 -26.24
N THR F 31 -28.17 -10.17 -27.48
CA THR F 31 -28.06 -11.61 -27.83
C THR F 31 -29.07 -12.48 -27.08
N TYR F 32 -30.29 -11.99 -26.92
CA TYR F 32 -31.35 -12.80 -26.34
C TYR F 32 -32.53 -12.95 -27.29
N VAL F 33 -32.29 -13.24 -28.56
CA VAL F 33 -33.34 -13.31 -29.57
C VAL F 33 -33.37 -14.70 -30.20
N SER F 34 -34.52 -15.35 -30.13
CA SER F 34 -34.68 -16.70 -30.63
C SER F 34 -35.49 -16.69 -31.92
N TRP F 35 -35.24 -17.70 -32.76
CA TRP F 35 -35.89 -17.86 -34.06
C TRP F 35 -36.69 -19.15 -34.07
N TYR F 36 -37.98 -19.04 -34.35
CA TYR F 36 -38.88 -20.18 -34.38
C TYR F 36 -39.38 -20.45 -35.79
N GLN F 37 -39.69 -21.70 -36.06
CA GLN F 37 -40.23 -22.16 -37.33
C GLN F 37 -41.58 -22.80 -37.08
N GLN F 38 -42.60 -22.36 -37.81
CA GLN F 38 -43.95 -22.89 -37.66
C GLN F 38 -44.47 -23.35 -39.01
N LYS F 39 -44.69 -24.65 -39.14
CA LYS F 39 -45.31 -25.24 -40.30
C LYS F 39 -46.82 -25.09 -40.20
N PRO F 40 -47.54 -25.17 -41.33
CA PRO F 40 -49.01 -25.02 -41.28
C PRO F 40 -49.65 -26.13 -40.44
N GLU F 41 -50.54 -25.71 -39.53
CA GLU F 41 -51.29 -26.55 -38.58
C GLU F 41 -50.34 -27.34 -37.67
N GLN F 42 -49.41 -26.62 -37.07
CA GLN F 42 -48.45 -27.19 -36.13
C GLN F 42 -48.05 -26.11 -35.13
N SER F 43 -47.26 -26.51 -34.14
CA SER F 43 -46.75 -25.62 -33.11
C SER F 43 -45.35 -25.14 -33.47
N PRO F 44 -44.97 -23.94 -33.06
CA PRO F 44 -43.62 -23.43 -33.37
C PRO F 44 -42.53 -24.24 -32.68
N LYS F 45 -41.43 -24.44 -33.40
CA LYS F 45 -40.27 -25.18 -32.91
C LYS F 45 -39.06 -24.25 -32.87
N LEU F 46 -38.30 -24.36 -31.79
CA LEU F 46 -37.12 -23.52 -31.61
C LEU F 46 -36.01 -23.95 -32.57
N LEU F 47 -35.52 -23.01 -33.36
CA LEU F 47 -34.39 -23.25 -34.26
C LEU F 47 -33.07 -22.76 -33.67
N ILE F 48 -33.01 -21.47 -33.33
CA ILE F 48 -31.79 -20.81 -32.88
C ILE F 48 -32.10 -20.15 -31.54
N TYR F 49 -31.24 -20.36 -30.54
CA TYR F 49 -31.37 -19.65 -29.28
C TYR F 49 -30.12 -18.79 -29.09
N GLY F 50 -30.07 -18.06 -27.99
CA GLY F 50 -29.02 -17.07 -27.81
C GLY F 50 -29.14 -16.00 -28.88
N ALA F 51 -28.14 -15.92 -29.73
CA ALA F 51 -28.27 -15.29 -31.04
C ALA F 51 -27.74 -16.19 -32.14
N SER F 52 -26.67 -16.95 -31.88
CA SER F 52 -26.13 -17.91 -32.82
C SER F 52 -25.83 -19.20 -32.06
N ASN F 53 -26.84 -20.05 -31.93
CA ASN F 53 -26.71 -21.33 -31.21
C ASN F 53 -27.78 -22.26 -31.76
N ARG F 54 -27.35 -23.25 -32.55
CA ARG F 54 -28.29 -24.19 -33.14
C ARG F 54 -28.87 -25.12 -32.08
N TYR F 55 -30.19 -25.27 -32.08
CA TYR F 55 -30.86 -26.19 -31.18
C TYR F 55 -30.52 -27.62 -31.53
N THR F 56 -30.49 -28.48 -30.50
CA THR F 56 -30.09 -29.87 -30.66
C THR F 56 -31.17 -30.64 -31.42
N GLY F 57 -30.95 -30.82 -32.72
CA GLY F 57 -31.87 -31.55 -33.56
C GLY F 57 -32.21 -30.79 -34.82
N VAL F 58 -31.47 -29.71 -35.08
CA VAL F 58 -31.70 -28.86 -36.23
C VAL F 58 -30.56 -29.12 -37.20
N PRO F 59 -30.74 -29.00 -38.53
CA PRO F 59 -29.63 -29.17 -39.47
C PRO F 59 -28.60 -28.04 -39.35
N ASP F 60 -27.50 -28.23 -40.07
CA ASP F 60 -26.38 -27.30 -40.06
C ASP F 60 -26.55 -26.17 -41.06
N ARG F 61 -27.61 -26.19 -41.88
CA ARG F 61 -27.79 -25.16 -42.89
C ARG F 61 -28.36 -23.87 -42.31
N PHE F 62 -28.87 -23.88 -41.09
CA PHE F 62 -29.31 -22.65 -40.42
C PHE F 62 -28.14 -22.03 -39.68
N THR F 63 -28.01 -20.71 -39.79
CA THR F 63 -26.97 -19.97 -39.10
C THR F 63 -27.53 -18.63 -38.65
N GLY F 64 -27.21 -18.24 -37.42
CA GLY F 64 -27.63 -16.97 -36.86
C GLY F 64 -26.45 -16.01 -36.74
N SER F 65 -26.72 -14.72 -36.86
CA SER F 65 -25.72 -13.69 -36.67
C SER F 65 -26.30 -12.56 -35.84
N GLY F 66 -25.62 -12.20 -34.75
CA GLY F 66 -26.23 -11.28 -33.81
C GLY F 66 -25.42 -10.03 -33.49
N SER F 67 -26.10 -9.05 -32.92
CA SER F 67 -25.49 -7.79 -32.52
C SER F 67 -26.29 -7.25 -31.33
N ALA F 68 -26.17 -5.94 -31.08
CA ALA F 68 -27.02 -5.31 -30.07
C ALA F 68 -28.38 -4.91 -30.62
N THR F 69 -28.49 -4.61 -31.92
CA THR F 69 -29.79 -4.18 -32.45
C THR F 69 -30.21 -4.92 -33.72
N ASP F 70 -29.26 -5.25 -34.60
CA ASP F 70 -29.57 -5.82 -35.90
C ASP F 70 -29.24 -7.31 -35.90
N PHE F 71 -30.22 -8.15 -36.23
CA PHE F 71 -30.03 -9.59 -36.25
C PHE F 71 -30.45 -10.12 -37.60
N THR F 72 -29.89 -11.27 -37.99
CA THR F 72 -30.17 -11.89 -39.27
C THR F 72 -30.12 -13.40 -39.13
N LEU F 73 -30.90 -14.08 -39.97
CA LEU F 73 -30.93 -15.54 -40.04
C LEU F 73 -30.68 -15.93 -41.48
N THR F 74 -29.62 -16.70 -41.72
CA THR F 74 -29.24 -17.12 -43.06
C THR F 74 -29.42 -18.62 -43.22
N ILE F 75 -30.09 -19.01 -44.29
CA ILE F 75 -30.31 -20.42 -44.63
C ILE F 75 -29.64 -20.65 -45.97
N GLY F 76 -28.58 -21.45 -45.97
CA GLY F 76 -27.86 -21.79 -47.19
C GLY F 76 -28.28 -23.16 -47.69
N SER F 77 -28.54 -23.24 -49.00
CA SER F 77 -28.97 -24.44 -49.72
C SER F 77 -30.25 -25.02 -49.13
N VAL F 78 -31.33 -24.23 -49.28
CA VAL F 78 -32.65 -24.60 -48.78
C VAL F 78 -33.17 -25.87 -49.48
N GLN F 79 -34.15 -26.49 -48.84
CA GLN F 79 -34.80 -27.67 -49.39
C GLN F 79 -36.29 -27.37 -49.62
N ALA F 80 -37.03 -28.41 -49.99
CA ALA F 80 -38.46 -28.27 -50.25
C ALA F 80 -39.31 -28.33 -48.99
N GLU F 81 -38.73 -28.69 -47.83
CA GLU F 81 -39.46 -28.74 -46.58
C GLU F 81 -39.10 -27.60 -45.64
N ASP F 82 -38.23 -26.67 -46.06
CA ASP F 82 -37.89 -25.51 -45.26
C ASP F 82 -38.78 -24.30 -45.56
N LEU F 83 -40.00 -24.54 -46.06
CA LEU F 83 -40.96 -23.47 -46.29
C LEU F 83 -41.95 -23.50 -45.11
N ALA F 84 -42.02 -22.40 -44.37
CA ALA F 84 -42.83 -22.27 -43.16
C ALA F 84 -42.83 -20.80 -42.77
N ASP F 85 -43.46 -20.51 -41.63
CA ASP F 85 -43.39 -19.19 -41.02
C ASP F 85 -42.20 -19.09 -40.07
N TYR F 86 -41.59 -17.91 -40.04
CA TYR F 86 -40.41 -17.68 -39.20
C TYR F 86 -40.64 -16.45 -38.34
N HIS F 87 -40.48 -16.60 -37.03
CA HIS F 87 -40.70 -15.52 -36.08
C HIS F 87 -39.42 -15.24 -35.30
N CYS F 88 -39.13 -13.97 -35.09
CA CYS F 88 -38.05 -13.55 -34.20
C CYS F 88 -38.65 -13.00 -32.92
N GLY F 89 -38.12 -13.44 -31.79
CA GLY F 89 -38.65 -12.97 -30.52
C GLY F 89 -37.56 -12.62 -29.53
N GLN F 90 -37.69 -11.50 -28.84
CA GLN F 90 -36.70 -11.09 -27.86
C GLN F 90 -37.08 -11.57 -26.47
N SER F 91 -36.06 -11.70 -25.61
CA SER F 91 -36.31 -12.12 -24.24
C SER F 91 -35.51 -11.30 -23.22
N TYR F 92 -34.89 -10.20 -23.63
CA TYR F 92 -34.19 -9.31 -22.71
C TYR F 92 -35.14 -8.73 -21.67
N SER F 93 -36.35 -8.42 -22.09
CA SER F 93 -37.45 -7.96 -21.24
C SER F 93 -38.54 -9.02 -21.36
N TYR F 94 -39.75 -8.68 -20.90
CA TYR F 94 -40.91 -9.52 -21.13
C TYR F 94 -41.06 -9.80 -22.63
N PRO F 95 -41.29 -11.05 -23.02
CA PRO F 95 -41.09 -11.45 -24.43
C PRO F 95 -42.12 -10.86 -25.38
N THR F 96 -41.62 -10.37 -26.51
CA THR F 96 -42.44 -9.90 -27.63
C THR F 96 -41.91 -10.52 -28.91
N PHE F 97 -42.82 -10.87 -29.80
CA PHE F 97 -42.48 -11.57 -31.04
C PHE F 97 -42.60 -10.62 -32.22
N GLY F 98 -42.15 -11.10 -33.39
CA GLY F 98 -42.29 -10.34 -34.62
C GLY F 98 -43.57 -10.70 -35.35
N ALA F 99 -43.79 -10.00 -36.47
CA ALA F 99 -45.01 -10.18 -37.24
C ALA F 99 -45.03 -11.50 -38.00
N GLY F 100 -43.88 -12.02 -38.36
CA GLY F 100 -43.77 -13.25 -39.10
C GLY F 100 -43.20 -13.02 -40.50
N THR F 101 -42.92 -14.13 -41.18
CA THR F 101 -42.37 -14.06 -42.53
C THR F 101 -42.76 -15.32 -43.27
N LYS F 102 -43.64 -15.19 -44.26
CA LYS F 102 -44.00 -16.34 -45.08
C LYS F 102 -42.89 -16.66 -46.07
N LEU F 103 -42.72 -17.96 -46.33
CA LEU F 103 -41.71 -18.44 -47.28
C LEU F 103 -42.40 -19.37 -48.25
N GLU F 104 -42.39 -19.01 -49.53
CA GLU F 104 -43.14 -19.76 -50.54
C GLU F 104 -42.20 -20.18 -51.67
N LEU F 105 -42.60 -21.23 -52.37
CA LEU F 105 -41.82 -21.80 -53.46
C LEU F 105 -42.40 -21.42 -54.82
N VAL G 2 -40.36 -32.66 -21.88
CA VAL G 2 -40.31 -33.50 -23.07
C VAL G 2 -41.64 -33.50 -23.79
N GLN G 3 -42.75 -33.41 -23.05
CA GLN G 3 -44.07 -33.39 -23.66
C GLN G 3 -45.00 -32.51 -22.84
N LEU G 4 -45.80 -31.72 -23.53
CA LEU G 4 -46.83 -30.88 -22.94
C LEU G 4 -48.16 -31.21 -23.60
N GLN G 5 -49.13 -31.63 -22.82
CA GLN G 5 -50.44 -32.03 -23.32
C GLN G 5 -51.48 -31.00 -22.90
N GLN G 6 -52.17 -30.42 -23.87
CA GLN G 6 -53.20 -29.43 -23.60
C GLN G 6 -54.58 -30.08 -23.67
N SER G 7 -55.59 -29.29 -23.32
CA SER G 7 -56.97 -29.77 -23.31
C SER G 7 -57.53 -29.77 -24.73
N GLY G 8 -58.83 -30.02 -24.87
CA GLY G 8 -59.46 -30.10 -26.17
C GLY G 8 -60.18 -28.82 -26.56
N ALA G 9 -60.29 -28.60 -27.87
CA ALA G 9 -61.00 -27.45 -28.41
C ALA G 9 -62.48 -27.48 -28.05
N GLU G 10 -63.08 -26.30 -27.95
CA GLU G 10 -64.48 -26.17 -27.57
C GLU G 10 -64.99 -24.80 -27.99
N LEU G 11 -66.31 -24.65 -27.97
CA LEU G 11 -66.98 -23.38 -28.20
C LEU G 11 -67.45 -22.79 -26.88
N VAL G 12 -67.70 -21.48 -26.88
CA VAL G 12 -68.13 -20.78 -25.68
C VAL G 12 -68.96 -19.57 -26.08
N LYS G 13 -70.01 -19.29 -25.30
CA LYS G 13 -70.92 -18.17 -25.52
C LYS G 13 -70.28 -16.86 -25.05
N PRO G 14 -70.51 -15.76 -25.77
CA PRO G 14 -69.94 -14.46 -25.36
C PRO G 14 -70.43 -13.99 -24.01
N GLY G 15 -69.49 -13.82 -23.08
CA GLY G 15 -69.78 -13.38 -21.73
C GLY G 15 -69.56 -14.43 -20.65
N ALA G 16 -69.17 -15.63 -21.03
CA ALA G 16 -68.94 -16.72 -20.08
C ALA G 16 -67.48 -16.71 -19.66
N SER G 17 -67.02 -17.78 -19.01
CA SER G 17 -65.63 -17.92 -18.62
C SER G 17 -65.13 -19.30 -19.02
N VAL G 18 -63.83 -19.38 -19.34
CA VAL G 18 -63.20 -20.61 -19.81
C VAL G 18 -62.00 -20.87 -18.93
N LYS G 19 -61.62 -22.14 -18.81
CA LYS G 19 -60.42 -22.55 -18.08
C LYS G 19 -59.66 -23.56 -18.92
N LEU G 20 -58.55 -23.14 -19.52
CA LEU G 20 -57.73 -24.05 -20.31
C LEU G 20 -56.64 -24.65 -19.42
N SER G 21 -56.29 -25.89 -19.69
CA SER G 21 -55.33 -26.62 -18.88
C SER G 21 -54.15 -27.06 -19.71
N CYS G 22 -53.01 -27.26 -19.04
CA CYS G 22 -51.79 -27.69 -19.70
C CYS G 22 -51.04 -28.58 -18.71
N THR G 23 -50.99 -29.87 -18.98
CA THR G 23 -50.38 -30.84 -18.07
C THR G 23 -48.98 -31.20 -18.56
N ALA G 24 -48.01 -31.06 -17.66
CA ALA G 24 -46.62 -31.33 -17.98
C ALA G 24 -46.26 -32.74 -17.55
N SER G 25 -45.48 -33.41 -18.39
CA SER G 25 -45.02 -34.77 -18.12
C SER G 25 -43.60 -34.93 -18.59
N GLY G 26 -42.74 -35.41 -17.70
CA GLY G 26 -41.32 -35.57 -17.98
C GLY G 26 -40.42 -34.66 -17.19
N PHE G 27 -40.98 -33.73 -16.43
CA PHE G 27 -40.20 -32.80 -15.63
C PHE G 27 -41.11 -32.27 -14.53
N ASN G 28 -40.52 -31.47 -13.64
CA ASN G 28 -41.22 -30.84 -12.53
C ASN G 28 -41.40 -29.36 -12.82
N ILE G 29 -42.63 -28.87 -12.68
CA ILE G 29 -42.94 -27.48 -13.00
C ILE G 29 -42.32 -26.49 -12.02
N LYS G 30 -41.89 -26.94 -10.83
CA LYS G 30 -41.23 -26.04 -9.90
C LYS G 30 -39.84 -25.58 -10.34
N ASP G 31 -39.29 -26.10 -11.45
CA ASP G 31 -37.96 -25.70 -11.88
C ASP G 31 -37.99 -24.56 -12.90
N THR G 32 -38.93 -24.58 -13.85
CA THR G 32 -38.94 -23.62 -14.94
C THR G 32 -40.16 -22.70 -14.83
N TYR G 33 -40.20 -21.71 -15.72
CA TYR G 33 -41.36 -20.84 -15.91
C TYR G 33 -42.30 -21.41 -16.95
N MET G 34 -43.55 -20.97 -16.91
CA MET G 34 -44.57 -21.41 -17.85
C MET G 34 -45.18 -20.17 -18.51
N TYR G 35 -45.15 -20.12 -19.84
CA TYR G 35 -45.65 -18.99 -20.60
C TYR G 35 -46.93 -19.37 -21.32
N TRP G 36 -47.83 -18.41 -21.48
CA TRP G 36 -49.03 -18.58 -22.29
C TRP G 36 -48.99 -17.60 -23.45
N VAL G 37 -49.13 -18.10 -24.67
CA VAL G 37 -49.03 -17.30 -25.89
C VAL G 37 -50.33 -17.47 -26.66
N LYS G 38 -50.79 -16.40 -27.31
CA LYS G 38 -52.02 -16.40 -28.09
C LYS G 38 -51.70 -16.04 -29.53
N GLN G 39 -52.29 -16.78 -30.47
CA GLN G 39 -52.06 -16.53 -31.89
C GLN G 39 -53.39 -16.45 -32.62
N ARG G 40 -53.59 -15.36 -33.34
CA ARG G 40 -54.75 -15.18 -34.19
C ARG G 40 -54.46 -15.83 -35.55
N PRO G 41 -55.50 -16.17 -36.32
CA PRO G 41 -55.28 -16.78 -37.65
C PRO G 41 -54.51 -15.86 -38.59
N GLU G 42 -53.34 -16.36 -39.03
CA GLU G 42 -52.42 -15.69 -39.95
C GLU G 42 -51.95 -14.33 -39.44
N GLN G 43 -51.62 -14.27 -38.15
CA GLN G 43 -51.09 -13.07 -37.51
C GLN G 43 -49.87 -13.47 -36.68
N GLY G 44 -49.25 -12.48 -36.04
CA GLY G 44 -48.11 -12.75 -35.19
C GLY G 44 -48.50 -13.25 -33.82
N LEU G 45 -47.53 -13.83 -33.12
CA LEU G 45 -47.77 -14.31 -31.76
C LEU G 45 -47.84 -13.15 -30.79
N GLU G 46 -48.65 -13.32 -29.73
CA GLU G 46 -48.83 -12.32 -28.70
C GLU G 46 -48.70 -12.97 -27.33
N TRP G 47 -47.87 -12.39 -26.47
CA TRP G 47 -47.62 -12.92 -25.15
C TRP G 47 -48.71 -12.51 -24.16
N ILE G 48 -49.32 -13.49 -23.50
CA ILE G 48 -50.39 -13.23 -22.54
C ILE G 48 -49.81 -12.99 -21.15
N GLY G 49 -49.12 -13.99 -20.60
CA GLY G 49 -48.66 -13.88 -19.23
C GLY G 49 -47.60 -14.90 -18.88
N ARG G 50 -47.15 -14.81 -17.63
CA ARG G 50 -45.98 -15.51 -17.13
C ARG G 50 -46.31 -15.96 -15.72
N ILE G 51 -45.96 -17.20 -15.37
CA ILE G 51 -46.14 -17.68 -14.00
C ILE G 51 -44.85 -18.32 -13.52
N ASP G 52 -44.50 -18.08 -12.26
CA ASP G 52 -43.38 -18.72 -11.57
C ASP G 52 -43.95 -19.75 -10.61
N PRO G 53 -44.01 -21.04 -10.98
CA PRO G 53 -44.71 -22.03 -10.15
C PRO G 53 -44.09 -22.30 -8.78
N ALA G 54 -42.79 -22.06 -8.62
CA ALA G 54 -42.13 -22.31 -7.33
C ALA G 54 -42.54 -21.29 -6.28
N ASN G 55 -42.51 -20.01 -6.64
CA ASN G 55 -42.90 -18.95 -5.71
C ASN G 55 -44.39 -18.69 -5.76
N GLY G 56 -44.92 -18.45 -6.95
CA GLY G 56 -46.33 -18.16 -7.15
C GLY G 56 -46.65 -16.80 -7.75
N ASP G 57 -45.69 -15.90 -7.95
CA ASP G 57 -45.98 -14.60 -8.51
C ASP G 57 -46.10 -14.64 -10.04
N THR G 58 -46.99 -13.79 -10.58
CA THR G 58 -47.29 -13.78 -12.00
C THR G 58 -47.16 -12.37 -12.54
N LYS G 59 -46.93 -12.29 -13.85
CA LYS G 59 -46.95 -11.04 -14.59
C LYS G 59 -47.84 -11.21 -15.81
N TYR G 60 -48.47 -10.13 -16.24
CA TYR G 60 -49.37 -10.18 -17.39
C TYR G 60 -49.06 -9.05 -18.36
N ASP G 61 -49.38 -9.28 -19.62
CA ASP G 61 -49.35 -8.24 -20.63
C ASP G 61 -50.34 -7.14 -20.25
N PRO G 62 -49.97 -5.87 -20.38
CA PRO G 62 -50.91 -4.77 -20.10
C PRO G 62 -52.23 -4.83 -20.87
N LYS G 63 -52.27 -5.42 -22.07
CA LYS G 63 -53.55 -5.58 -22.75
C LYS G 63 -54.42 -6.62 -22.05
N PHE G 64 -53.81 -7.65 -21.46
CA PHE G 64 -54.54 -8.72 -20.79
C PHE G 64 -54.54 -8.58 -19.28
N GLN G 65 -54.03 -7.46 -18.75
CA GLN G 65 -53.99 -7.26 -17.31
C GLN G 65 -55.41 -7.09 -16.78
N GLY G 66 -55.80 -7.93 -15.82
CA GLY G 66 -57.13 -7.88 -15.25
C GLY G 66 -58.14 -8.73 -15.97
N LYS G 67 -57.84 -9.15 -17.20
CA LYS G 67 -58.71 -9.99 -18.01
C LYS G 67 -58.41 -11.47 -17.84
N ALA G 68 -57.13 -11.83 -17.72
CA ALA G 68 -56.71 -13.21 -17.59
C ALA G 68 -56.12 -13.45 -16.21
N THR G 69 -56.23 -14.69 -15.73
CA THR G 69 -55.66 -15.08 -14.45
C THR G 69 -55.01 -16.45 -14.60
N ILE G 70 -53.70 -16.51 -14.38
CA ILE G 70 -52.94 -17.75 -14.52
C ILE G 70 -52.68 -18.31 -13.13
N THR G 71 -52.91 -19.60 -12.94
CA THR G 71 -52.68 -20.29 -11.68
C THR G 71 -52.06 -21.65 -11.99
N THR G 72 -51.65 -22.35 -10.95
CA THR G 72 -50.97 -23.63 -11.12
C THR G 72 -51.46 -24.61 -10.06
N ASP G 73 -51.16 -25.89 -10.31
CA ASP G 73 -51.45 -26.95 -9.35
C ASP G 73 -50.33 -27.97 -9.49
N THR G 74 -49.47 -28.05 -8.47
CA THR G 74 -48.29 -28.90 -8.54
C THR G 74 -48.62 -30.37 -8.30
N PHE G 75 -49.72 -30.64 -7.58
CA PHE G 75 -50.14 -32.02 -7.33
C PHE G 75 -50.49 -32.77 -8.61
N SER G 76 -51.39 -32.20 -9.42
CA SER G 76 -51.76 -32.83 -10.68
C SER G 76 -50.82 -32.47 -11.83
N ASN G 77 -49.82 -31.64 -11.55
CA ASN G 77 -48.79 -31.20 -12.51
C ASN G 77 -49.40 -30.49 -13.72
N THR G 78 -50.26 -29.49 -13.44
CA THR G 78 -50.98 -28.76 -14.46
C THR G 78 -50.83 -27.26 -14.25
N ALA G 79 -51.10 -26.50 -15.30
CA ALA G 79 -51.11 -25.04 -15.27
C ALA G 79 -52.38 -24.56 -15.94
N TYR G 80 -53.07 -23.59 -15.33
CA TYR G 80 -54.36 -23.13 -15.82
C TYR G 80 -54.33 -21.67 -16.24
N LEU G 81 -55.12 -21.35 -17.26
CA LEU G 81 -55.33 -19.98 -17.73
C LEU G 81 -56.83 -19.75 -17.75
N GLN G 82 -57.31 -18.79 -16.97
CA GLN G 82 -58.74 -18.48 -16.88
C GLN G 82 -59.02 -17.16 -17.58
N LEU G 83 -59.88 -17.20 -18.58
CA LEU G 83 -60.32 -16.02 -19.30
C LEU G 83 -61.75 -15.68 -18.92
N SER G 84 -62.01 -14.40 -18.66
CA SER G 84 -63.33 -13.93 -18.27
C SER G 84 -63.70 -12.73 -19.12
N SER G 85 -65.02 -12.45 -19.15
CA SER G 85 -65.64 -11.35 -19.90
C SER G 85 -65.21 -11.38 -21.37
N LEU G 86 -65.58 -12.47 -22.04
CA LEU G 86 -65.13 -12.70 -23.40
C LEU G 86 -65.85 -11.79 -24.38
N THR G 87 -65.19 -11.57 -25.52
CA THR G 87 -65.74 -10.76 -26.60
C THR G 87 -65.61 -11.59 -27.87
N SER G 88 -65.86 -10.99 -29.04
CA SER G 88 -65.79 -11.67 -30.32
C SER G 88 -64.37 -11.77 -30.86
N GLU G 89 -63.47 -10.92 -30.35
CA GLU G 89 -62.07 -10.89 -30.74
C GLU G 89 -61.19 -11.85 -29.95
N ASP G 90 -61.78 -12.85 -29.31
CA ASP G 90 -61.03 -13.87 -28.57
C ASP G 90 -60.85 -15.16 -29.34
N THR G 91 -61.37 -15.25 -30.56
CA THR G 91 -61.16 -16.42 -31.41
C THR G 91 -59.70 -16.50 -31.85
N ALA G 92 -58.95 -17.41 -31.25
CA ALA G 92 -57.51 -17.49 -31.48
C ALA G 92 -57.05 -18.91 -31.16
N VAL G 93 -55.73 -19.12 -31.15
CA VAL G 93 -55.11 -20.38 -30.74
C VAL G 93 -54.20 -20.08 -29.56
N TYR G 94 -54.36 -20.83 -28.46
CA TYR G 94 -53.62 -20.57 -27.24
C TYR G 94 -52.59 -21.67 -27.01
N TYR G 95 -51.34 -21.28 -26.80
CA TYR G 95 -50.23 -22.20 -26.60
C TYR G 95 -49.67 -22.10 -25.19
N CYS G 96 -49.19 -23.23 -24.68
CA CYS G 96 -48.58 -23.34 -23.37
C CYS G 96 -47.12 -23.71 -23.56
N ALA G 97 -46.20 -22.83 -23.17
CA ALA G 97 -44.79 -23.00 -23.47
C ALA G 97 -43.95 -23.08 -22.19
N ARG G 98 -42.79 -23.72 -22.31
CA ARG G 98 -41.87 -23.93 -21.20
C ARG G 98 -40.58 -23.18 -21.47
N LYS G 99 -40.09 -22.46 -20.47
CA LYS G 99 -38.84 -21.72 -20.60
C LYS G 99 -37.65 -22.68 -20.50
N GLY G 100 -36.57 -22.35 -21.21
CA GLY G 100 -35.34 -23.10 -21.10
C GLY G 100 -34.31 -22.71 -22.13
N LEU G 101 -33.03 -22.95 -21.81
CA LEU G 101 -31.87 -22.73 -22.71
C LEU G 101 -31.81 -21.28 -23.19
N ARG G 102 -31.48 -20.40 -22.22
CA ARG G 102 -31.18 -18.98 -22.42
C ARG G 102 -32.44 -18.21 -22.85
N TRP G 103 -33.55 -18.49 -22.18
CA TRP G 103 -34.83 -17.80 -22.32
C TRP G 103 -35.36 -17.88 -23.76
N ALA G 104 -35.67 -19.11 -24.17
CA ALA G 104 -35.96 -19.37 -25.58
C ALA G 104 -37.33 -19.93 -25.86
N MET G 105 -38.04 -20.47 -24.85
CA MET G 105 -39.32 -21.18 -25.00
C MET G 105 -39.20 -22.35 -25.99
N ASP G 106 -38.41 -23.33 -25.57
CA ASP G 106 -38.02 -24.44 -26.45
C ASP G 106 -39.14 -25.45 -26.66
N TYR G 107 -39.95 -25.72 -25.63
CA TYR G 107 -41.00 -26.72 -25.73
C TYR G 107 -42.36 -26.05 -25.74
N TRP G 108 -43.18 -26.38 -26.73
CA TRP G 108 -44.51 -25.82 -26.87
C TRP G 108 -45.55 -26.93 -26.74
N GLY G 109 -46.80 -26.53 -26.57
CA GLY G 109 -47.90 -27.48 -26.51
C GLY G 109 -48.41 -27.84 -27.88
N GLN G 110 -49.65 -28.35 -27.92
CA GLN G 110 -50.32 -28.63 -29.18
C GLN G 110 -51.31 -27.54 -29.58
N GLY G 111 -51.71 -26.68 -28.66
CA GLY G 111 -52.61 -25.59 -28.94
C GLY G 111 -54.08 -25.94 -28.96
N THR G 112 -54.89 -25.15 -28.25
CA THR G 112 -56.33 -25.31 -28.23
C THR G 112 -57.02 -24.18 -28.99
N SER G 113 -58.02 -24.54 -29.78
CA SER G 113 -58.80 -23.57 -30.53
C SER G 113 -60.01 -23.13 -29.70
N VAL G 114 -60.07 -21.85 -29.37
CA VAL G 114 -61.19 -21.28 -28.62
C VAL G 114 -61.99 -20.40 -29.57
N THR G 115 -63.27 -20.73 -29.76
CA THR G 115 -64.15 -19.98 -30.64
C THR G 115 -65.33 -19.41 -29.86
N VAL G 116 -65.73 -18.20 -30.19
CA VAL G 116 -66.79 -17.48 -29.50
C VAL G 116 -67.96 -17.27 -30.47
N SER G 117 -69.12 -17.83 -30.14
CA SER G 117 -70.28 -17.72 -31.01
C SER G 117 -71.30 -16.75 -30.42
N ASN H 1 45.50 -11.35 3.75
CA ASN H 1 46.11 -12.10 4.85
C ASN H 1 46.36 -11.19 6.04
N ILE H 2 45.50 -11.31 7.05
CA ILE H 2 45.58 -10.46 8.24
C ILE H 2 46.81 -10.85 9.04
N VAL H 3 47.69 -9.88 9.28
CA VAL H 3 48.93 -10.11 10.00
C VAL H 3 48.78 -9.62 11.43
N MET H 4 49.18 -10.44 12.39
CA MET H 4 49.11 -10.09 13.80
C MET H 4 50.52 -9.81 14.30
N THR H 5 50.70 -8.63 14.89
CA THR H 5 51.99 -8.21 15.41
C THR H 5 51.93 -8.22 16.93
N GLN H 6 52.81 -8.98 17.56
CA GLN H 6 52.82 -9.17 19.00
C GLN H 6 54.01 -8.45 19.60
N SER H 7 53.81 -7.85 20.77
CA SER H 7 54.85 -7.08 21.44
C SER H 7 54.77 -7.32 22.94
N PRO H 8 55.91 -7.41 23.64
CA PRO H 8 57.29 -7.40 23.12
C PRO H 8 57.77 -8.77 22.65
N LYS H 9 58.90 -8.80 21.94
CA LYS H 9 59.47 -10.07 21.41
C LYS H 9 60.01 -10.92 22.55
N SER H 10 60.53 -10.29 23.61
CA SER H 10 61.14 -11.01 24.72
C SER H 10 61.13 -10.11 25.94
N MET H 11 60.81 -10.69 27.10
CA MET H 11 60.76 -9.91 28.31
C MET H 11 61.20 -10.79 29.48
N SER H 12 61.62 -10.13 30.55
CA SER H 12 61.98 -10.80 31.80
C SER H 12 61.25 -10.10 32.93
N MET H 13 60.95 -10.87 33.97
CA MET H 13 60.14 -10.38 35.08
C MET H 13 60.25 -11.35 36.25
N SER H 14 59.99 -10.83 37.44
CA SER H 14 60.11 -11.59 38.67
C SER H 14 58.74 -12.18 39.03
N VAL H 15 58.62 -12.69 40.23
CA VAL H 15 57.41 -13.38 40.69
C VAL H 15 56.52 -12.37 41.38
N GLY H 16 55.20 -12.52 41.22
CA GLY H 16 54.25 -11.71 41.94
C GLY H 16 54.01 -10.30 41.45
N GLU H 17 54.09 -10.06 40.15
CA GLU H 17 53.88 -8.72 39.59
C GLU H 17 52.97 -8.82 38.39
N ARG H 18 52.24 -7.74 38.13
CA ARG H 18 51.32 -7.71 37.01
C ARG H 18 52.11 -7.63 35.71
N VAL H 19 51.62 -8.31 34.66
CA VAL H 19 52.28 -8.31 33.37
C VAL H 19 51.21 -8.21 32.28
N THR H 20 51.56 -7.52 31.18
CA THR H 20 50.62 -7.28 30.09
C THR H 20 51.30 -7.56 28.76
N LEU H 21 50.64 -8.36 27.93
CA LEU H 21 51.09 -8.68 26.59
C LEU H 21 50.10 -8.08 25.60
N SER H 22 50.61 -7.65 24.45
CA SER H 22 49.76 -6.96 23.49
C SER H 22 49.83 -7.64 22.13
N CYS H 23 48.71 -7.58 21.41
CA CYS H 23 48.59 -8.12 20.07
C CYS H 23 47.85 -7.10 19.21
N LYS H 24 48.40 -6.78 18.05
CA LYS H 24 47.83 -5.77 17.17
C LYS H 24 47.59 -6.37 15.80
N ALA H 25 46.40 -6.14 15.26
CA ALA H 25 46.00 -6.65 13.96
C ALA H 25 46.05 -5.54 12.94
N SER H 26 46.38 -5.90 11.70
CA SER H 26 46.41 -4.91 10.63
C SER H 26 45.00 -4.53 10.20
N GLU H 27 44.13 -5.52 10.04
CA GLU H 27 42.75 -5.32 9.62
C GLU H 27 41.83 -5.59 10.79
N TYR H 28 40.52 -5.53 10.54
CA TYR H 28 39.53 -5.72 11.58
C TYR H 28 39.37 -7.22 11.89
N VAL H 29 39.50 -7.56 13.17
CA VAL H 29 39.13 -8.87 13.70
C VAL H 29 38.25 -8.65 14.93
N GLY H 30 36.97 -8.99 14.82
CA GLY H 30 35.94 -8.55 15.76
C GLY H 30 36.15 -8.91 17.21
N THR H 31 35.96 -10.18 17.54
CA THR H 31 36.27 -10.72 18.87
C THR H 31 36.83 -12.12 18.76
N TYR H 32 37.41 -12.47 17.62
CA TYR H 32 37.86 -13.83 17.32
C TYR H 32 39.36 -13.99 17.51
N VAL H 33 39.94 -13.33 18.50
CA VAL H 33 41.36 -13.46 18.81
C VAL H 33 41.50 -14.40 19.99
N SER H 34 42.39 -15.38 19.86
CA SER H 34 42.62 -16.37 20.89
C SER H 34 44.06 -16.35 21.33
N TRP H 35 44.29 -16.73 22.60
CA TRP H 35 45.61 -16.74 23.21
C TRP H 35 45.97 -18.17 23.58
N TYR H 36 47.09 -18.66 23.06
CA TYR H 36 47.56 -20.00 23.35
C TYR H 36 48.84 -19.94 24.16
N GLN H 37 49.05 -20.96 24.99
CA GLN H 37 50.26 -21.08 25.80
C GLN H 37 51.00 -22.36 25.42
N GLN H 38 52.32 -22.26 25.26
CA GLN H 38 53.14 -23.40 24.85
C GLN H 38 54.37 -23.48 25.73
N LYS H 39 54.43 -24.49 26.58
CA LYS H 39 55.62 -24.78 27.37
C LYS H 39 56.64 -25.53 26.50
N PRO H 40 57.93 -25.52 26.87
CA PRO H 40 58.94 -26.20 26.05
C PRO H 40 58.71 -27.70 25.98
N GLU H 41 58.80 -28.24 24.75
CA GLU H 41 58.67 -29.67 24.43
C GLU H 41 57.27 -30.17 24.80
N GLN H 42 56.26 -29.35 24.51
CA GLN H 42 54.86 -29.70 24.73
C GLN H 42 54.02 -29.08 23.63
N SER H 43 52.78 -29.55 23.51
CA SER H 43 51.83 -29.02 22.55
C SER H 43 51.14 -27.77 23.10
N PRO H 44 50.76 -26.82 22.23
CA PRO H 44 50.12 -25.59 22.72
C PRO H 44 48.78 -25.86 23.40
N LYS H 45 48.46 -25.03 24.38
CA LYS H 45 47.21 -25.13 25.13
C LYS H 45 46.37 -23.88 24.95
N LEU H 46 45.09 -24.05 24.63
CA LEU H 46 44.19 -22.91 24.49
C LEU H 46 43.93 -22.31 25.86
N LEU H 47 44.26 -21.02 26.02
CA LEU H 47 43.99 -20.31 27.27
C LEU H 47 42.68 -19.50 27.21
N ILE H 48 42.56 -18.63 26.21
CA ILE H 48 41.47 -17.69 26.11
C ILE H 48 40.84 -17.87 24.73
N TYR H 49 39.61 -18.38 24.69
CA TYR H 49 38.88 -18.52 23.44
C TYR H 49 37.97 -17.30 23.30
N GLY H 50 37.95 -16.70 22.12
CA GLY H 50 37.30 -15.40 21.98
C GLY H 50 37.96 -14.29 22.76
N ALA H 51 37.52 -13.05 22.57
CA ALA H 51 38.05 -11.97 23.38
C ALA H 51 37.36 -11.95 24.74
N SER H 52 38.17 -12.13 25.80
CA SER H 52 37.74 -12.11 27.21
C SER H 52 36.71 -13.20 27.54
N ASN H 53 37.12 -14.46 27.37
CA ASN H 53 36.38 -15.63 27.85
C ASN H 53 37.41 -16.68 28.22
N ARG H 54 37.41 -17.12 29.47
CA ARG H 54 38.38 -18.11 29.93
C ARG H 54 37.92 -19.52 29.57
N TYR H 55 38.89 -20.34 29.18
CA TYR H 55 38.63 -21.74 28.86
C TYR H 55 38.48 -22.56 30.13
N THR H 56 37.86 -23.74 29.98
CA THR H 56 37.65 -24.64 31.10
C THR H 56 38.96 -25.23 31.57
N GLY H 57 39.34 -24.94 32.82
CA GLY H 57 40.57 -25.44 33.38
C GLY H 57 41.70 -24.43 33.47
N VAL H 58 41.41 -23.16 33.22
CA VAL H 58 42.41 -22.09 33.30
C VAL H 58 42.25 -21.38 34.64
N PRO H 59 43.34 -21.11 35.37
CA PRO H 59 43.22 -20.36 36.63
C PRO H 59 42.66 -18.96 36.45
N ASP H 60 42.24 -18.37 37.55
CA ASP H 60 41.58 -17.07 37.55
C ASP H 60 42.55 -15.90 37.52
N ARG H 61 43.83 -16.12 37.22
CA ARG H 61 44.78 -15.01 37.13
C ARG H 61 44.96 -14.52 35.71
N PHE H 62 44.62 -15.32 34.71
CA PHE H 62 44.63 -14.89 33.32
C PHE H 62 43.30 -14.21 33.02
N THR H 63 43.37 -13.06 32.34
CA THR H 63 42.19 -12.34 31.88
C THR H 63 42.56 -11.56 30.62
N GLY H 64 41.66 -11.56 29.65
CA GLY H 64 41.88 -10.92 28.38
C GLY H 64 41.02 -9.68 28.21
N SER H 65 41.45 -8.75 27.35
CA SER H 65 40.68 -7.55 27.10
C SER H 65 40.67 -7.30 25.60
N GLY H 66 39.47 -7.15 25.03
CA GLY H 66 39.30 -7.12 23.59
C GLY H 66 38.77 -5.79 23.09
N SER H 67 38.88 -5.62 21.78
CA SER H 67 38.40 -4.44 21.07
C SER H 67 38.22 -4.83 19.61
N ALA H 68 38.11 -3.84 18.73
CA ALA H 68 38.05 -4.13 17.30
C ALA H 68 39.42 -4.45 16.73
N THR H 69 40.48 -3.80 17.22
CA THR H 69 41.79 -4.03 16.63
C THR H 69 42.89 -4.28 17.67
N ASP H 70 42.73 -3.77 18.87
CA ASP H 70 43.76 -3.85 19.91
C ASP H 70 43.35 -4.85 20.99
N PHE H 71 44.25 -5.76 21.34
CA PHE H 71 43.93 -6.81 22.31
C PHE H 71 45.06 -6.96 23.30
N THR H 72 44.72 -7.24 24.56
CA THR H 72 45.68 -7.40 25.65
C THR H 72 45.37 -8.66 26.44
N LEU H 73 46.42 -9.26 26.99
CA LEU H 73 46.29 -10.38 27.93
C LEU H 73 47.08 -10.02 29.18
N THR H 74 46.40 -9.98 30.33
CA THR H 74 47.00 -9.58 31.59
C THR H 74 46.96 -10.72 32.59
N ILE H 75 48.08 -10.96 33.26
CA ILE H 75 48.18 -11.93 34.34
C ILE H 75 48.43 -11.17 35.63
N GLY H 76 47.82 -11.63 36.73
CA GLY H 76 47.95 -10.97 38.01
C GLY H 76 49.09 -11.53 38.83
N SER H 77 48.76 -12.27 39.88
CA SER H 77 49.76 -12.95 40.70
C SER H 77 50.38 -14.06 39.89
N VAL H 78 51.55 -13.80 39.31
CA VAL H 78 52.23 -14.74 38.43
C VAL H 78 53.07 -15.73 39.24
N GLN H 79 52.83 -17.01 39.02
CA GLN H 79 53.59 -18.04 39.72
C GLN H 79 54.82 -18.41 38.88
N ALA H 80 55.47 -19.52 39.23
CA ALA H 80 56.72 -19.92 38.58
C ALA H 80 56.54 -20.87 37.40
N GLU H 81 55.30 -21.23 37.05
CA GLU H 81 55.04 -22.10 35.90
C GLU H 81 54.64 -21.37 34.63
N ASP H 82 54.61 -20.04 34.64
CA ASP H 82 54.26 -19.27 33.45
C ASP H 82 55.47 -18.91 32.61
N LEU H 83 56.58 -19.64 32.74
CA LEU H 83 57.76 -19.44 31.90
C LEU H 83 57.58 -20.24 30.61
N ALA H 84 56.87 -19.63 29.66
CA ALA H 84 56.51 -20.32 28.43
C ALA H 84 56.28 -19.27 27.34
N ASP H 85 55.90 -19.74 26.16
CA ASP H 85 55.56 -18.85 25.04
C ASP H 85 54.07 -18.63 24.97
N TYR H 86 53.69 -17.45 24.48
CA TYR H 86 52.29 -17.08 24.37
C TYR H 86 52.06 -16.51 22.96
N HIS H 87 51.14 -17.13 22.23
CA HIS H 87 50.84 -16.73 20.87
C HIS H 87 49.42 -16.18 20.80
N CYS H 88 49.22 -15.14 20.00
CA CYS H 88 47.88 -14.65 19.70
C CYS H 88 47.54 -15.01 18.26
N GLY H 89 46.31 -15.45 18.03
CA GLY H 89 45.87 -15.80 16.71
C GLY H 89 44.45 -15.37 16.41
N GLN H 90 44.20 -14.94 15.18
CA GLN H 90 42.88 -14.48 14.77
C GLN H 90 42.16 -15.57 14.00
N SER H 91 40.82 -15.56 14.07
CA SER H 91 40.02 -16.55 13.36
C SER H 91 38.89 -15.90 12.57
N TYR H 92 38.92 -14.56 12.41
CA TYR H 92 37.93 -13.86 11.60
C TYR H 92 38.03 -14.27 10.13
N SER H 93 39.25 -14.47 9.65
CA SER H 93 39.55 -14.97 8.33
C SER H 93 40.28 -16.29 8.53
N TYR H 94 40.90 -16.79 7.46
CA TYR H 94 41.80 -17.94 7.58
C TYR H 94 42.88 -17.66 8.62
N PRO H 95 43.09 -18.57 9.59
CA PRO H 95 43.85 -18.22 10.79
C PRO H 95 45.32 -17.93 10.54
N THR H 96 45.82 -16.85 11.15
CA THR H 96 47.23 -16.50 11.19
C THR H 96 47.64 -16.22 12.63
N PHE H 97 48.83 -16.67 13.01
CA PHE H 97 49.30 -16.51 14.38
C PHE H 97 50.34 -15.40 14.47
N GLY H 98 50.66 -15.03 15.71
CA GLY H 98 51.69 -14.05 15.98
C GLY H 98 53.07 -14.70 16.06
N ALA H 99 54.07 -13.85 16.34
CA ALA H 99 55.44 -14.34 16.39
C ALA H 99 55.77 -15.05 17.70
N GLY H 100 55.10 -14.70 18.78
CA GLY H 100 55.34 -15.33 20.06
C GLY H 100 56.05 -14.40 21.03
N THR H 101 55.88 -14.66 22.32
CA THR H 101 56.53 -13.89 23.38
C THR H 101 57.04 -14.84 24.44
N LYS H 102 58.34 -14.79 24.72
CA LYS H 102 59.00 -15.66 25.70
C LYS H 102 59.11 -14.92 27.04
N LEU H 103 58.32 -15.36 28.01
CA LEU H 103 58.46 -14.87 29.38
C LEU H 103 59.60 -15.59 30.08
N GLU H 104 60.38 -14.83 30.85
CA GLU H 104 61.54 -15.36 31.56
C GLU H 104 61.54 -14.85 32.99
N LEU H 105 62.42 -15.42 33.80
CA LEU H 105 62.49 -15.11 35.23
C LEU H 105 63.86 -14.53 35.55
N LYS H 106 63.89 -13.26 35.92
CA LYS H 106 65.12 -12.59 36.34
C LYS H 106 64.86 -11.70 37.55
N VAL I 2 38.23 -35.08 22.20
CA VAL I 2 38.66 -35.54 23.51
C VAL I 2 40.15 -35.80 23.50
N GLN I 3 40.62 -36.50 22.47
CA GLN I 3 42.04 -36.79 22.34
C GLN I 3 42.36 -36.97 20.85
N LEU I 4 43.51 -36.44 20.44
CA LEU I 4 44.04 -36.64 19.10
C LEU I 4 45.43 -37.25 19.19
N GLN I 5 45.65 -38.31 18.43
CA GLN I 5 46.92 -39.05 18.45
C GLN I 5 47.53 -38.99 17.06
N GLN I 6 48.77 -38.55 17.00
CA GLN I 6 49.52 -38.48 15.75
C GLN I 6 50.53 -39.60 15.69
N SER I 7 51.17 -39.73 14.53
CA SER I 7 52.13 -40.78 14.29
C SER I 7 53.52 -40.35 14.78
N GLY I 8 54.50 -41.23 14.60
CA GLY I 8 55.84 -40.96 15.04
C GLY I 8 56.59 -40.07 14.08
N ALA I 9 57.82 -39.73 14.46
CA ALA I 9 58.65 -38.86 13.64
C ALA I 9 59.02 -39.55 12.33
N GLU I 10 59.28 -38.74 11.30
CA GLU I 10 59.64 -39.26 9.99
C GLU I 10 61.02 -38.77 9.60
N LEU I 11 61.77 -39.63 8.92
CA LEU I 11 63.12 -39.32 8.44
C LEU I 11 63.20 -39.65 6.95
N VAL I 12 63.02 -38.64 6.09
CA VAL I 12 62.95 -38.85 4.65
C VAL I 12 64.10 -38.05 4.01
N LYS I 13 64.33 -38.31 2.72
CA LYS I 13 65.30 -37.76 1.78
C LYS I 13 64.67 -36.68 0.91
N PRO I 14 65.38 -35.58 0.70
CA PRO I 14 64.85 -34.47 -0.12
C PRO I 14 64.56 -34.87 -1.55
N GLY I 15 63.30 -34.73 -1.95
CA GLY I 15 62.84 -35.10 -3.27
C GLY I 15 61.74 -36.15 -3.29
N ALA I 16 61.39 -36.72 -2.14
CA ALA I 16 60.35 -37.73 -2.03
C ALA I 16 59.07 -37.10 -1.51
N SER I 17 58.09 -37.94 -1.20
CA SER I 17 56.82 -37.50 -0.65
C SER I 17 56.61 -38.17 0.70
N VAL I 18 55.95 -37.44 1.61
CA VAL I 18 55.69 -37.92 2.97
C VAL I 18 54.18 -37.87 3.17
N LYS I 19 53.66 -38.78 4.02
CA LYS I 19 52.26 -38.82 4.36
C LYS I 19 52.12 -38.95 5.87
N LEU I 20 51.56 -37.92 6.50
CA LEU I 20 51.33 -37.91 7.94
C LEU I 20 49.86 -38.15 8.23
N SER I 21 49.58 -38.78 9.37
CA SER I 21 48.21 -39.13 9.74
C SER I 21 47.89 -38.57 11.12
N CYS I 22 46.60 -38.31 11.34
CA CYS I 22 46.10 -37.79 12.61
C CYS I 22 44.77 -38.48 12.88
N THR I 23 44.73 -39.36 13.89
CA THR I 23 43.54 -40.14 14.21
C THR I 23 42.84 -39.55 15.43
N ALA I 24 41.53 -39.38 15.32
CA ALA I 24 40.73 -38.79 16.38
C ALA I 24 40.01 -39.87 17.17
N SER I 25 40.03 -39.73 18.50
CA SER I 25 39.38 -40.66 19.40
C SER I 25 38.55 -39.86 20.39
N GLY I 26 37.26 -40.18 20.48
CA GLY I 26 36.35 -39.50 21.39
C GLY I 26 35.27 -38.66 20.75
N PHE I 27 35.28 -38.52 19.42
CA PHE I 27 34.27 -37.74 18.72
C PHE I 27 34.27 -38.12 17.25
N ASN I 28 33.20 -37.73 16.55
CA ASN I 28 33.10 -37.94 15.12
C ASN I 28 33.61 -36.71 14.39
N ILE I 29 34.54 -36.93 13.46
CA ILE I 29 35.20 -35.86 12.73
C ILE I 29 34.32 -35.17 11.70
N LYS I 30 33.12 -35.69 11.42
CA LYS I 30 32.22 -35.02 10.50
C LYS I 30 31.52 -33.80 11.09
N ASP I 31 31.77 -33.47 12.36
CA ASP I 31 31.10 -32.37 13.01
C ASP I 31 31.92 -31.09 13.10
N THR I 32 33.23 -31.16 12.96
CA THR I 32 34.11 -30.00 13.10
C THR I 32 35.04 -29.90 11.91
N TYR I 33 35.91 -28.90 11.94
CA TYR I 33 36.99 -28.77 10.97
C TYR I 33 38.28 -29.34 11.55
N MET I 34 39.22 -29.65 10.67
CA MET I 34 40.53 -30.15 11.06
C MET I 34 41.60 -29.25 10.47
N TYR I 35 42.50 -28.76 11.33
CA TYR I 35 43.53 -27.83 10.93
C TYR I 35 44.89 -28.50 11.03
N TRP I 36 45.79 -28.13 10.12
CA TRP I 36 47.18 -28.55 10.16
C TRP I 36 48.05 -27.32 10.34
N VAL I 37 48.95 -27.36 11.32
CA VAL I 37 49.83 -26.25 11.65
C VAL I 37 51.25 -26.78 11.66
N LYS I 38 52.20 -25.93 11.27
CA LYS I 38 53.62 -26.26 11.33
C LYS I 38 54.33 -25.27 12.23
N GLN I 39 55.40 -25.73 12.87
CA GLN I 39 56.18 -24.88 13.78
C GLN I 39 57.65 -25.22 13.61
N ARG I 40 58.42 -24.26 13.11
CA ARG I 40 59.85 -24.43 12.95
C ARG I 40 60.54 -24.29 14.31
N PRO I 41 61.75 -24.83 14.47
CA PRO I 41 62.48 -24.66 15.74
C PRO I 41 62.77 -23.19 16.04
N GLU I 42 62.21 -22.72 17.16
CA GLU I 42 62.35 -21.35 17.68
C GLU I 42 61.85 -20.33 16.67
N GLN I 43 60.55 -20.39 16.39
CA GLN I 43 59.84 -19.47 15.51
C GLN I 43 58.35 -19.56 15.84
N GLY I 44 57.53 -18.89 15.05
CA GLY I 44 56.11 -18.85 15.29
C GLY I 44 55.35 -19.88 14.44
N LEU I 45 54.09 -20.09 14.83
CA LEU I 45 53.26 -21.06 14.15
C LEU I 45 52.90 -20.59 12.75
N GLU I 46 52.62 -21.55 11.87
CA GLU I 46 52.26 -21.24 10.49
C GLU I 46 51.15 -22.18 10.05
N TRP I 47 50.04 -21.61 9.57
CA TRP I 47 48.88 -22.39 9.17
C TRP I 47 49.04 -22.94 7.76
N ILE I 48 48.89 -24.26 7.62
CA ILE I 48 49.02 -24.92 6.32
C ILE I 48 47.69 -24.90 5.57
N GLY I 49 46.67 -25.52 6.15
CA GLY I 49 45.36 -25.57 5.51
C GLY I 49 44.37 -26.28 6.40
N ARG I 50 43.12 -26.28 5.96
CA ARG I 50 42.05 -26.94 6.69
C ARG I 50 41.17 -27.70 5.72
N ILE I 51 40.44 -28.68 6.25
CA ILE I 51 39.53 -29.48 5.44
C ILE I 51 38.22 -29.64 6.21
N ASP I 52 37.10 -29.61 5.48
CA ASP I 52 35.77 -29.87 6.01
C ASP I 52 35.41 -31.31 5.68
N PRO I 53 35.54 -32.25 6.64
CA PRO I 53 35.38 -33.67 6.33
C PRO I 53 33.98 -34.08 5.88
N ALA I 54 32.95 -33.34 6.31
CA ALA I 54 31.59 -33.68 5.90
C ALA I 54 31.31 -33.36 4.44
N ASN I 55 32.12 -32.50 3.81
CA ASN I 55 31.93 -32.10 2.43
C ASN I 55 33.09 -32.47 1.52
N GLY I 56 34.32 -32.25 1.95
CA GLY I 56 35.49 -32.44 1.11
C GLY I 56 36.13 -31.16 0.64
N ASP I 57 35.52 -30.02 0.91
CA ASP I 57 36.06 -28.72 0.52
C ASP I 57 37.35 -28.46 1.28
N THR I 58 38.39 -28.03 0.57
CA THR I 58 39.69 -27.74 1.16
C THR I 58 40.13 -26.34 0.81
N LYS I 59 40.83 -25.70 1.75
CA LYS I 59 41.46 -24.41 1.52
C LYS I 59 42.90 -24.51 1.98
N TYR I 60 43.79 -23.79 1.30
CA TYR I 60 45.21 -23.85 1.60
C TYR I 60 45.79 -22.46 1.73
N ASP I 61 46.96 -22.41 2.37
CA ASP I 61 47.74 -21.19 2.45
C ASP I 61 48.33 -20.91 1.06
N PRO I 62 48.36 -19.65 0.61
CA PRO I 62 48.95 -19.34 -0.71
C PRO I 62 50.40 -19.80 -0.89
N LYS I 63 51.19 -19.82 0.18
CA LYS I 63 52.55 -20.34 0.11
C LYS I 63 52.61 -21.86 0.27
N PHE I 64 51.46 -22.53 0.32
CA PHE I 64 51.41 -23.99 0.40
C PHE I 64 50.50 -24.60 -0.64
N GLN I 65 49.86 -23.79 -1.48
CA GLN I 65 48.97 -24.29 -2.53
C GLN I 65 49.78 -25.06 -3.58
N GLY I 66 49.38 -26.31 -3.83
CA GLY I 66 50.05 -27.15 -4.77
C GLY I 66 51.09 -28.06 -4.14
N LYS I 67 51.70 -27.64 -3.03
CA LYS I 67 52.71 -28.44 -2.37
C LYS I 67 52.06 -29.51 -1.49
N ALA I 68 51.23 -29.10 -0.54
CA ALA I 68 50.58 -30.00 0.38
C ALA I 68 49.15 -30.30 -0.07
N THR I 69 48.66 -31.48 0.29
CA THR I 69 47.29 -31.87 -0.01
C THR I 69 46.71 -32.62 1.18
N ILE I 70 45.53 -32.22 1.63
CA ILE I 70 44.91 -32.78 2.83
C ILE I 70 43.68 -33.58 2.42
N THR I 71 43.63 -34.85 2.82
CA THR I 71 42.50 -35.72 2.56
C THR I 71 42.02 -36.31 3.88
N THR I 72 40.88 -36.98 3.86
CA THR I 72 40.28 -37.54 5.05
C THR I 72 39.72 -38.92 4.75
N ASP I 73 39.73 -39.78 5.77
CA ASP I 73 39.15 -41.11 5.73
C ASP I 73 38.16 -41.19 6.88
N THR I 74 36.87 -41.26 6.55
CA THR I 74 35.80 -41.15 7.53
C THR I 74 35.63 -42.47 8.29
N PHE I 75 35.80 -43.60 7.60
CA PHE I 75 35.54 -44.92 8.17
C PHE I 75 36.46 -45.24 9.35
N SER I 76 37.63 -44.63 9.42
CA SER I 76 38.55 -44.87 10.53
C SER I 76 38.87 -43.61 11.32
N ASN I 77 38.21 -42.49 11.00
CA ASN I 77 38.37 -41.18 11.64
C ASN I 77 39.83 -40.72 11.60
N THR I 78 40.34 -40.52 10.40
CA THR I 78 41.74 -40.17 10.21
C THR I 78 41.83 -39.02 9.21
N ALA I 79 42.74 -38.09 9.44
CA ALA I 79 43.02 -37.00 8.52
C ALA I 79 44.47 -37.12 8.07
N TYR I 80 44.69 -37.02 6.77
CA TYR I 80 46.01 -37.22 6.18
C TYR I 80 46.54 -35.92 5.58
N LEU I 81 47.84 -35.70 5.76
CA LEU I 81 48.53 -34.56 5.15
C LEU I 81 49.69 -35.12 4.34
N GLN I 82 49.68 -34.84 3.04
CA GLN I 82 50.71 -35.32 2.13
C GLN I 82 51.46 -34.13 1.55
N LEU I 83 52.78 -34.13 1.72
CA LEU I 83 53.66 -33.12 1.13
C LEU I 83 54.33 -33.72 -0.10
N SER I 84 54.26 -32.99 -1.21
CA SER I 84 54.60 -33.59 -2.50
C SER I 84 56.11 -33.64 -2.73
N SER I 85 56.75 -32.47 -2.77
CA SER I 85 58.20 -32.39 -3.03
C SER I 85 58.79 -31.41 -2.03
N LEU I 86 59.34 -31.93 -0.95
CA LEU I 86 59.82 -31.12 0.16
C LEU I 86 61.33 -30.92 0.07
N THR I 87 61.76 -29.67 0.22
CA THR I 87 63.15 -29.29 0.09
C THR I 87 63.86 -29.36 1.44
N SER I 88 65.05 -28.76 1.54
CA SER I 88 65.90 -28.89 2.72
C SER I 88 65.67 -27.80 3.76
N GLU I 89 64.48 -27.20 3.83
CA GLU I 89 64.21 -26.20 4.85
C GLU I 89 62.98 -26.47 5.71
N ASP I 90 62.03 -27.28 5.25
CA ASP I 90 60.81 -27.58 6.01
C ASP I 90 61.00 -28.77 6.94
N THR I 91 62.00 -28.64 7.82
CA THR I 91 62.23 -29.59 8.90
C THR I 91 61.64 -28.94 10.14
N ALA I 92 60.36 -29.23 10.40
CA ALA I 92 59.63 -28.58 11.48
C ALA I 92 58.82 -29.64 12.21
N VAL I 93 57.96 -29.18 13.12
CA VAL I 93 57.00 -30.02 13.82
C VAL I 93 55.61 -29.72 13.28
N TYR I 94 54.86 -30.76 12.94
CA TYR I 94 53.56 -30.61 12.30
C TYR I 94 52.46 -31.01 13.27
N TYR I 95 51.60 -30.06 13.62
CA TYR I 95 50.50 -30.29 14.55
C TYR I 95 49.18 -30.43 13.83
N CYS I 96 48.31 -31.27 14.38
CA CYS I 96 46.95 -31.50 13.91
C CYS I 96 45.98 -30.98 14.96
N ALA I 97 45.08 -30.08 14.56
CA ALA I 97 44.17 -29.43 15.50
C ALA I 97 42.73 -29.52 14.99
N ARG I 98 41.79 -29.24 15.89
CA ARG I 98 40.36 -29.20 15.59
C ARG I 98 39.78 -27.89 16.10
N LYS I 99 38.71 -27.45 15.46
CA LYS I 99 38.09 -26.19 15.84
C LYS I 99 37.31 -26.34 17.14
N GLY I 100 37.21 -25.24 17.89
CA GLY I 100 36.61 -25.28 19.21
C GLY I 100 35.37 -24.44 19.34
N LEU I 101 35.28 -23.64 20.40
CA LEU I 101 34.03 -22.92 20.67
C LEU I 101 33.91 -21.65 19.83
N ARG I 102 34.77 -20.68 20.06
CA ARG I 102 34.75 -19.43 19.29
C ARG I 102 35.78 -19.47 18.17
N TRP I 103 35.67 -20.51 17.34
CA TRP I 103 36.53 -20.78 16.19
C TRP I 103 38.01 -20.86 16.55
N ALA I 104 38.32 -21.24 17.79
CA ALA I 104 39.67 -21.45 18.25
C ALA I 104 40.05 -22.93 18.14
N MET I 105 41.35 -23.21 18.25
CA MET I 105 41.85 -24.58 18.18
C MET I 105 42.03 -25.10 19.60
N ASP I 106 41.00 -25.76 20.13
CA ASP I 106 41.02 -26.15 21.54
C ASP I 106 41.83 -27.40 21.81
N TYR I 107 41.86 -28.35 20.88
CA TYR I 107 42.61 -29.58 21.04
C TYR I 107 43.65 -29.69 19.94
N TRP I 108 44.89 -29.96 20.34
CA TRP I 108 46.00 -30.11 19.43
C TRP I 108 46.53 -31.54 19.55
N GLY I 109 47.30 -31.96 18.55
CA GLY I 109 47.86 -33.29 18.58
C GLY I 109 49.06 -33.42 19.50
N GLN I 110 50.07 -34.19 19.08
CA GLN I 110 51.28 -34.37 19.86
C GLN I 110 52.53 -34.01 19.08
N GLY I 111 52.42 -33.70 17.79
CA GLY I 111 53.54 -33.29 16.99
C GLY I 111 54.24 -34.42 16.28
N THR I 112 54.60 -34.19 15.02
CA THR I 112 55.37 -35.12 14.20
C THR I 112 56.52 -34.34 13.59
N SER I 113 57.73 -34.65 14.02
CA SER I 113 58.91 -33.90 13.59
C SER I 113 59.52 -34.63 12.41
N VAL I 114 59.26 -34.12 11.21
CA VAL I 114 59.90 -34.67 10.02
C VAL I 114 61.29 -34.07 9.91
N THR I 115 62.21 -34.83 9.30
CA THR I 115 63.60 -34.39 9.16
C THR I 115 64.08 -34.79 7.78
N VAL I 116 64.63 -33.84 7.04
CA VAL I 116 65.18 -34.08 5.71
C VAL I 116 66.69 -33.90 5.75
N SER I 117 67.41 -34.92 5.27
CA SER I 117 68.86 -34.96 5.24
C SER I 117 69.26 -36.08 4.29
N THR I 118 70.57 -36.25 4.10
CA THR I 118 71.07 -37.29 3.20
C THR I 118 71.77 -38.39 3.99
#